data_9F60
#
_entry.id   9F60
#
_cell.length_a   1.00
_cell.length_b   1.00
_cell.length_c   1.00
_cell.angle_alpha   90.00
_cell.angle_beta   90.00
_cell.angle_gamma   90.00
#
_symmetry.space_group_name_H-M   'P 1'
#
loop_
_entity.id
_entity.type
_entity.pdbx_description
1 polymer 'Cytochrome c oxidase subunit 1'
2 polymer 'Cytochrome c oxidase polypeptide II'
3 polymer 'cytochrome-c oxidase'
4 polymer 'Cytochrome c oxidase subunit 3'
5 polymer Cox5b
6 polymer Cox5c
7 polymer Cox6a
8 polymer Cox6b
9 polymer Cox7c
10 polymer 'Cytochrome c oxidase subunit'
11 polymer Cox7a
12 polymer CoxIn
13 non-polymer HEME-A
14 non-polymer 'COPPER (II) ION'
15 non-polymer 'MAGNESIUM ION'
16 non-polymer '(7S)-4-HYDROXY-N,N,N-TRIMETHYL-9-OXO-7-[(PALMITOYLOXY)METHYL]-3,5,8-TRIOXA-4-PHOSPHAHEXACOSAN-1-AMINIUM 4-OXIDE'
17 non-polymer '(1S)-2-{[{[(2R)-2,3-DIHYDROXYPROPYL]OXY}(HYDROXY)PHOSPHORYL]OXY}-1-[(PALMITOYLOXY)METHYL]ETHYL STEARATE'
18 non-polymer 'DINUCLEAR COPPER ION'
19 non-polymer PHOSPHATIDYLETHANOLAMINE
20 non-polymer 1,2-DIACYL-GLYCEROL-3-SN-PHOSPHATE
#
loop_
_entity_poly.entity_id
_entity_poly.type
_entity_poly.pdbx_seq_one_letter_code
_entity_poly.pdbx_strand_id
1 'polypeptide(L)'
;MRWLYSTSHKDIGLLYLVFAFFGGLLGTSLSMLIRYELALPGRGLLDGNGQLYNVIITGHGIIMLLFMVMPALFGGFGNW
LLPIMIGAPDMAFPRLNNISFWLNPPALALLLLSTLVEQGPGTGWTAYPPLSVQHSGTSVDLAILSLHLNGLSSILGAVN
MLVTVAGLRAPGMKLLHMPLFVWAIALTAVLVILAVPVLAAALVMLLTDRNINTAYFCESGDLILYQHLFWFFGHPEVYI
LILPAFGIVSQVVSFFSQKPVFGLTGMICAMGAISLLGFIVWAHHMFTVGLDLDTVAYFTSATMIIAVPTGMKIFSWMAT
IYSGRVWFTTPMWFAVGFICLFTLGGVTGVVLANAGVDMLVHDTYYVVAHFHYVLSMGAVFGIFAGVYFWGNLITGLGYH
EGRAMVHFWLLFIGVNLTFFPQHFLGLAGMPRRMFDYADCFAGWNAVSSFGASISFISVIVFATTFQEAVRTVPRTATTL
EWVLLATPAHHALSQVPVLRTASSH
;
2A
2 'polypeptide(L)'
;MLRQSGLSANKLFCSNLLQSQQKEGNKLVWNAMLFSSKAEGSAVQQVVASEGVAQAVPQFSSEAAAALAAKRRGLIGSGM
SLAPSKPFAARGLTSAAKPAAAAAAGAAEAAQPADKYAGLKKVLKAAAALAAALGLTTTTAAADSPQPWQLLFQDTATST
AQAMIDLHHDIFFFLITVVTLVFYMMFQIITKFHYSKVLKPEKLTHHTTMEVIWTIIPTLIVVMIAIPSLTLIYSLDQHT
ERPGLTVKIIGRQWYWSYEMHDHLQHKLLDPDRLVGIAEKALVK
;
2B
3 'polypeptide(L)'
;MSESKDQLKEKLKADPSFRAELKDRIKNALLSKVPASVPISYNFDSYMLTEVQPGQLRVLEVDERLVLPTNTLIRLLVTA
SDVLHSWAVPALGVKMDAVPGRLNQVWMSINREGVFYGQCSELCGANHSFMPIVVEAISPRQFLTEYVKKWIS
;
2C
4 'polypeptide(L)'
;MRSQLLRFLTRAPAGFSQEGLQALRAGLTSGEASGLLQSSAFGRQNESAAPRGLGFGKMALPLSFQGHLMSTLASANGDD
KKEPTTGALAQQPQVPNALAALPPRGTRTMGSHAAGHQTAKEFYMEHIGKRHPFHVLPPSPWPMLAGWGTYVSCLGMAAW
FHNMPTGGALMAFGMANIAWTAITWWRDCAIEGDMGMHTEVVRKNFISGMWAFIVSEALLFVGLLWACLHLGMSPSVALQ
MQWPPVGIEPIGWDKRALVMSAVLAASYYSANVAMVAKDPKVVMGALATTIGLGAMFLADQYLEYNETPFTITDSPYGTT
FFVTTGFHGMHVLLGSLYLTAALMMYKRTHNAGAALKSSILYWHFVDIVWIAVYGIIYVGQY
;
2D
5 'polypeptide(L)'
;MNRLGALSGLLARAARTCSRRWATAASGVPAELSAVGIVGQEFAAQARSLHTSLTTCQGAPAEAKPSALSAEPPRKYRPL
GDKELWHEAWMYEDKFGTEEDPIIVPSLEAERIIGVTDPEDETLVVWGILKDGEPPRQFVENGEFYVLKHVEYIKKVGDV
LEAIEGGADKAKIAK
;
2E
6 'polypeptide(L)'
;MSQAPATAASKAVYAPSEYFKYGEGASKHFGFAKHVAIAMTVGLGLSFAWKTWHWNEKRYIAQYYADMARREAREDAARK
SALADKYKQLEEELLS
;
2F
7 'polypeptide(L)'
;MQALRRAVSTAMPGFRRASTTAGETIDKYWAPYFPKPAVTADEAKKSVNKEMVGFMLLGPVGVAFMLYDFAVGLEEEHHV
TIPPYPWMRIRRLPGMPWGQDGLFEGHPRVATTWPPEEGAADSHH
;
2G
8 'polypeptide(L)'
;MGLFNYFVARADAEVVEEEHAPPPPPPPPKKSSRKPTLESLSADELEELKNEVVSEVVDKIAGEDGTKLADFLEPELITA
PYDPRFPNRNQARHCFVRFNEYYKCLYERGEEHPRCQFYQKAYQSLCPSEWVESWQELREKGLWTGKY
;
2H
9 'polypeptide(L)'
;MSSALRRLSQQAPRLTRGLKTGNVTKGGAEKYSHEEVVYGDGHHGLRKGYTYDFEHGPHYLQPEKIPNFWSKFYAGTGAL
YAVGLGVPLFAVWWQQSKLKA
;
2I
10 'polypeptide(L)'
;MARAQIERWAAEHPTAPRVGRIFEVPLGYVVPRVAAGIAAAGCLWYMNNTFLQTYRPESLSKEFLEEQAKIGEVAQRMNA
PPVYLNPFTNRIPGSILGPEDAKPE
;
2J
11 'polypeptide(L)' MFPSRALKAAADSYKATDFTNPKYNYFFRELTARVQGVLLTGGSLYGTWLVVFGEAQR 2K
12 'polypeptide(L)'
;MPLPFKLPLDAYILMLPITYASAAFVAMCCRVPTADPETSSIAYYEDEQKSAAAAQRYDNSFKQFFDARIRNHKVGVFQN
WMPNSPQ
;
2L
#
loop_
_chem_comp.id
_chem_comp.type
_chem_comp.name
_chem_comp.formula
3PH non-polymer 1,2-DIACYL-GLYCEROL-3-SN-PHOSPHATE 'C39 H77 O8 P'
CU non-polymer 'COPPER (II) ION' 'Cu 2'
CUA non-polymer 'DINUCLEAR COPPER ION' Cu2
HEA non-polymer HEME-A 'C49 H56 Fe N4 O6'
MG non-polymer 'MAGNESIUM ION' 'Mg 2'
PC7 non-polymer '(7S)-4-HYDROXY-N,N,N-TRIMETHYL-9-OXO-7-[(PALMITOYLOXY)METHYL]-3,5,8-TRIOXA-4-PHOSPHAHEXACOSAN-1-AMINIUM 4-OXIDE' 'C42 H85 N O8 P 1'
PGT non-polymer '(1S)-2-{[{[(2R)-2,3-DIHYDROXYPROPYL]OXY}(HYDROXY)PHOSPHORYL]OXY}-1-[(PALMITOYLOXY)METHYL]ETHYL STEARATE' 'C40 H79 O10 P'
PTY non-polymer PHOSPHATIDYLETHANOLAMINE 'C40 H80 N O8 P'
#
# COMPACT_ATOMS: atom_id res chain seq x y z
N MET A 1 37.12 -6.19 9.99
CA MET A 1 37.44 -5.43 8.79
C MET A 1 36.85 -6.10 7.55
N ARG A 2 36.75 -7.44 7.60
CA ARG A 2 36.11 -8.18 6.52
C ARG A 2 34.62 -7.84 6.43
N TRP A 3 33.95 -7.75 7.56
CA TRP A 3 32.50 -7.57 7.58
C TRP A 3 32.10 -6.11 7.69
N LEU A 4 33.07 -5.19 7.68
CA LEU A 4 32.76 -3.77 7.64
C LEU A 4 33.13 -3.12 6.31
N TYR A 5 34.10 -3.69 5.59
CA TYR A 5 34.63 -3.09 4.38
C TYR A 5 34.37 -3.95 3.15
N SER A 6 33.38 -4.82 3.19
CA SER A 6 33.24 -5.85 2.16
C SER A 6 32.81 -5.26 0.82
N THR A 7 33.33 -5.83 -0.26
CA THR A 7 32.87 -5.55 -1.61
C THR A 7 32.38 -6.81 -2.30
N SER A 8 32.50 -7.97 -1.66
CA SER A 8 32.01 -9.23 -2.22
C SER A 8 30.52 -9.32 -2.00
N HIS A 9 29.83 -9.95 -2.95
CA HIS A 9 28.37 -10.07 -2.83
C HIS A 9 27.98 -11.16 -1.84
N LYS A 10 28.80 -12.22 -1.71
CA LYS A 10 28.46 -13.31 -0.80
C LYS A 10 28.54 -12.90 0.67
N ASP A 11 29.43 -11.98 1.01
CA ASP A 11 29.48 -11.50 2.39
C ASP A 11 28.33 -10.55 2.70
N ILE A 12 28.00 -9.67 1.77
CA ILE A 12 26.92 -8.71 1.98
C ILE A 12 25.58 -9.41 2.05
N GLY A 13 25.39 -10.47 1.24
CA GLY A 13 24.17 -11.24 1.33
C GLY A 13 24.02 -11.97 2.66
N LEU A 14 25.13 -12.46 3.21
CA LEU A 14 25.09 -13.13 4.50
C LEU A 14 24.82 -12.13 5.63
N LEU A 15 25.37 -10.92 5.49
CA LEU A 15 25.06 -9.85 6.44
C LEU A 15 23.58 -9.49 6.40
N TYR A 16 22.99 -9.44 5.20
CA TYR A 16 21.54 -9.26 5.08
C TYR A 16 20.75 -10.38 5.74
N LEU A 17 21.19 -11.63 5.56
CA LEU A 17 20.48 -12.76 6.17
C LEU A 17 20.50 -12.68 7.69
N VAL A 18 21.65 -12.32 8.27
CA VAL A 18 21.74 -12.20 9.72
C VAL A 18 20.91 -11.03 10.24
N PHE A 19 20.96 -9.88 9.54
CA PHE A 19 20.18 -8.72 9.92
C PHE A 19 18.68 -9.00 9.83
N ALA A 20 18.27 -9.78 8.84
CA ALA A 20 16.87 -10.18 8.72
C ALA A 20 16.46 -11.12 9.85
N PHE A 21 17.36 -12.00 10.28
CA PHE A 21 17.07 -12.85 11.43
C PHE A 21 16.89 -12.03 12.71
N PHE A 22 17.73 -11.00 12.88
CA PHE A 22 17.58 -10.10 14.02
C PHE A 22 16.27 -9.34 13.97
N GLY A 23 15.87 -8.88 12.79
CA GLY A 23 14.59 -8.21 12.64
C GLY A 23 13.41 -9.13 12.90
N GLY A 24 13.52 -10.39 12.49
CA GLY A 24 12.49 -11.37 12.80
C GLY A 24 12.39 -11.65 14.29
N LEU A 25 13.52 -11.67 14.99
CA LEU A 25 13.49 -11.85 16.44
C LEU A 25 12.84 -10.67 17.13
N LEU A 26 13.16 -9.44 16.70
CA LEU A 26 12.54 -8.24 17.27
C LEU A 26 11.04 -8.22 17.02
N GLY A 27 10.61 -8.56 15.81
CA GLY A 27 9.20 -8.58 15.51
C GLY A 27 8.44 -9.68 16.23
N THR A 28 9.05 -10.85 16.38
CA THR A 28 8.43 -11.93 17.14
C THR A 28 8.28 -11.55 18.61
N SER A 29 9.28 -10.83 19.15
CA SER A 29 9.14 -10.32 20.52
C SER A 29 8.03 -9.30 20.63
N LEU A 30 7.90 -8.42 19.62
CA LEU A 30 6.81 -7.45 19.64
C LEU A 30 5.45 -8.09 19.39
N SER A 31 5.43 -9.28 18.80
CA SER A 31 4.19 -9.95 18.47
C SER A 31 3.64 -10.77 19.62
N MET A 32 4.49 -11.11 20.60
CA MET A 32 3.98 -11.81 21.78
C MET A 32 3.29 -10.86 22.74
N LEU A 33 3.70 -9.60 22.78
CA LEU A 33 3.01 -8.63 23.62
C LEU A 33 1.61 -8.35 23.09
N ILE A 34 1.44 -8.38 21.78
CA ILE A 34 0.13 -8.20 21.17
C ILE A 34 -0.80 -9.35 21.53
N ARG A 35 -0.33 -10.59 21.35
CA ARG A 35 -1.18 -11.72 21.65
C ARG A 35 -1.31 -12.01 23.14
N TYR A 36 -0.46 -11.42 23.97
CA TYR A 36 -0.62 -11.57 25.41
C TYR A 36 -1.47 -10.47 26.01
N GLU A 37 -1.55 -9.31 25.37
CA GLU A 37 -2.57 -8.35 25.76
C GLU A 37 -3.95 -8.81 25.30
N LEU A 38 -4.02 -9.54 24.20
CA LEU A 38 -5.28 -9.88 23.56
C LEU A 38 -5.77 -11.29 23.92
N ALA A 39 -5.20 -11.91 24.95
CA ALA A 39 -5.63 -13.26 25.32
C ALA A 39 -6.95 -13.26 26.06
N LEU A 40 -7.20 -12.23 26.87
CA LEU A 40 -8.37 -12.18 27.73
C LEU A 40 -9.02 -10.80 27.65
N PRO A 41 -10.33 -10.74 27.88
CA PRO A 41 -11.00 -9.43 27.96
C PRO A 41 -10.52 -8.62 29.15
N GLY A 42 -10.50 -7.32 28.98
CA GLY A 42 -10.09 -6.44 30.06
C GLY A 42 -8.75 -5.77 29.80
N ARG A 43 -7.91 -5.69 30.82
CA ARG A 43 -6.61 -5.07 30.73
C ARG A 43 -5.55 -6.11 31.08
N GLY A 44 -4.65 -6.37 30.14
CA GLY A 44 -3.58 -7.33 30.35
C GLY A 44 -2.31 -6.71 30.88
N LEU A 45 -1.17 -7.15 30.34
CA LEU A 45 0.13 -6.75 30.86
C LEU A 45 0.50 -5.30 30.54
N LEU A 46 -0.23 -4.63 29.65
CA LEU A 46 0.09 -3.26 29.29
C LEU A 46 -0.53 -2.23 30.21
N ASP A 47 -1.26 -2.66 31.24
CA ASP A 47 -1.83 -1.80 32.30
C ASP A 47 -2.76 -0.73 31.72
N GLY A 48 -3.54 -1.13 30.73
CA GLY A 48 -4.54 -0.24 30.16
C GLY A 48 -3.98 0.93 29.38
N ASN A 49 -2.76 0.82 28.87
CA ASN A 49 -2.16 1.86 28.06
C ASN A 49 -2.49 1.58 26.59
N GLY A 50 -3.12 2.55 25.93
CA GLY A 50 -3.49 2.40 24.55
C GLY A 50 -2.47 3.02 23.62
N GLN A 51 -1.83 4.10 24.08
CA GLN A 51 -0.73 4.70 23.33
C GLN A 51 0.43 3.72 23.20
N LEU A 52 0.72 2.99 24.27
CA LEU A 52 1.80 2.00 24.22
C LEU A 52 1.42 0.82 23.32
N TYR A 53 0.15 0.42 23.32
CA TYR A 53 -0.28 -0.65 22.42
C TYR A 53 -0.17 -0.20 20.97
N ASN A 54 -0.49 1.06 20.69
CA ASN A 54 -0.38 1.59 19.33
C ASN A 54 1.07 1.68 18.90
N VAL A 55 1.96 2.09 19.81
CA VAL A 55 3.39 2.10 19.54
C VAL A 55 3.89 0.69 19.23
N ILE A 56 3.41 -0.30 19.98
CA ILE A 56 3.86 -1.67 19.81
C ILE A 56 3.42 -2.21 18.46
N ILE A 57 2.15 -1.99 18.08
CA ILE A 57 1.70 -2.51 16.80
C ILE A 57 2.35 -1.77 15.63
N THR A 58 2.62 -0.46 15.78
CA THR A 58 3.32 0.29 14.75
C THR A 58 4.72 -0.26 14.51
N GLY A 59 5.49 -0.39 15.60
CA GLY A 59 6.85 -0.91 15.49
C GLY A 59 6.89 -2.33 14.98
N HIS A 60 5.95 -3.16 15.42
CA HIS A 60 5.91 -4.55 14.99
C HIS A 60 5.63 -4.66 13.50
N GLY A 61 4.64 -3.90 13.00
CA GLY A 61 4.30 -3.95 11.59
C GLY A 61 5.43 -3.45 10.71
N ILE A 62 6.04 -2.32 11.08
CA ILE A 62 7.13 -1.76 10.28
C ILE A 62 8.32 -2.71 10.28
N ILE A 63 8.67 -3.28 11.43
CA ILE A 63 9.85 -4.14 11.51
C ILE A 63 9.64 -5.41 10.70
N MET A 64 8.51 -6.10 10.91
CA MET A 64 8.30 -7.36 10.20
C MET A 64 8.11 -7.15 8.71
N LEU A 65 7.59 -5.99 8.29
CA LEU A 65 7.46 -5.75 6.86
C LEU A 65 8.80 -5.42 6.23
N LEU A 66 9.50 -4.42 6.76
CA LEU A 66 10.63 -3.85 6.04
C LEU A 66 11.97 -4.46 6.43
N PHE A 67 12.17 -4.80 7.70
CA PHE A 67 13.46 -5.23 8.18
C PHE A 67 13.57 -6.74 8.37
N MET A 68 12.55 -7.50 7.98
CA MET A 68 12.69 -8.95 8.01
C MET A 68 12.57 -9.61 6.64
N VAL A 69 11.42 -9.48 5.95
CA VAL A 69 11.20 -10.22 4.72
C VAL A 69 11.98 -9.61 3.57
N MET A 70 11.96 -8.28 3.48
CA MET A 70 12.73 -7.56 2.46
C MET A 70 14.23 -7.82 2.51
N PRO A 71 14.95 -7.71 3.64
CA PRO A 71 16.38 -8.03 3.59
C PRO A 71 16.68 -9.50 3.46
N ALA A 72 15.72 -10.38 3.75
CA ALA A 72 15.99 -11.80 3.63
C ALA A 72 15.85 -12.27 2.20
N LEU A 73 14.80 -11.84 1.50
CA LEU A 73 14.56 -12.33 0.15
C LEU A 73 15.31 -11.49 -0.89
N PHE A 74 15.16 -10.17 -0.82
CA PHE A 74 15.77 -9.30 -1.81
C PHE A 74 17.26 -9.12 -1.53
N GLY A 75 17.60 -8.63 -0.34
CA GLY A 75 19.00 -8.41 -0.01
C GLY A 75 19.76 -9.67 0.35
N GLY A 76 19.10 -10.65 0.92
CA GLY A 76 19.80 -11.84 1.39
C GLY A 76 20.07 -12.88 0.32
N PHE A 77 19.03 -13.54 -0.15
CA PHE A 77 19.21 -14.58 -1.15
C PHE A 77 19.52 -13.98 -2.51
N GLY A 78 19.05 -12.76 -2.77
CA GLY A 78 19.31 -12.13 -4.06
C GLY A 78 20.77 -11.77 -4.25
N ASN A 79 21.38 -11.11 -3.26
CA ASN A 79 22.77 -10.69 -3.37
C ASN A 79 23.72 -11.88 -3.39
N TRP A 80 23.40 -12.93 -2.62
CA TRP A 80 24.27 -14.11 -2.60
C TRP A 80 24.13 -14.93 -3.88
N LEU A 81 22.91 -15.07 -4.37
CA LEU A 81 22.63 -16.06 -5.40
C LEU A 81 22.57 -15.52 -6.81
N LEU A 82 22.34 -14.21 -7.00
CA LEU A 82 22.20 -13.67 -8.35
C LEU A 82 23.45 -13.79 -9.22
N PRO A 83 24.65 -13.33 -8.83
CA PRO A 83 25.79 -13.42 -9.76
C PRO A 83 26.26 -14.82 -9.99
N ILE A 84 26.08 -15.72 -9.02
CA ILE A 84 26.41 -17.13 -9.24
C ILE A 84 25.44 -17.74 -10.23
N MET A 85 24.16 -17.41 -10.10
CA MET A 85 23.15 -18.04 -10.95
C MET A 85 23.26 -17.58 -12.39
N ILE A 86 23.57 -16.31 -12.62
CA ILE A 86 23.76 -15.86 -14.00
C ILE A 86 25.18 -16.05 -14.52
N GLY A 87 26.14 -16.33 -13.64
CA GLY A 87 27.52 -16.47 -14.06
C GLY A 87 28.35 -15.21 -13.97
N ALA A 88 27.86 -14.17 -13.29
CA ALA A 88 28.63 -12.95 -13.16
C ALA A 88 29.76 -13.14 -12.14
N PRO A 89 30.92 -12.53 -12.38
CA PRO A 89 31.99 -12.60 -11.36
C PRO A 89 31.68 -11.80 -10.11
N ASP A 90 30.94 -10.71 -10.21
CA ASP A 90 30.59 -9.87 -9.06
C ASP A 90 29.35 -9.06 -9.42
N MET A 91 28.98 -8.14 -8.55
CA MET A 91 27.99 -7.13 -8.87
C MET A 91 28.61 -6.07 -9.78
N ALA A 92 27.75 -5.24 -10.36
CA ALA A 92 28.21 -4.18 -11.23
C ALA A 92 28.81 -3.03 -10.42
N PHE A 93 28.25 -2.73 -9.25
CA PHE A 93 28.74 -1.66 -8.40
C PHE A 93 28.96 -2.19 -6.99
N PRO A 94 30.15 -2.76 -6.72
CA PRO A 94 30.35 -3.47 -5.45
C PRO A 94 30.40 -2.57 -4.22
N ARG A 95 30.80 -1.32 -4.33
CA ARG A 95 30.73 -0.42 -3.18
C ARG A 95 29.35 0.18 -2.98
N LEU A 96 28.54 0.25 -4.03
CA LEU A 96 27.14 0.62 -3.87
C LEU A 96 26.34 -0.47 -3.17
N ASN A 97 26.75 -1.73 -3.39
CA ASN A 97 26.12 -2.86 -2.71
C ASN A 97 26.37 -2.82 -1.22
N ASN A 98 27.50 -2.27 -0.78
CA ASN A 98 27.78 -2.16 0.64
C ASN A 98 26.99 -1.04 1.30
N ILE A 99 26.83 0.11 0.63
CA ILE A 99 26.01 1.16 1.22
C ILE A 99 24.54 0.81 1.13
N SER A 100 24.17 -0.12 0.24
CA SER A 100 22.83 -0.66 0.26
C SER A 100 22.55 -1.38 1.57
N PHE A 101 23.51 -2.15 2.07
CA PHE A 101 23.33 -2.82 3.35
C PHE A 101 23.48 -1.86 4.51
N TRP A 102 24.44 -0.94 4.43
CA TRP A 102 24.86 -0.17 5.60
C TRP A 102 23.97 1.03 5.90
N LEU A 103 22.93 1.24 5.10
CA LEU A 103 21.91 2.21 5.48
C LEU A 103 20.76 1.59 6.26
N ASN A 104 20.73 0.26 6.40
CA ASN A 104 19.71 -0.45 7.15
C ASN A 104 19.90 -0.43 8.68
N PRO A 105 21.11 -0.60 9.25
CA PRO A 105 21.24 -0.45 10.71
C PRO A 105 20.96 0.97 11.22
N PRO A 106 21.34 2.06 10.52
CA PRO A 106 20.85 3.37 10.99
C PRO A 106 19.33 3.52 10.96
N ALA A 107 18.66 2.93 9.97
CA ALA A 107 17.21 3.00 9.91
C ALA A 107 16.57 2.20 11.04
N LEU A 108 17.05 1.00 11.30
CA LEU A 108 16.51 0.21 12.41
C LEU A 108 16.80 0.86 13.75
N ALA A 109 17.98 1.48 13.90
CA ALA A 109 18.29 2.18 15.14
C ALA A 109 17.39 3.40 15.35
N LEU A 110 17.08 4.15 14.29
CA LEU A 110 16.18 5.28 14.43
C LEU A 110 14.77 4.83 14.77
N LEU A 111 14.33 3.73 14.16
CA LEU A 111 13.00 3.19 14.46
C LEU A 111 12.91 2.70 15.91
N LEU A 112 13.95 2.03 16.42
CA LEU A 112 13.94 1.60 17.81
C LEU A 112 14.13 2.76 18.77
N LEU A 113 14.79 3.83 18.33
CA LEU A 113 14.96 4.98 19.20
C LEU A 113 13.68 5.79 19.30
N SER A 114 12.83 5.74 18.27
CA SER A 114 11.56 6.45 18.32
C SER A 114 10.62 5.91 19.40
N THR A 115 10.79 4.64 19.78
CA THR A 115 9.94 4.08 20.84
C THR A 115 10.28 4.65 22.21
N LEU A 116 11.52 5.09 22.41
CA LEU A 116 11.95 5.57 23.71
C LEU A 116 11.86 7.09 23.85
N VAL A 117 11.40 7.79 22.82
CA VAL A 117 11.36 9.25 22.82
C VAL A 117 9.90 9.68 22.96
N GLU A 118 9.65 10.57 23.92
CA GLU A 118 8.33 11.12 24.25
C GLU A 118 7.40 9.96 24.58
N GLN A 119 6.21 9.88 23.99
CA GLN A 119 5.33 8.76 24.20
C GLN A 119 5.39 7.75 23.07
N GLY A 120 6.29 7.94 22.12
CA GLY A 120 6.44 7.01 21.03
C GLY A 120 5.60 7.38 19.82
N PRO A 121 5.80 6.67 18.71
CA PRO A 121 5.00 6.86 17.48
C PRO A 121 3.82 5.91 17.33
N GLY A 122 2.75 6.16 18.08
CA GLY A 122 1.60 5.30 17.97
C GLY A 122 0.69 5.76 16.85
N THR A 123 0.91 5.24 15.65
CA THR A 123 0.20 5.69 14.47
C THR A 123 -0.29 4.56 13.58
N GLY A 124 0.19 3.34 13.77
CA GLY A 124 0.09 2.32 12.75
C GLY A 124 1.23 2.43 11.74
N TRP A 125 1.43 1.35 11.01
CA TRP A 125 2.50 1.35 10.02
C TRP A 125 2.17 2.18 8.78
N THR A 126 0.91 2.57 8.61
CA THR A 126 0.53 3.40 7.47
C THR A 126 0.73 4.88 7.75
N ALA A 127 0.66 5.28 9.03
CA ALA A 127 0.94 6.64 9.50
C ALA A 127 0.02 7.69 8.85
N TYR A 128 -1.28 7.51 9.05
CA TYR A 128 -2.27 8.39 8.45
C TYR A 128 -2.30 9.74 9.17
N PRO A 129 -2.29 10.86 8.46
CA PRO A 129 -2.57 12.14 9.08
C PRO A 129 -4.08 12.29 9.32
N PRO A 130 -4.50 13.20 10.22
CA PRO A 130 -3.72 14.10 11.08
C PRO A 130 -3.27 13.44 12.37
N LEU A 131 -3.37 12.12 12.49
CA LEU A 131 -2.88 11.45 13.70
C LEU A 131 -1.37 11.53 13.79
N SER A 132 -0.68 11.40 12.65
CA SER A 132 0.77 11.56 12.60
C SER A 132 1.19 13.00 12.88
N VAL A 133 0.38 13.97 12.48
CA VAL A 133 0.72 15.37 12.66
C VAL A 133 0.41 15.85 14.08
N GLN A 134 -0.62 15.28 14.71
CA GLN A 134 -1.02 15.70 16.05
C GLN A 134 -0.01 15.33 17.12
N HIS A 135 0.75 14.25 16.92
CA HIS A 135 1.72 13.75 17.89
C HIS A 135 2.79 14.79 18.20
N SER A 136 2.77 15.32 19.42
CA SER A 136 3.83 16.21 19.86
C SER A 136 5.10 15.42 20.11
N GLY A 137 6.23 16.07 19.94
CA GLY A 137 7.49 15.43 20.23
C GLY A 137 8.41 15.25 19.03
N THR A 138 9.12 14.13 18.98
CA THR A 138 10.14 13.88 17.96
C THR A 138 10.05 12.48 17.38
N SER A 139 9.25 11.59 17.98
CA SER A 139 9.29 10.16 17.65
C SER A 139 8.79 9.87 16.24
N VAL A 140 7.77 10.60 15.81
CA VAL A 140 7.19 10.36 14.49
C VAL A 140 8.18 10.76 13.40
N ASP A 141 8.94 11.84 13.64
CA ASP A 141 9.98 12.24 12.70
C ASP A 141 11.06 11.16 12.58
N LEU A 142 11.45 10.55 13.71
CA LEU A 142 12.44 9.47 13.66
C LEU A 142 11.92 8.25 12.92
N ALA A 143 10.64 7.90 13.11
CA ALA A 143 10.07 6.77 12.40
C ALA A 143 10.01 7.02 10.90
N ILE A 144 9.63 8.22 10.49
CA ILE A 144 9.55 8.52 9.06
C ILE A 144 10.95 8.61 8.44
N LEU A 145 11.93 9.11 9.18
CA LEU A 145 13.29 9.15 8.65
C LEU A 145 13.88 7.74 8.54
N SER A 146 13.49 6.85 9.45
CA SER A 146 13.81 5.43 9.28
C SER A 146 13.22 4.89 7.99
N LEU A 147 11.97 5.28 7.68
CA LEU A 147 11.35 4.85 6.43
C LEU A 147 12.09 5.39 5.20
N HIS A 148 12.54 6.66 5.25
CA HIS A 148 13.33 7.23 4.16
C HIS A 148 14.63 6.46 3.94
N LEU A 149 15.35 6.16 5.02
CA LEU A 149 16.63 5.48 4.88
C LEU A 149 16.45 4.07 4.33
N ASN A 150 15.42 3.36 4.79
CA ASN A 150 15.13 2.03 4.26
C ASN A 150 14.75 2.09 2.78
N GLY A 151 13.99 3.11 2.39
CA GLY A 151 13.61 3.24 0.99
C GLY A 151 14.79 3.54 0.07
N LEU A 152 15.69 4.42 0.52
CA LEU A 152 16.89 4.70 -0.25
C LEU A 152 17.78 3.46 -0.37
N SER A 153 17.86 2.66 0.70
CA SER A 153 18.57 1.39 0.65
C SER A 153 18.02 0.48 -0.42
N SER A 154 16.68 0.36 -0.48
CA SER A 154 16.06 -0.54 -1.44
C SER A 154 16.23 -0.05 -2.87
N ILE A 155 16.18 1.27 -3.07
CA ILE A 155 16.38 1.85 -4.41
C ILE A 155 17.79 1.57 -4.91
N LEU A 156 18.80 1.78 -4.05
CA LEU A 156 20.19 1.56 -4.47
C LEU A 156 20.46 0.08 -4.74
N GLY A 157 19.88 -0.80 -3.92
CA GLY A 157 20.00 -2.22 -4.18
C GLY A 157 19.37 -2.64 -5.49
N ALA A 158 18.20 -2.07 -5.81
CA ALA A 158 17.54 -2.39 -7.06
C ALA A 158 18.33 -1.88 -8.26
N VAL A 159 18.98 -0.71 -8.13
CA VAL A 159 19.83 -0.19 -9.19
C VAL A 159 20.97 -1.16 -9.48
N ASN A 160 21.64 -1.63 -8.42
CA ASN A 160 22.73 -2.59 -8.60
C ASN A 160 22.23 -3.90 -9.22
N MET A 161 21.09 -4.39 -8.76
CA MET A 161 20.53 -5.65 -9.29
C MET A 161 20.18 -5.52 -10.77
N LEU A 162 19.58 -4.40 -11.16
CA LEU A 162 19.15 -4.23 -12.55
C LEU A 162 20.33 -4.05 -13.49
N VAL A 163 21.38 -3.34 -13.06
CA VAL A 163 22.55 -3.26 -13.93
C VAL A 163 23.32 -4.58 -13.97
N THR A 164 23.25 -5.38 -12.89
CA THR A 164 23.94 -6.67 -12.91
C THR A 164 23.28 -7.66 -13.86
N VAL A 165 21.95 -7.75 -13.82
CA VAL A 165 21.26 -8.73 -14.69
C VAL A 165 21.37 -8.32 -16.15
N ALA A 166 21.29 -7.02 -16.42
CA ALA A 166 21.34 -6.54 -17.81
C ALA A 166 22.73 -6.69 -18.42
N GLY A 167 23.77 -6.39 -17.66
CA GLY A 167 25.08 -6.20 -18.27
C GLY A 167 26.23 -7.09 -17.87
N LEU A 168 25.98 -8.15 -17.10
CA LEU A 168 27.07 -9.02 -16.66
C LEU A 168 26.68 -10.48 -16.76
N ARG A 169 25.89 -10.84 -17.76
CA ARG A 169 25.54 -12.24 -17.92
C ARG A 169 26.68 -13.02 -18.56
N ALA A 170 26.63 -14.34 -18.40
CA ALA A 170 27.60 -15.22 -19.02
C ALA A 170 27.41 -15.23 -20.54
N PRO A 171 28.51 -15.38 -21.29
CA PRO A 171 28.39 -15.48 -22.75
C PRO A 171 27.60 -16.71 -23.18
N GLY A 172 26.72 -16.52 -24.15
CA GLY A 172 25.85 -17.56 -24.61
C GLY A 172 24.57 -17.72 -23.82
N MET A 173 24.40 -16.97 -22.74
CA MET A 173 23.23 -17.09 -21.87
C MET A 173 22.35 -15.86 -22.06
N LYS A 174 21.20 -16.05 -22.68
CA LYS A 174 20.25 -14.97 -22.92
C LYS A 174 19.22 -14.92 -21.80
N LEU A 175 18.20 -14.08 -21.95
CA LEU A 175 17.16 -13.96 -20.93
C LEU A 175 16.09 -15.02 -21.12
N LEU A 176 16.53 -16.27 -21.24
CA LEU A 176 15.67 -17.42 -21.48
C LEU A 176 16.21 -18.56 -20.66
N HIS A 177 17.53 -18.53 -20.42
CA HIS A 177 18.23 -19.57 -19.69
C HIS A 177 18.45 -19.23 -18.23
N MET A 178 18.12 -18.02 -17.81
CA MET A 178 18.17 -17.69 -16.39
C MET A 178 17.09 -18.45 -15.65
N PRO A 179 17.39 -18.97 -14.46
CA PRO A 179 16.35 -19.60 -13.64
C PRO A 179 15.39 -18.56 -13.09
N LEU A 180 14.24 -19.05 -12.61
CA LEU A 180 13.12 -18.18 -12.28
C LEU A 180 13.37 -17.29 -11.06
N PHE A 181 14.35 -17.65 -10.21
CA PHE A 181 14.71 -16.77 -9.11
C PHE A 181 15.32 -15.47 -9.62
N VAL A 182 16.11 -15.54 -10.70
CA VAL A 182 16.71 -14.35 -11.30
C VAL A 182 15.62 -13.45 -11.87
N TRP A 183 14.65 -14.05 -12.57
CA TRP A 183 13.53 -13.28 -13.11
C TRP A 183 12.73 -12.61 -12.01
N ALA A 184 12.50 -13.33 -10.91
CA ALA A 184 11.77 -12.78 -9.78
C ALA A 184 12.50 -11.60 -9.15
N ILE A 185 13.82 -11.72 -8.99
CA ILE A 185 14.61 -10.63 -8.40
C ILE A 185 14.65 -9.42 -9.32
N ALA A 186 14.74 -9.66 -10.63
CA ALA A 186 14.77 -8.55 -11.60
C ALA A 186 13.45 -7.78 -11.63
N LEU A 187 12.32 -8.50 -11.65
CA LEU A 187 11.02 -7.85 -11.63
C LEU A 187 10.77 -7.14 -10.30
N THR A 188 11.27 -7.72 -9.20
CA THR A 188 11.22 -7.06 -7.91
C THR A 188 11.99 -5.74 -7.92
N ALA A 189 13.17 -5.73 -8.56
CA ALA A 189 13.96 -4.51 -8.66
C ALA A 189 13.24 -3.44 -9.47
N VAL A 190 12.58 -3.85 -10.57
CA VAL A 190 11.80 -2.93 -11.38
C VAL A 190 10.68 -2.30 -10.56
N LEU A 191 9.96 -3.12 -9.79
CA LEU A 191 8.88 -2.61 -8.94
C LEU A 191 9.41 -1.66 -7.87
N VAL A 192 10.58 -1.96 -7.29
CA VAL A 192 11.15 -1.13 -6.24
C VAL A 192 11.49 0.26 -6.80
N ILE A 193 12.17 0.29 -7.96
CA ILE A 193 12.58 1.54 -8.58
C ILE A 193 11.36 2.38 -8.96
N LEU A 194 10.30 1.73 -9.43
CA LEU A 194 9.12 2.49 -9.79
C LEU A 194 8.28 2.96 -8.60
N ALA A 195 8.24 2.20 -7.50
CA ALA A 195 7.26 2.48 -6.45
C ALA A 195 7.80 3.25 -5.25
N VAL A 196 9.04 2.96 -4.81
CA VAL A 196 9.56 3.60 -3.59
C VAL A 196 9.64 5.12 -3.62
N PRO A 197 10.07 5.79 -4.72
CA PRO A 197 10.09 7.27 -4.69
C PRO A 197 8.74 7.96 -4.49
N VAL A 198 7.63 7.29 -4.83
CA VAL A 198 6.31 7.83 -4.50
C VAL A 198 6.12 7.93 -2.99
N LEU A 199 6.54 6.87 -2.27
CA LEU A 199 6.55 6.90 -0.81
C LEU A 199 7.48 7.99 -0.29
N ALA A 200 8.64 8.18 -0.92
CA ALA A 200 9.57 9.23 -0.49
C ALA A 200 8.94 10.62 -0.60
N ALA A 201 8.23 10.87 -1.71
CA ALA A 201 7.53 12.15 -1.87
C ALA A 201 6.42 12.33 -0.84
N ALA A 202 5.65 11.27 -0.58
CA ALA A 202 4.57 11.35 0.41
C ALA A 202 5.12 11.64 1.80
N LEU A 203 6.23 11.01 2.16
CA LEU A 203 6.80 11.24 3.48
C LEU A 203 7.48 12.61 3.59
N VAL A 204 7.99 13.14 2.48
CA VAL A 204 8.51 14.51 2.49
C VAL A 204 7.38 15.49 2.75
N MET A 205 6.21 15.26 2.13
CA MET A 205 5.02 16.07 2.39
C MET A 205 4.59 15.96 3.85
N LEU A 206 4.67 14.75 4.42
CA LEU A 206 4.34 14.54 5.82
C LEU A 206 5.29 15.32 6.74
N LEU A 207 6.59 15.31 6.44
CA LEU A 207 7.55 16.07 7.23
C LEU A 207 7.28 17.56 7.18
N THR A 208 6.97 18.08 5.99
CA THR A 208 6.68 19.51 5.87
C THR A 208 5.38 19.88 6.56
N ASP A 209 4.38 19.00 6.53
CA ASP A 209 3.15 19.25 7.29
C ASP A 209 3.39 19.24 8.79
N ARG A 210 4.21 18.30 9.28
CA ARG A 210 4.48 18.22 10.70
C ARG A 210 5.30 19.40 11.20
N ASN A 211 6.33 19.80 10.46
CA ASN A 211 7.37 20.64 11.01
C ASN A 211 7.51 22.00 10.36
N ILE A 212 7.00 22.21 9.15
CA ILE A 212 7.25 23.43 8.40
C ILE A 212 5.96 24.26 8.26
N ASN A 213 4.84 23.77 8.82
CA ASN A 213 3.53 24.44 8.78
C ASN A 213 3.06 24.63 7.34
N THR A 214 3.19 23.58 6.54
CA THR A 214 2.73 23.63 5.16
C THR A 214 1.28 23.16 5.10
N ALA A 215 0.75 22.99 3.88
CA ALA A 215 -0.66 22.71 3.69
C ALA A 215 -0.86 21.57 2.70
N TYR A 216 -0.12 20.48 2.87
CA TYR A 216 -0.33 19.31 2.04
C TYR A 216 -1.53 18.50 2.51
N PHE A 217 -1.57 18.13 3.79
CA PHE A 217 -2.61 17.29 4.36
C PHE A 217 -3.04 17.96 5.67
N CYS A 218 -4.00 18.87 5.60
CA CYS A 218 -4.30 19.66 6.80
C CYS A 218 -5.75 20.14 6.70
N GLU A 219 -6.04 21.23 7.41
CA GLU A 219 -7.33 21.90 7.31
C GLU A 219 -7.63 22.30 5.87
N SER A 220 -6.70 23.01 5.24
CA SER A 220 -6.89 23.51 3.88
C SER A 220 -6.35 22.55 2.82
N GLY A 221 -5.85 21.39 3.21
CA GLY A 221 -5.33 20.41 2.28
C GLY A 221 -6.32 19.32 1.98
N ASP A 222 -5.80 18.14 1.61
CA ASP A 222 -6.62 17.00 1.28
C ASP A 222 -6.03 15.76 1.93
N LEU A 223 -6.76 15.17 2.88
CA LEU A 223 -6.26 14.01 3.60
C LEU A 223 -6.39 12.72 2.81
N ILE A 224 -7.22 12.68 1.76
CA ILE A 224 -7.30 11.50 0.92
C ILE A 224 -6.09 11.42 -0.01
N LEU A 225 -5.40 12.55 -0.23
CA LEU A 225 -4.22 12.57 -1.08
C LEU A 225 -3.09 11.72 -0.50
N TYR A 226 -2.91 11.76 0.83
CA TYR A 226 -1.90 10.94 1.46
C TYR A 226 -2.20 9.46 1.28
N GLN A 227 -3.47 9.07 1.44
CA GLN A 227 -3.81 7.67 1.28
C GLN A 227 -3.63 7.21 -0.15
N HIS A 228 -3.91 8.11 -1.11
CA HIS A 228 -3.65 7.82 -2.53
C HIS A 228 -2.18 7.55 -2.79
N LEU A 229 -1.31 8.47 -2.35
CA LEU A 229 0.12 8.31 -2.58
C LEU A 229 0.69 7.11 -1.83
N PHE A 230 0.28 6.95 -0.57
CA PHE A 230 0.80 5.88 0.26
C PHE A 230 0.40 4.53 -0.28
N TRP A 231 -0.84 4.35 -0.73
CA TRP A 231 -1.22 3.04 -1.22
C TRP A 231 -0.78 2.79 -2.65
N PHE A 232 -0.55 3.85 -3.44
CA PHE A 232 0.15 3.68 -4.71
C PHE A 232 1.56 3.15 -4.50
N PHE A 233 2.22 3.57 -3.42
CA PHE A 233 3.45 2.88 -3.03
C PHE A 233 3.16 1.47 -2.49
N GLY A 234 2.21 1.37 -1.57
CA GLY A 234 2.15 0.24 -0.67
C GLY A 234 1.59 -1.02 -1.27
N HIS A 235 0.82 -0.91 -2.35
CA HIS A 235 0.41 -2.18 -2.93
C HIS A 235 1.46 -2.83 -3.84
N PRO A 236 2.26 -2.09 -4.61
CA PRO A 236 3.46 -2.74 -5.18
C PRO A 236 4.42 -3.27 -4.13
N GLU A 237 4.44 -2.67 -2.94
CA GLU A 237 5.33 -3.10 -1.86
C GLU A 237 5.04 -4.54 -1.43
N VAL A 238 3.78 -4.95 -1.44
CA VAL A 238 3.49 -6.31 -1.00
C VAL A 238 3.73 -7.34 -2.11
N TYR A 239 3.89 -6.92 -3.36
CA TYR A 239 4.35 -7.82 -4.40
C TYR A 239 5.86 -7.82 -4.52
N ILE A 240 6.53 -6.79 -4.00
CA ILE A 240 7.98 -6.82 -3.85
C ILE A 240 8.37 -7.92 -2.87
N LEU A 241 7.58 -8.10 -1.81
CA LEU A 241 7.90 -9.06 -0.76
C LEU A 241 7.48 -10.48 -1.08
N ILE A 242 6.83 -10.74 -2.22
CA ILE A 242 6.28 -12.06 -2.48
C ILE A 242 6.84 -12.70 -3.75
N LEU A 243 7.34 -11.94 -4.73
CA LEU A 243 7.91 -12.51 -5.95
C LEU A 243 9.18 -13.34 -5.74
N PRO A 244 10.16 -12.92 -4.91
CA PRO A 244 11.28 -13.84 -4.62
C PRO A 244 10.86 -15.13 -3.95
N ALA A 245 9.78 -15.11 -3.17
CA ALA A 245 9.24 -16.35 -2.63
C ALA A 245 8.74 -17.27 -3.74
N PHE A 246 8.11 -16.70 -4.78
CA PHE A 246 7.72 -17.49 -5.94
C PHE A 246 8.94 -18.10 -6.63
N GLY A 247 10.00 -17.30 -6.77
CA GLY A 247 11.23 -17.81 -7.38
C GLY A 247 11.87 -18.94 -6.58
N ILE A 248 11.94 -18.78 -5.26
CA ILE A 248 12.50 -19.80 -4.38
C ILE A 248 11.68 -21.08 -4.45
N VAL A 249 10.35 -20.94 -4.45
CA VAL A 249 9.48 -22.12 -4.50
C VAL A 249 9.62 -22.84 -5.83
N SER A 250 9.80 -22.08 -6.93
CA SER A 250 10.08 -22.68 -8.23
C SER A 250 11.38 -23.49 -8.22
N GLN A 251 12.45 -22.90 -7.64
CA GLN A 251 13.73 -23.60 -7.58
C GLN A 251 13.66 -24.86 -6.71
N VAL A 252 12.96 -24.77 -5.57
CA VAL A 252 12.92 -25.89 -4.64
C VAL A 252 12.08 -27.02 -5.22
N VAL A 253 10.91 -26.69 -5.76
CA VAL A 253 9.99 -27.70 -6.29
C VAL A 253 10.59 -28.37 -7.52
N SER A 254 11.30 -27.59 -8.35
CA SER A 254 11.97 -28.16 -9.52
C SER A 254 13.07 -29.14 -9.12
N PHE A 255 13.81 -28.82 -8.05
CA PHE A 255 14.97 -29.62 -7.64
C PHE A 255 14.55 -31.02 -7.20
N PHE A 256 13.65 -31.11 -6.23
CA PHE A 256 13.35 -32.39 -5.60
C PHE A 256 12.33 -33.21 -6.36
N SER A 257 11.74 -32.68 -7.43
CA SER A 257 10.87 -33.47 -8.28
C SER A 257 11.64 -34.17 -9.40
N GLN A 258 12.93 -33.85 -9.57
CA GLN A 258 13.76 -34.30 -10.69
C GLN A 258 13.13 -33.94 -12.03
N LYS A 259 12.68 -32.70 -12.15
CA LYS A 259 11.96 -32.23 -13.32
C LYS A 259 12.21 -30.74 -13.48
N PRO A 260 12.22 -30.22 -14.71
CA PRO A 260 12.28 -28.77 -14.90
C PRO A 260 10.91 -28.15 -14.63
N VAL A 261 10.90 -26.82 -14.54
CA VAL A 261 9.67 -26.11 -14.20
C VAL A 261 8.69 -26.16 -15.36
N PHE A 262 7.44 -26.51 -15.06
CA PHE A 262 6.40 -26.58 -16.07
C PHE A 262 6.05 -25.17 -16.53
N GLY A 263 6.04 -24.98 -17.85
CA GLY A 263 5.61 -23.73 -18.45
C GLY A 263 6.48 -22.54 -18.07
N LEU A 264 7.73 -22.53 -18.53
CA LEU A 264 8.69 -21.52 -18.12
C LEU A 264 8.28 -20.12 -18.59
N THR A 265 7.91 -20.01 -19.87
CA THR A 265 7.47 -18.72 -20.40
C THR A 265 6.14 -18.30 -19.79
N GLY A 266 5.26 -19.25 -19.50
CA GLY A 266 4.04 -18.91 -18.78
C GLY A 266 4.32 -18.40 -17.37
N MET A 267 5.33 -18.97 -16.72
CA MET A 267 5.75 -18.49 -15.40
C MET A 267 6.27 -17.07 -15.46
N ILE A 268 7.13 -16.77 -16.46
CA ILE A 268 7.67 -15.43 -16.58
C ILE A 268 6.57 -14.43 -16.93
N CYS A 269 5.65 -14.81 -17.82
CA CYS A 269 4.56 -13.93 -18.19
C CYS A 269 3.60 -13.68 -17.03
N ALA A 270 3.35 -14.71 -16.21
CA ALA A 270 2.50 -14.53 -15.04
C ALA A 270 3.13 -13.60 -14.02
N MET A 271 4.45 -13.74 -13.81
CA MET A 271 5.15 -12.81 -12.92
C MET A 271 5.13 -11.39 -13.47
N GLY A 272 5.29 -11.23 -14.78
CA GLY A 272 5.22 -9.91 -15.39
C GLY A 272 3.84 -9.28 -15.33
N ALA A 273 2.80 -10.10 -15.49
CA ALA A 273 1.42 -9.62 -15.39
C ALA A 273 1.09 -9.20 -13.96
N ILE A 274 1.58 -9.95 -12.98
CA ILE A 274 1.43 -9.57 -11.57
C ILE A 274 2.16 -8.25 -11.31
N SER A 275 3.35 -8.10 -11.88
CA SER A 275 4.13 -6.88 -11.70
C SER A 275 3.44 -5.67 -12.32
N LEU A 276 2.82 -5.84 -13.49
CA LEU A 276 2.19 -4.70 -14.16
C LEU A 276 0.87 -4.31 -13.50
N LEU A 277 0.06 -5.30 -13.12
CA LEU A 277 -1.24 -5.04 -12.51
C LEU A 277 -1.13 -4.44 -11.12
N GLY A 278 0.03 -4.53 -10.46
CA GLY A 278 0.18 -4.03 -9.11
C GLY A 278 0.22 -2.52 -8.99
N PHE A 279 0.29 -1.80 -10.11
CA PHE A 279 0.37 -0.36 -10.07
C PHE A 279 -0.95 0.34 -10.38
N ILE A 280 -1.99 -0.39 -10.76
CA ILE A 280 -3.24 0.21 -11.16
C ILE A 280 -4.41 -0.23 -10.30
N VAL A 281 -4.16 -0.87 -9.17
CA VAL A 281 -5.25 -1.43 -8.38
C VAL A 281 -5.24 -0.88 -6.96
N TRP A 282 -4.43 0.14 -6.70
CA TRP A 282 -4.02 0.49 -5.33
C TRP A 282 -5.15 0.99 -4.44
N ALA A 283 -6.25 1.49 -5.00
CA ALA A 283 -7.30 2.08 -4.17
C ALA A 283 -8.32 1.05 -3.69
N HIS A 284 -7.98 -0.22 -3.72
CA HIS A 284 -8.73 -1.24 -3.00
C HIS A 284 -8.52 -1.18 -1.50
N HIS A 285 -7.56 -0.40 -1.02
CA HIS A 285 -7.41 -0.07 0.39
C HIS A 285 -8.24 1.13 0.82
N MET A 286 -8.99 1.75 -0.09
CA MET A 286 -9.68 3.01 0.19
C MET A 286 -11.15 2.91 -0.20
N PHE A 287 -11.78 1.76 0.05
CA PHE A 287 -13.19 1.61 -0.26
C PHE A 287 -14.12 2.38 0.67
N THR A 288 -13.70 2.68 1.89
CA THR A 288 -14.60 3.30 2.86
C THR A 288 -14.28 4.77 3.14
N VAL A 289 -13.42 5.39 2.34
CA VAL A 289 -13.04 6.78 2.61
C VAL A 289 -13.96 7.80 1.94
N GLY A 290 -14.88 7.36 1.09
CA GLY A 290 -15.79 8.28 0.45
C GLY A 290 -15.42 8.65 -0.98
N LEU A 291 -15.00 7.66 -1.75
CA LEU A 291 -14.72 7.86 -3.17
C LEU A 291 -15.99 7.69 -3.99
N ASP A 292 -15.99 8.29 -5.18
CA ASP A 292 -17.12 8.19 -6.09
C ASP A 292 -17.27 6.77 -6.58
N LEU A 293 -18.51 6.41 -6.91
CA LEU A 293 -18.85 5.01 -7.17
C LEU A 293 -18.21 4.46 -8.43
N ASP A 294 -17.81 5.33 -9.37
CA ASP A 294 -17.12 4.85 -10.57
C ASP A 294 -15.69 4.43 -10.26
N THR A 295 -15.01 5.19 -9.39
CA THR A 295 -13.67 4.82 -8.95
C THR A 295 -13.68 3.50 -8.20
N VAL A 296 -14.62 3.35 -7.28
CA VAL A 296 -14.82 2.11 -6.54
C VAL A 296 -15.13 0.96 -7.49
N ALA A 297 -15.95 1.24 -8.51
CA ALA A 297 -16.34 0.25 -9.50
C ALA A 297 -15.13 -0.27 -10.29
N TYR A 298 -14.29 0.65 -10.76
CA TYR A 298 -13.10 0.26 -11.51
C TYR A 298 -12.13 -0.52 -10.63
N PHE A 299 -11.88 -0.03 -9.42
CA PHE A 299 -10.88 -0.69 -8.58
C PHE A 299 -11.37 -2.03 -8.06
N THR A 300 -12.68 -2.23 -7.96
CA THR A 300 -13.20 -3.56 -7.72
C THR A 300 -12.98 -4.48 -8.91
N SER A 301 -13.25 -3.99 -10.12
CA SER A 301 -13.12 -4.86 -11.29
C SER A 301 -11.67 -5.18 -11.62
N ALA A 302 -10.75 -4.24 -11.39
CA ALA A 302 -9.35 -4.45 -11.75
C ALA A 302 -8.61 -5.32 -10.75
N THR A 303 -9.00 -5.31 -9.48
CA THR A 303 -8.27 -6.04 -8.46
C THR A 303 -8.48 -7.55 -8.60
N MET A 304 -9.63 -7.97 -9.12
CA MET A 304 -9.90 -9.40 -9.27
C MET A 304 -9.12 -10.04 -10.41
N ILE A 305 -8.47 -9.25 -11.28
CA ILE A 305 -7.74 -9.83 -12.40
C ILE A 305 -6.44 -10.50 -11.96
N ILE A 306 -5.87 -10.08 -10.83
CA ILE A 306 -4.58 -10.60 -10.36
C ILE A 306 -4.67 -12.09 -9.97
N ALA A 307 -5.88 -12.61 -9.80
CA ALA A 307 -6.07 -14.01 -9.44
C ALA A 307 -5.61 -14.97 -10.55
N VAL A 308 -5.83 -14.62 -11.81
CA VAL A 308 -5.52 -15.51 -12.94
C VAL A 308 -4.01 -15.80 -13.10
N PRO A 309 -3.09 -14.81 -13.08
CA PRO A 309 -1.66 -15.19 -13.16
C PRO A 309 -1.18 -16.01 -11.96
N THR A 310 -1.69 -15.71 -10.77
CA THR A 310 -1.32 -16.47 -9.59
C THR A 310 -1.83 -17.90 -9.67
N GLY A 311 -3.04 -18.09 -10.18
CA GLY A 311 -3.57 -19.42 -10.37
C GLY A 311 -2.79 -20.22 -11.38
N MET A 312 -2.32 -19.55 -12.43
CA MET A 312 -1.43 -20.23 -13.37
C MET A 312 -0.11 -20.62 -12.74
N LYS A 313 0.45 -19.76 -11.89
CA LYS A 313 1.70 -20.11 -11.21
C LYS A 313 1.52 -21.32 -10.28
N ILE A 314 0.40 -21.35 -9.56
CA ILE A 314 0.12 -22.46 -8.64
C ILE A 314 -0.10 -23.76 -9.41
N PHE A 315 -0.88 -23.70 -10.49
CA PHE A 315 -1.13 -24.91 -11.26
C PHE A 315 0.12 -25.36 -12.01
N SER A 316 1.00 -24.43 -12.36
CA SER A 316 2.27 -24.80 -12.99
C SER A 316 3.20 -25.48 -11.99
N TRP A 317 3.21 -25.02 -10.74
CA TRP A 317 3.98 -25.72 -9.70
C TRP A 317 3.45 -27.13 -9.47
N MET A 318 2.12 -27.28 -9.44
CA MET A 318 1.53 -28.60 -9.28
C MET A 318 1.81 -29.50 -10.48
N ALA A 319 1.88 -28.92 -11.68
CA ALA A 319 2.25 -29.72 -12.85
C ALA A 319 3.74 -30.05 -12.86
N THR A 320 4.56 -29.21 -12.23
CA THR A 320 5.97 -29.53 -12.04
C THR A 320 6.15 -30.73 -11.12
N ILE A 321 5.37 -30.78 -10.03
CA ILE A 321 5.43 -31.97 -9.18
C ILE A 321 4.82 -33.17 -9.89
N TYR A 322 3.86 -32.93 -10.79
CA TYR A 322 3.17 -33.99 -11.50
C TYR A 322 4.14 -34.77 -12.39
N SER A 323 3.99 -36.10 -12.36
CA SER A 323 4.73 -37.05 -13.18
C SER A 323 6.24 -36.98 -12.95
N GLY A 324 6.66 -36.73 -11.73
CA GLY A 324 8.05 -36.67 -11.38
C GLY A 324 8.51 -37.86 -10.56
N ARG A 325 9.68 -37.70 -9.95
CA ARG A 325 10.26 -38.64 -9.00
C ARG A 325 10.60 -37.82 -7.77
N VAL A 326 9.63 -37.69 -6.87
CA VAL A 326 9.67 -36.68 -5.83
C VAL A 326 10.19 -37.31 -4.54
N TRP A 327 11.12 -36.62 -3.88
CA TRP A 327 11.68 -37.04 -2.60
C TRP A 327 11.41 -35.91 -1.61
N PHE A 328 10.58 -36.19 -0.60
CA PHE A 328 10.08 -35.15 0.30
C PHE A 328 11.09 -34.90 1.43
N THR A 329 11.73 -33.75 1.38
CA THR A 329 12.68 -33.32 2.40
C THR A 329 12.12 -32.11 3.13
N THR A 330 12.91 -31.55 4.04
CA THR A 330 12.45 -30.39 4.80
C THR A 330 12.23 -29.15 3.93
N PRO A 331 13.10 -28.74 3.00
CA PRO A 331 12.72 -27.63 2.11
C PRO A 331 11.56 -27.97 1.20
N MET A 332 11.37 -29.25 0.85
CA MET A 332 10.24 -29.64 0.03
C MET A 332 8.93 -29.47 0.77
N TRP A 333 8.90 -29.72 2.09
CA TRP A 333 7.68 -29.53 2.86
C TRP A 333 7.37 -28.07 3.07
N PHE A 334 8.39 -27.20 3.02
CA PHE A 334 8.18 -25.76 3.12
C PHE A 334 7.69 -25.15 1.83
N ALA A 335 7.72 -25.89 0.72
CA ALA A 335 7.21 -25.43 -0.57
C ALA A 335 5.84 -25.99 -0.90
N VAL A 336 5.61 -27.26 -0.57
CA VAL A 336 4.26 -27.84 -0.64
C VAL A 336 3.34 -27.11 0.33
N GLY A 337 3.85 -26.78 1.52
CA GLY A 337 3.10 -25.95 2.44
C GLY A 337 2.83 -24.56 1.91
N PHE A 338 3.79 -24.00 1.15
CA PHE A 338 3.58 -22.71 0.51
C PHE A 338 2.42 -22.79 -0.49
N ILE A 339 2.44 -23.79 -1.35
CA ILE A 339 1.40 -23.92 -2.38
C ILE A 339 0.04 -24.15 -1.75
N CYS A 340 -0.04 -25.01 -0.73
CA CYS A 340 -1.33 -25.34 -0.15
C CYS A 340 -1.86 -24.19 0.71
N LEU A 341 -1.00 -23.36 1.27
CA LEU A 341 -1.46 -22.37 2.23
C LEU A 341 -1.42 -20.94 1.71
N PHE A 342 -0.72 -20.66 0.60
CA PHE A 342 -0.89 -19.37 -0.06
C PHE A 342 -2.22 -19.29 -0.79
N THR A 343 -2.78 -20.44 -1.17
CA THR A 343 -4.11 -20.47 -1.77
C THR A 343 -5.17 -19.97 -0.80
N LEU A 344 -5.06 -20.35 0.48
CA LEU A 344 -5.96 -19.83 1.49
C LEU A 344 -5.76 -18.35 1.76
N GLY A 345 -4.59 -17.81 1.44
CA GLY A 345 -4.39 -16.39 1.59
C GLY A 345 -4.83 -15.56 0.44
N GLY A 346 -5.02 -16.18 -0.72
CA GLY A 346 -5.41 -15.44 -1.90
C GLY A 346 -6.90 -15.44 -2.12
N VAL A 347 -7.58 -16.51 -1.69
CA VAL A 347 -9.02 -16.60 -1.90
C VAL A 347 -9.75 -15.56 -1.06
N THR A 348 -9.23 -15.21 0.12
CA THR A 348 -9.86 -14.17 0.91
C THR A 348 -9.54 -12.79 0.35
N GLY A 349 -8.43 -12.66 -0.38
CA GLY A 349 -8.16 -11.43 -1.08
C GLY A 349 -9.17 -11.15 -2.19
N VAL A 350 -9.64 -12.21 -2.85
CA VAL A 350 -10.71 -12.09 -3.85
C VAL A 350 -11.98 -11.54 -3.19
N VAL A 351 -12.29 -12.04 -1.99
CA VAL A 351 -13.45 -11.55 -1.23
C VAL A 351 -13.26 -10.09 -0.86
N LEU A 352 -12.06 -9.72 -0.42
CA LEU A 352 -11.78 -8.34 -0.05
C LEU A 352 -11.78 -7.40 -1.25
N ALA A 353 -11.54 -7.91 -2.46
CA ALA A 353 -11.56 -7.07 -3.65
C ALA A 353 -12.95 -6.54 -3.94
N ASN A 354 -13.98 -7.35 -3.72
CA ASN A 354 -15.35 -6.94 -3.96
C ASN A 354 -15.77 -5.92 -2.91
N ALA A 355 -15.99 -4.68 -3.36
CA ALA A 355 -16.16 -3.56 -2.45
C ALA A 355 -17.45 -3.62 -1.64
N GLY A 356 -18.48 -4.32 -2.13
CA GLY A 356 -19.68 -4.49 -1.34
C GLY A 356 -19.44 -5.33 -0.10
N VAL A 357 -18.71 -6.44 -0.27
CA VAL A 357 -18.32 -7.25 0.88
C VAL A 357 -17.34 -6.51 1.76
N ASP A 358 -16.44 -5.72 1.17
CA ASP A 358 -15.44 -4.97 1.92
C ASP A 358 -16.04 -3.88 2.81
N MET A 359 -17.30 -3.51 2.62
CA MET A 359 -17.93 -2.55 3.53
C MET A 359 -18.15 -3.13 4.91
N LEU A 360 -18.20 -4.46 5.03
CA LEU A 360 -18.40 -5.11 6.31
C LEU A 360 -17.08 -5.47 7.00
N VAL A 361 -16.07 -5.87 6.24
CA VAL A 361 -14.86 -6.44 6.80
C VAL A 361 -13.65 -5.52 6.66
N HIS A 362 -13.86 -4.26 6.35
CA HIS A 362 -12.74 -3.31 6.37
C HIS A 362 -12.35 -3.01 7.81
N ASP A 363 -11.05 -3.03 8.08
CA ASP A 363 -10.47 -2.81 9.40
C ASP A 363 -11.05 -3.76 10.44
N THR A 364 -11.20 -5.02 10.07
CA THR A 364 -11.50 -6.12 10.99
C THR A 364 -10.38 -7.15 10.90
N TYR A 365 -10.51 -8.21 11.69
CA TYR A 365 -9.48 -9.24 11.72
C TYR A 365 -9.57 -10.22 10.56
N TYR A 366 -10.58 -10.10 9.70
CA TYR A 366 -10.59 -10.82 8.44
C TYR A 366 -9.43 -10.38 7.56
N VAL A 367 -9.18 -9.06 7.52
CA VAL A 367 -8.04 -8.50 6.80
C VAL A 367 -6.73 -9.04 7.37
N VAL A 368 -6.63 -9.05 8.71
CA VAL A 368 -5.42 -9.50 9.39
C VAL A 368 -5.15 -10.97 9.11
N ALA A 369 -6.20 -11.79 9.14
CA ALA A 369 -6.03 -13.21 8.83
C ALA A 369 -5.60 -13.42 7.39
N HIS A 370 -6.13 -12.62 6.47
CA HIS A 370 -5.69 -12.68 5.07
C HIS A 370 -4.20 -12.33 4.93
N PHE A 371 -3.78 -11.21 5.50
CA PHE A 371 -2.40 -10.82 5.23
C PHE A 371 -1.41 -11.48 6.16
N HIS A 372 -1.85 -12.25 7.14
CA HIS A 372 -0.94 -13.17 7.80
C HIS A 372 -0.94 -14.54 7.17
N TYR A 373 -1.95 -14.87 6.36
CA TYR A 373 -1.79 -16.03 5.50
C TYR A 373 -0.79 -15.77 4.38
N VAL A 374 -0.84 -14.60 3.74
CA VAL A 374 0.05 -14.41 2.59
C VAL A 374 1.46 -13.99 2.99
N LEU A 375 1.69 -13.60 4.24
CA LEU A 375 3.01 -13.17 4.67
C LEU A 375 3.68 -14.12 5.66
N SER A 376 2.98 -14.55 6.71
CA SER A 376 3.55 -15.48 7.67
C SER A 376 3.59 -16.91 7.16
N MET A 377 2.89 -17.20 6.06
CA MET A 377 2.84 -18.53 5.50
C MET A 377 3.17 -18.57 4.02
N GLY A 378 3.37 -17.42 3.38
CA GLY A 378 3.88 -17.40 2.03
C GLY A 378 5.31 -16.92 1.97
N ALA A 379 5.61 -15.84 2.68
CA ALA A 379 6.96 -15.28 2.64
C ALA A 379 7.89 -15.94 3.64
N VAL A 380 7.38 -16.25 4.84
CA VAL A 380 8.19 -16.92 5.86
C VAL A 380 8.51 -18.35 5.45
N PHE A 381 7.54 -19.04 4.84
CA PHE A 381 7.81 -20.39 4.33
C PHE A 381 8.79 -20.34 3.16
N GLY A 382 8.76 -19.28 2.36
CA GLY A 382 9.76 -19.14 1.31
C GLY A 382 11.14 -18.85 1.86
N ILE A 383 11.24 -18.04 2.91
CA ILE A 383 12.52 -17.77 3.56
C ILE A 383 13.09 -19.04 4.15
N PHE A 384 12.26 -19.80 4.87
CA PHE A 384 12.72 -21.01 5.54
C PHE A 384 12.91 -22.18 4.58
N ALA A 385 12.28 -22.14 3.40
CA ALA A 385 12.54 -23.16 2.40
C ALA A 385 13.94 -23.05 1.85
N GLY A 386 14.43 -21.83 1.67
CA GLY A 386 15.77 -21.62 1.15
C GLY A 386 16.87 -21.74 2.18
N VAL A 387 16.54 -21.61 3.46
CA VAL A 387 17.55 -21.79 4.51
C VAL A 387 17.97 -23.24 4.61
N TYR A 388 17.01 -24.16 4.50
CA TYR A 388 17.34 -25.58 4.50
C TYR A 388 17.74 -26.10 3.13
N PHE A 389 17.69 -25.26 2.10
CA PHE A 389 18.08 -25.66 0.76
C PHE A 389 19.51 -25.22 0.43
N TRP A 390 19.80 -23.93 0.59
CA TRP A 390 21.10 -23.37 0.24
C TRP A 390 21.98 -23.11 1.46
N GLY A 391 21.59 -23.60 2.64
CA GLY A 391 22.29 -23.24 3.86
C GLY A 391 23.70 -23.78 3.95
N ASN A 392 23.92 -25.01 3.48
CA ASN A 392 25.26 -25.58 3.53
C ASN A 392 26.20 -24.92 2.52
N LEU A 393 25.65 -24.36 1.44
CA LEU A 393 26.44 -23.58 0.50
C LEU A 393 26.74 -22.20 1.03
N ILE A 394 25.79 -21.58 1.73
CA ILE A 394 25.95 -20.19 2.12
C ILE A 394 26.78 -20.07 3.39
N THR A 395 26.44 -20.86 4.41
CA THR A 395 27.09 -20.76 5.71
C THR A 395 28.14 -21.83 5.96
N GLY A 396 28.06 -22.96 5.27
CA GLY A 396 28.97 -24.06 5.52
C GLY A 396 28.52 -25.06 6.55
N LEU A 397 27.36 -24.86 7.17
CA LEU A 397 26.86 -25.71 8.23
C LEU A 397 25.70 -26.56 7.73
N GLY A 398 25.71 -27.84 8.08
CA GLY A 398 24.57 -28.71 7.81
C GLY A 398 23.48 -28.51 8.83
N TYR A 399 22.39 -29.24 8.65
CA TYR A 399 21.30 -29.21 9.61
C TYR A 399 20.80 -30.62 9.87
N HIS A 400 20.30 -30.84 11.08
CA HIS A 400 19.68 -32.10 11.43
C HIS A 400 18.28 -32.15 10.85
N GLU A 401 17.95 -33.26 10.18
CA GLU A 401 16.68 -33.33 9.48
C GLU A 401 15.51 -33.52 10.44
N GLY A 402 15.73 -34.27 11.53
CA GLY A 402 14.65 -34.50 12.48
C GLY A 402 14.21 -33.25 13.23
N ARG A 403 15.17 -32.46 13.71
CA ARG A 403 14.83 -31.23 14.41
C ARG A 403 14.24 -30.20 13.47
N ALA A 404 14.64 -30.23 12.20
CA ALA A 404 14.04 -29.34 11.21
C ALA A 404 12.59 -29.71 10.95
N MET A 405 12.29 -31.00 10.92
CA MET A 405 10.90 -31.44 10.77
C MET A 405 10.07 -31.09 12.00
N VAL A 406 10.67 -31.19 13.19
CA VAL A 406 10.01 -30.75 14.42
C VAL A 406 9.69 -29.26 14.35
N HIS A 407 10.65 -28.46 13.89
CA HIS A 407 10.47 -27.02 13.75
C HIS A 407 9.40 -26.69 12.72
N PHE A 408 9.38 -27.42 11.60
CA PHE A 408 8.37 -27.18 10.58
C PHE A 408 6.97 -27.49 11.09
N TRP A 409 6.80 -28.63 11.76
CA TRP A 409 5.47 -29.01 12.23
C TRP A 409 4.99 -28.06 13.33
N LEU A 410 5.90 -27.61 14.19
CA LEU A 410 5.53 -26.64 15.21
C LEU A 410 5.08 -25.32 14.58
N LEU A 411 5.82 -24.82 13.58
CA LEU A 411 5.41 -23.58 12.93
C LEU A 411 4.10 -23.73 12.17
N PHE A 412 3.93 -24.86 11.49
CA PHE A 412 2.72 -25.12 10.71
C PHE A 412 1.49 -25.21 11.60
N ILE A 413 1.61 -25.88 12.74
CA ILE A 413 0.49 -25.96 13.67
C ILE A 413 0.25 -24.61 14.33
N GLY A 414 1.30 -23.88 14.66
CA GLY A 414 1.14 -22.64 15.38
C GLY A 414 0.59 -21.49 14.53
N VAL A 415 0.73 -21.58 13.21
CA VAL A 415 0.15 -20.52 12.40
C VAL A 415 -1.25 -20.85 11.88
N ASN A 416 -1.60 -22.14 11.76
CA ASN A 416 -2.97 -22.52 11.42
C ASN A 416 -3.92 -22.42 12.59
N LEU A 417 -3.42 -22.15 13.79
CA LEU A 417 -4.27 -22.03 14.95
C LEU A 417 -4.25 -20.63 15.53
N THR A 418 -3.43 -19.74 14.97
CA THR A 418 -3.39 -18.33 15.34
C THR A 418 -4.31 -17.46 14.48
N PHE A 419 -4.29 -17.68 13.17
CA PHE A 419 -4.98 -16.78 12.25
C PHE A 419 -6.23 -17.36 11.62
N PHE A 420 -6.40 -18.68 11.63
CA PHE A 420 -7.68 -19.26 11.21
C PHE A 420 -8.84 -18.85 12.11
N PRO A 421 -8.70 -18.79 13.46
CA PRO A 421 -9.78 -18.16 14.24
C PRO A 421 -9.92 -16.66 14.05
N GLN A 422 -8.94 -15.96 13.46
CA GLN A 422 -9.11 -14.53 13.26
C GLN A 422 -10.04 -14.21 12.09
N HIS A 423 -10.36 -15.21 11.26
CA HIS A 423 -11.38 -15.02 10.24
C HIS A 423 -12.76 -14.85 10.87
N PHE A 424 -13.09 -15.72 11.82
CA PHE A 424 -14.40 -15.70 12.47
C PHE A 424 -14.58 -14.46 13.32
N LEU A 425 -13.50 -13.93 13.90
CA LEU A 425 -13.58 -12.68 14.63
C LEU A 425 -13.92 -11.52 13.70
N GLY A 426 -13.31 -11.50 12.51
CA GLY A 426 -13.54 -10.39 11.60
C GLY A 426 -14.90 -10.45 10.93
N LEU A 427 -15.39 -11.67 10.66
CA LEU A 427 -16.73 -11.79 10.09
C LEU A 427 -17.80 -11.36 11.08
N ALA A 428 -17.55 -11.54 12.37
CA ALA A 428 -18.49 -11.14 13.42
C ALA A 428 -18.33 -9.68 13.83
N GLY A 429 -17.36 -8.98 13.27
CA GLY A 429 -17.24 -7.55 13.46
C GLY A 429 -16.27 -7.07 14.52
N MET A 430 -15.22 -7.83 14.82
CA MET A 430 -14.21 -7.35 15.75
C MET A 430 -13.25 -6.40 15.04
N PRO A 431 -13.10 -5.16 15.48
CA PRO A 431 -12.24 -4.22 14.78
C PRO A 431 -10.75 -4.47 15.02
N ARG A 432 -9.95 -3.93 14.11
CA ARG A 432 -8.50 -3.96 14.18
C ARG A 432 -7.98 -2.92 15.15
N ARG A 433 -6.70 -3.08 15.52
CA ARG A 433 -5.91 -2.08 16.26
C ARG A 433 -6.55 -1.72 17.59
N MET A 434 -7.11 -2.72 18.26
CA MET A 434 -7.76 -2.55 19.55
C MET A 434 -7.23 -3.60 20.52
N PHE A 435 -7.12 -3.20 21.79
CA PHE A 435 -6.62 -4.11 22.82
C PHE A 435 -7.68 -4.57 23.81
N ASP A 436 -8.78 -3.82 23.98
CA ASP A 436 -9.91 -4.25 24.80
C ASP A 436 -11.10 -4.50 23.89
N TYR A 437 -11.65 -5.69 23.96
CA TYR A 437 -12.72 -6.11 23.07
C TYR A 437 -13.94 -6.57 23.86
N ALA A 438 -15.02 -6.87 23.13
CA ALA A 438 -16.27 -7.27 23.75
C ALA A 438 -16.18 -8.68 24.32
N ASP A 439 -17.06 -8.95 25.29
CA ASP A 439 -16.98 -10.17 26.08
C ASP A 439 -17.24 -11.44 25.26
N CYS A 440 -17.94 -11.33 24.14
CA CYS A 440 -18.29 -12.50 23.35
C CYS A 440 -17.18 -12.95 22.40
N PHE A 441 -16.14 -12.15 22.22
CA PHE A 441 -15.03 -12.50 21.33
C PHE A 441 -13.93 -13.27 22.04
N ALA A 442 -14.22 -13.91 23.17
CA ALA A 442 -13.15 -14.40 24.04
C ALA A 442 -12.60 -15.75 23.57
N GLY A 443 -13.44 -16.61 23.00
CA GLY A 443 -13.00 -17.96 22.69
C GLY A 443 -11.96 -18.01 21.57
N TRP A 444 -12.25 -17.32 20.46
CA TRP A 444 -11.29 -17.31 19.36
C TRP A 444 -10.04 -16.51 19.71
N ASN A 445 -10.16 -15.48 20.54
CA ASN A 445 -8.99 -14.76 21.02
C ASN A 445 -8.10 -15.65 21.87
N ALA A 446 -8.71 -16.49 22.71
CA ALA A 446 -7.93 -17.44 23.51
C ALA A 446 -7.23 -18.46 22.63
N VAL A 447 -7.92 -18.97 21.60
CA VAL A 447 -7.31 -19.94 20.69
C VAL A 447 -6.15 -19.30 19.91
N SER A 448 -6.32 -18.06 19.46
CA SER A 448 -5.26 -17.39 18.72
C SER A 448 -4.04 -17.11 19.60
N SER A 449 -4.26 -16.68 20.85
CA SER A 449 -3.13 -16.50 21.75
C SER A 449 -2.49 -17.84 22.14
N PHE A 450 -3.23 -18.94 22.07
CA PHE A 450 -2.58 -20.24 22.23
C PHE A 450 -1.69 -20.56 21.05
N GLY A 451 -2.12 -20.21 19.83
CA GLY A 451 -1.31 -20.48 18.66
C GLY A 451 -0.02 -19.66 18.61
N ALA A 452 -0.08 -18.44 19.11
CA ALA A 452 1.11 -17.57 19.07
C ALA A 452 2.24 -18.12 19.92
N SER A 453 1.92 -18.77 21.05
CA SER A 453 2.97 -19.34 21.89
C SER A 453 3.63 -20.54 21.21
N ILE A 454 2.85 -21.33 20.45
CA ILE A 454 3.44 -22.41 19.66
C ILE A 454 4.36 -21.85 18.59
N SER A 455 3.97 -20.72 17.99
CA SER A 455 4.84 -20.05 17.02
C SER A 455 6.16 -19.60 17.65
N PHE A 456 6.08 -19.05 18.87
CA PHE A 456 7.28 -18.60 19.58
C PHE A 456 8.19 -19.79 19.91
N ILE A 457 7.60 -20.91 20.29
CA ILE A 457 8.38 -22.11 20.59
C ILE A 457 9.09 -22.60 19.32
N SER A 458 8.41 -22.57 18.18
CA SER A 458 9.06 -22.96 16.93
C SER A 458 10.18 -21.99 16.55
N VAL A 459 10.05 -20.72 16.92
CA VAL A 459 11.15 -19.77 16.75
C VAL A 459 12.35 -20.19 17.59
N ILE A 460 12.09 -20.65 18.82
CA ILE A 460 13.19 -21.09 19.69
C ILE A 460 13.86 -22.36 19.15
N VAL A 461 13.06 -23.31 18.65
CA VAL A 461 13.57 -24.62 18.24
C VAL A 461 14.47 -24.51 17.01
N PHE A 462 14.28 -23.46 16.19
CA PHE A 462 15.05 -23.28 14.96
C PHE A 462 16.55 -23.10 15.23
N ALA A 463 16.92 -22.53 16.38
CA ALA A 463 18.31 -22.32 16.71
C ALA A 463 19.08 -23.62 16.95
N THR A 464 18.38 -24.71 17.22
CA THR A 464 19.01 -25.99 17.54
C THR A 464 19.18 -26.90 16.34
N THR A 465 18.87 -26.43 15.13
CA THR A 465 18.92 -27.30 13.96
C THR A 465 20.31 -27.38 13.34
N PHE A 466 21.16 -26.38 13.54
CA PHE A 466 22.45 -26.33 12.88
C PHE A 466 23.39 -27.40 13.40
N GLN A 467 24.23 -27.93 12.51
CA GLN A 467 25.26 -28.89 12.86
C GLN A 467 26.39 -28.77 11.84
N GLU A 468 27.43 -29.59 12.02
CA GLU A 468 28.54 -29.61 11.08
C GLU A 468 28.12 -30.29 9.78
N ALA A 469 28.81 -29.93 8.70
CA ALA A 469 28.46 -30.38 7.36
C ALA A 469 29.43 -31.44 6.86
N VAL A 470 28.97 -32.18 5.85
CA VAL A 470 29.79 -33.09 5.08
C VAL A 470 29.96 -32.49 3.69
N ARG A 471 31.21 -32.41 3.22
CA ARG A 471 31.54 -31.75 1.98
C ARG A 471 31.91 -32.80 0.93
N THR A 472 31.32 -32.67 -0.26
CA THR A 472 31.54 -33.61 -1.36
C THR A 472 32.00 -32.85 -2.59
N VAL A 473 32.19 -33.59 -3.70
CA VAL A 473 32.65 -32.98 -4.95
C VAL A 473 31.55 -33.01 -6.00
N PRO A 474 31.33 -31.90 -6.70
CA PRO A 474 30.29 -31.85 -7.74
C PRO A 474 30.80 -32.28 -9.11
N ARG A 475 29.88 -32.82 -9.92
CA ARG A 475 30.14 -33.03 -11.34
C ARG A 475 29.15 -32.27 -12.23
N THR A 476 27.85 -32.48 -12.05
CA THR A 476 26.84 -31.90 -12.93
C THR A 476 25.65 -31.41 -12.12
N ALA A 477 24.94 -30.44 -12.68
CA ALA A 477 23.75 -29.88 -12.06
C ALA A 477 22.91 -29.23 -13.16
N THR A 478 21.78 -28.62 -12.76
CA THR A 478 20.97 -27.84 -13.68
C THR A 478 21.05 -26.35 -13.40
N THR A 479 21.52 -25.95 -12.22
CA THR A 479 21.80 -24.56 -11.93
C THR A 479 23.25 -24.44 -11.49
N LEU A 480 23.79 -23.23 -11.61
CA LEU A 480 25.23 -23.04 -11.56
C LEU A 480 25.78 -23.04 -10.14
N GLU A 481 24.92 -22.92 -9.12
CA GLU A 481 25.42 -22.92 -7.75
C GLU A 481 25.51 -24.33 -7.16
N TRP A 482 25.03 -25.35 -7.86
CA TRP A 482 25.15 -26.73 -7.39
C TRP A 482 26.28 -27.48 -8.08
N VAL A 483 27.14 -26.80 -8.82
CA VAL A 483 28.44 -27.33 -9.22
C VAL A 483 29.58 -26.70 -8.44
N LEU A 484 29.30 -25.77 -7.55
CA LEU A 484 30.31 -25.18 -6.71
C LEU A 484 30.55 -26.03 -5.47
N LEU A 485 31.73 -25.88 -4.88
CA LEU A 485 32.02 -26.47 -3.59
C LEU A 485 31.30 -25.67 -2.49
N ALA A 486 31.10 -26.33 -1.36
CA ALA A 486 30.41 -25.72 -0.21
C ALA A 486 31.43 -25.58 0.91
N THR A 487 31.77 -24.34 1.27
CA THR A 487 31.44 -23.05 0.69
C THR A 487 32.30 -22.77 -0.54
N PRO A 488 31.84 -21.92 -1.46
CA PRO A 488 32.69 -21.57 -2.61
C PRO A 488 33.80 -20.60 -2.20
N ALA A 489 34.68 -20.34 -3.16
CA ALA A 489 35.81 -19.46 -2.91
C ALA A 489 35.35 -18.01 -2.79
N HIS A 490 36.27 -17.15 -2.35
CA HIS A 490 35.94 -15.74 -2.21
C HIS A 490 35.68 -15.09 -3.56
N HIS A 491 36.41 -15.52 -4.58
CA HIS A 491 36.11 -15.19 -5.96
C HIS A 491 35.65 -16.50 -6.59
N ALA A 492 34.38 -16.80 -6.42
CA ALA A 492 33.79 -17.94 -7.10
C ALA A 492 33.71 -17.66 -8.60
N LEU A 493 33.68 -18.75 -9.38
CA LEU A 493 33.83 -18.69 -10.83
C LEU A 493 35.14 -17.98 -11.21
N SER A 494 36.23 -18.67 -10.91
CA SER A 494 37.57 -18.20 -11.26
C SER A 494 37.70 -18.00 -12.76
N GLN A 495 37.19 -18.93 -13.54
CA GLN A 495 36.99 -18.74 -14.97
C GLN A 495 35.50 -18.49 -15.21
N VAL A 496 35.18 -17.47 -16.00
CA VAL A 496 33.79 -17.15 -16.31
C VAL A 496 33.21 -18.25 -17.17
N PRO A 497 32.13 -18.92 -16.73
CA PRO A 497 31.56 -20.01 -17.51
C PRO A 497 30.82 -19.49 -18.72
N VAL A 498 30.84 -20.28 -19.79
CA VAL A 498 30.07 -19.93 -20.98
C VAL A 498 29.06 -21.01 -21.25
N LEU A 499 27.97 -20.61 -21.90
CA LEU A 499 26.89 -21.50 -22.29
C LEU A 499 27.02 -21.77 -23.78
N ARG A 500 27.28 -23.03 -24.14
CA ARG A 500 27.43 -23.41 -25.54
C ARG A 500 26.14 -24.02 -26.06
N THR A 501 25.60 -23.41 -27.11
CA THR A 501 24.45 -23.95 -27.81
C THR A 501 24.92 -25.01 -28.80
N ALA A 502 24.33 -26.19 -28.72
CA ALA A 502 24.77 -27.31 -29.54
C ALA A 502 24.22 -27.18 -30.96
N SER A 503 24.57 -28.14 -31.80
CA SER A 503 24.06 -28.17 -33.16
C SER A 503 22.60 -28.58 -33.23
N SER A 504 22.07 -29.16 -32.14
CA SER A 504 20.65 -29.50 -31.98
C SER A 504 20.11 -30.44 -33.06
N ASP B 144 -27.15 -7.81 15.03
CA ASP B 144 -27.31 -6.73 16.00
C ASP B 144 -26.08 -6.64 16.90
N SER B 145 -25.81 -7.70 17.65
CA SER B 145 -24.64 -7.80 18.49
C SER B 145 -23.95 -9.12 18.24
N PRO B 146 -22.63 -9.18 18.39
CA PRO B 146 -21.92 -10.44 18.16
C PRO B 146 -22.14 -11.44 19.29
N GLN B 147 -21.97 -12.71 18.94
CA GLN B 147 -22.23 -13.84 19.81
C GLN B 147 -20.96 -14.66 20.02
N PRO B 148 -20.85 -15.39 21.13
CA PRO B 148 -19.68 -16.26 21.32
C PRO B 148 -19.65 -17.42 20.34
N TRP B 149 -18.42 -17.80 19.96
CA TRP B 149 -18.12 -18.90 19.04
C TRP B 149 -18.76 -18.70 17.67
N GLN B 150 -18.96 -17.45 17.27
CA GLN B 150 -19.63 -17.13 16.03
C GLN B 150 -18.68 -17.31 14.84
N LEU B 151 -19.21 -17.85 13.74
CA LEU B 151 -18.41 -18.06 12.54
C LEU B 151 -18.66 -16.97 11.50
N LEU B 152 -19.91 -16.80 11.07
CA LEU B 152 -20.25 -15.93 9.95
C LEU B 152 -20.70 -14.55 10.44
N PHE B 153 -21.36 -13.79 9.57
CA PHE B 153 -21.75 -12.42 9.84
C PHE B 153 -22.86 -12.35 10.90
N GLN B 154 -23.13 -11.13 11.34
CA GLN B 154 -24.24 -10.84 12.23
C GLN B 154 -25.55 -10.79 11.42
N ASP B 155 -26.67 -10.66 12.11
CA ASP B 155 -27.97 -10.51 11.47
C ASP B 155 -28.15 -9.09 10.97
N THR B 156 -29.01 -8.93 9.96
CA THR B 156 -29.13 -7.68 9.21
C THR B 156 -30.47 -7.00 9.44
N ALA B 157 -30.47 -5.69 9.24
CA ALA B 157 -31.67 -4.87 9.34
C ALA B 157 -31.92 -4.02 8.10
N THR B 158 -31.08 -4.12 7.07
CA THR B 158 -31.26 -3.44 5.81
C THR B 158 -31.14 -4.45 4.67
N SER B 159 -31.71 -4.11 3.52
CA SER B 159 -31.57 -4.99 2.36
C SER B 159 -30.18 -4.90 1.74
N THR B 160 -29.51 -3.76 1.91
CA THR B 160 -28.17 -3.57 1.40
C THR B 160 -27.18 -4.53 2.03
N ALA B 161 -27.22 -4.65 3.37
CA ALA B 161 -26.28 -5.52 4.07
C ALA B 161 -26.55 -6.98 3.78
N GLN B 162 -27.82 -7.33 3.61
CA GLN B 162 -28.15 -8.70 3.23
C GLN B 162 -27.68 -9.01 1.81
N ALA B 163 -27.72 -8.01 0.94
CA ALA B 163 -27.15 -8.16 -0.40
C ALA B 163 -25.65 -8.38 -0.35
N MET B 164 -24.95 -7.65 0.53
CA MET B 164 -23.52 -7.84 0.72
C MET B 164 -23.20 -9.25 1.21
N ILE B 165 -23.96 -9.74 2.18
CA ILE B 165 -23.73 -11.07 2.73
C ILE B 165 -24.02 -12.15 1.70
N ASP B 166 -25.07 -11.96 0.89
CA ASP B 166 -25.38 -12.91 -0.17
C ASP B 166 -24.29 -12.93 -1.24
N LEU B 167 -23.72 -11.76 -1.57
CA LEU B 167 -22.59 -11.72 -2.50
C LEU B 167 -21.38 -12.46 -1.94
N HIS B 168 -21.12 -12.29 -0.64
CA HIS B 168 -20.02 -13.00 0.01
C HIS B 168 -20.21 -14.52 -0.06
N HIS B 169 -21.43 -14.98 0.18
CA HIS B 169 -21.68 -16.42 0.15
C HIS B 169 -21.62 -16.96 -1.28
N ASP B 170 -22.01 -16.13 -2.26
CA ASP B 170 -21.86 -16.53 -3.66
C ASP B 170 -20.40 -16.65 -4.07
N ILE B 171 -19.53 -15.76 -3.57
CA ILE B 171 -18.10 -15.89 -3.84
C ILE B 171 -17.55 -17.15 -3.16
N PHE B 172 -18.01 -17.41 -1.93
CA PHE B 172 -17.55 -18.57 -1.18
C PHE B 172 -17.93 -19.88 -1.85
N PHE B 173 -19.04 -19.88 -2.60
CA PHE B 173 -19.42 -21.02 -3.43
C PHE B 173 -18.29 -21.42 -4.38
N PHE B 174 -17.69 -20.45 -5.06
CA PHE B 174 -16.61 -20.75 -6.01
C PHE B 174 -15.32 -21.09 -5.27
N LEU B 175 -15.07 -20.40 -4.15
CA LEU B 175 -13.83 -20.61 -3.40
C LEU B 175 -13.74 -22.03 -2.85
N ILE B 176 -14.87 -22.61 -2.44
CA ILE B 176 -14.88 -23.97 -1.89
C ILE B 176 -14.42 -24.97 -2.94
N THR B 177 -14.94 -24.84 -4.17
CA THR B 177 -14.57 -25.74 -5.26
C THR B 177 -13.11 -25.56 -5.65
N VAL B 178 -12.63 -24.31 -5.67
CA VAL B 178 -11.23 -24.05 -5.99
C VAL B 178 -10.30 -24.72 -4.98
N VAL B 179 -10.59 -24.54 -3.69
CA VAL B 179 -9.73 -25.09 -2.64
C VAL B 179 -9.80 -26.61 -2.63
N THR B 180 -10.98 -27.18 -2.87
CA THR B 180 -11.12 -28.64 -2.92
C THR B 180 -10.31 -29.24 -4.06
N LEU B 181 -10.38 -28.61 -5.25
CA LEU B 181 -9.63 -29.12 -6.40
C LEU B 181 -8.13 -29.05 -6.15
N VAL B 182 -7.65 -27.93 -5.60
CA VAL B 182 -6.23 -27.76 -5.33
C VAL B 182 -5.75 -28.79 -4.31
N PHE B 183 -6.51 -28.96 -3.21
CA PHE B 183 -6.06 -29.82 -2.13
C PHE B 183 -6.09 -31.29 -2.51
N TYR B 184 -7.15 -31.71 -3.21
CA TYR B 184 -7.26 -33.11 -3.64
C TYR B 184 -6.19 -33.44 -4.68
N MET B 185 -5.96 -32.53 -5.64
CA MET B 185 -4.96 -32.80 -6.66
C MET B 185 -3.56 -32.81 -6.07
N MET B 186 -3.29 -31.93 -5.11
CA MET B 186 -2.00 -31.95 -4.41
C MET B 186 -1.78 -33.24 -3.65
N PHE B 187 -2.82 -33.74 -2.96
CA PHE B 187 -2.68 -35.01 -2.24
C PHE B 187 -2.40 -36.16 -3.18
N GLN B 188 -3.11 -36.22 -4.31
CA GLN B 188 -2.95 -37.34 -5.23
C GLN B 188 -1.61 -37.28 -5.95
N ILE B 189 -1.15 -36.07 -6.30
CA ILE B 189 0.16 -35.91 -6.93
C ILE B 189 1.27 -36.28 -5.96
N ILE B 190 1.09 -35.94 -4.67
CA ILE B 190 2.08 -36.28 -3.66
C ILE B 190 2.17 -37.79 -3.49
N THR B 191 1.02 -38.47 -3.40
CA THR B 191 1.08 -39.90 -3.08
C THR B 191 1.48 -40.74 -4.29
N LYS B 192 1.06 -40.35 -5.50
CA LYS B 192 1.26 -41.23 -6.64
C LYS B 192 2.60 -41.07 -7.34
N PHE B 193 3.39 -40.05 -6.98
CA PHE B 193 4.65 -39.79 -7.67
C PHE B 193 5.83 -39.77 -6.69
N HIS B 194 5.70 -40.48 -5.58
CA HIS B 194 6.82 -40.70 -4.70
C HIS B 194 7.84 -41.62 -5.36
N TYR B 195 9.12 -41.46 -5.00
CA TYR B 195 10.19 -42.14 -5.71
C TYR B 195 10.17 -43.65 -5.53
N SER B 196 9.51 -44.15 -4.50
CA SER B 196 9.31 -45.59 -4.37
C SER B 196 8.36 -46.13 -5.41
N LYS B 197 7.50 -45.28 -5.97
CA LYS B 197 6.62 -45.69 -7.06
C LYS B 197 7.23 -45.45 -8.43
N VAL B 198 8.13 -44.47 -8.56
CA VAL B 198 8.59 -43.96 -9.84
C VAL B 198 10.04 -44.38 -10.05
N LEU B 199 10.29 -45.11 -11.14
CA LEU B 199 11.66 -45.52 -11.46
C LEU B 199 12.49 -44.33 -11.95
N LYS B 200 11.94 -43.55 -12.88
CA LYS B 200 12.57 -42.32 -13.34
C LYS B 200 11.49 -41.43 -13.94
N PRO B 201 11.60 -40.10 -13.81
CA PRO B 201 10.47 -39.22 -14.18
C PRO B 201 10.21 -39.13 -15.68
N GLU B 202 9.16 -38.42 -16.03
CA GLU B 202 8.81 -38.18 -17.42
C GLU B 202 9.10 -36.74 -17.79
N LYS B 203 9.39 -36.51 -19.06
CA LYS B 203 9.69 -35.18 -19.56
C LYS B 203 8.36 -34.52 -19.95
N LEU B 204 7.92 -33.58 -19.14
CA LEU B 204 6.68 -32.86 -19.39
C LEU B 204 6.91 -31.40 -18.99
N THR B 205 7.23 -30.56 -19.97
CA THR B 205 7.53 -29.17 -19.73
C THR B 205 6.35 -28.26 -20.05
N HIS B 206 5.54 -28.62 -21.04
CA HIS B 206 4.43 -27.80 -21.49
C HIS B 206 3.25 -28.68 -21.86
N HIS B 207 2.06 -28.09 -21.78
CA HIS B 207 0.83 -28.70 -22.27
C HIS B 207 -0.11 -27.53 -22.60
N THR B 208 -0.23 -27.21 -23.89
CA THR B 208 -0.90 -25.97 -24.30
C THR B 208 -2.38 -25.99 -23.96
N THR B 209 -3.01 -27.16 -24.10
CA THR B 209 -4.44 -27.27 -23.84
C THR B 209 -4.77 -27.02 -22.38
N MET B 210 -4.03 -27.66 -21.46
CA MET B 210 -4.30 -27.48 -20.03
C MET B 210 -3.94 -26.08 -19.56
N GLU B 211 -2.89 -25.49 -20.14
CA GLU B 211 -2.53 -24.12 -19.81
C GLU B 211 -3.62 -23.14 -20.20
N VAL B 212 -4.16 -23.30 -21.43
CA VAL B 212 -5.25 -22.45 -21.88
C VAL B 212 -6.50 -22.69 -21.03
N ILE B 213 -6.73 -23.93 -20.62
CA ILE B 213 -7.93 -24.25 -19.83
C ILE B 213 -7.86 -23.61 -18.45
N TRP B 214 -6.74 -23.77 -17.74
CA TRP B 214 -6.69 -23.11 -16.43
C TRP B 214 -6.38 -21.63 -16.53
N THR B 215 -6.15 -21.09 -17.72
CA THR B 215 -6.16 -19.64 -17.85
C THR B 215 -7.57 -19.12 -18.11
N ILE B 216 -8.37 -19.84 -18.88
CA ILE B 216 -9.65 -19.29 -19.32
C ILE B 216 -10.80 -19.58 -18.33
N ILE B 217 -10.75 -20.68 -17.58
CA ILE B 217 -11.80 -20.94 -16.59
C ILE B 217 -11.83 -19.91 -15.45
N PRO B 218 -10.72 -19.54 -14.79
CA PRO B 218 -10.83 -18.52 -13.72
C PRO B 218 -11.22 -17.14 -14.21
N THR B 219 -10.94 -16.79 -15.47
CA THR B 219 -11.35 -15.47 -15.97
C THR B 219 -12.86 -15.38 -16.11
N LEU B 220 -13.49 -16.48 -16.54
CA LEU B 220 -14.95 -16.54 -16.58
C LEU B 220 -15.54 -16.44 -15.18
N ILE B 221 -14.89 -17.02 -14.18
CA ILE B 221 -15.35 -16.90 -12.80
C ILE B 221 -15.21 -15.46 -12.31
N VAL B 222 -14.13 -14.79 -12.71
CA VAL B 222 -13.94 -13.39 -12.34
C VAL B 222 -15.02 -12.51 -12.94
N VAL B 223 -15.37 -12.72 -14.21
CA VAL B 223 -16.38 -11.87 -14.82
C VAL B 223 -17.78 -12.26 -14.34
N MET B 224 -17.99 -13.52 -13.94
CA MET B 224 -19.26 -13.91 -13.35
C MET B 224 -19.45 -13.29 -11.98
N ILE B 225 -18.37 -13.14 -11.21
CA ILE B 225 -18.46 -12.50 -9.91
C ILE B 225 -18.63 -10.99 -10.06
N ALA B 226 -17.96 -10.39 -11.06
CA ALA B 226 -17.80 -8.93 -11.10
C ALA B 226 -19.11 -8.19 -11.34
N ILE B 227 -19.95 -8.69 -12.27
CA ILE B 227 -21.17 -7.97 -12.63
C ILE B 227 -22.15 -7.81 -11.48
N PRO B 228 -22.45 -8.83 -10.64
CA PRO B 228 -23.21 -8.54 -9.41
C PRO B 228 -22.52 -7.59 -8.45
N SER B 229 -21.19 -7.64 -8.33
CA SER B 229 -20.50 -6.71 -7.44
C SER B 229 -20.56 -5.28 -7.96
N LEU B 230 -20.42 -5.12 -9.27
CA LEU B 230 -20.61 -3.82 -9.90
C LEU B 230 -22.04 -3.31 -9.73
N THR B 231 -23.02 -4.21 -9.81
CA THR B 231 -24.40 -3.81 -9.58
C THR B 231 -24.63 -3.39 -8.13
N LEU B 232 -24.03 -4.10 -7.19
CA LEU B 232 -24.14 -3.76 -5.78
C LEU B 232 -23.49 -2.42 -5.45
N ILE B 233 -22.34 -2.12 -6.09
CA ILE B 233 -21.68 -0.84 -5.86
C ILE B 233 -22.55 0.32 -6.34
N TYR B 234 -23.18 0.17 -7.50
CA TYR B 234 -23.97 1.25 -8.06
C TYR B 234 -25.33 1.41 -7.39
N SER B 235 -25.81 0.41 -6.65
CA SER B 235 -27.09 0.51 -5.98
C SER B 235 -26.98 1.13 -4.60
N LEU B 236 -25.78 1.58 -4.21
CA LEU B 236 -25.60 2.16 -2.88
C LEU B 236 -26.28 3.52 -2.77
N ASP B 237 -26.40 4.26 -3.85
CA ASP B 237 -27.16 5.51 -3.84
C ASP B 237 -28.64 5.19 -4.01
N GLN B 238 -29.45 5.62 -3.06
CA GLN B 238 -30.88 5.34 -3.01
C GLN B 238 -31.66 6.62 -2.79
N HIS B 239 -31.29 7.67 -3.52
CA HIS B 239 -31.93 8.97 -3.39
C HIS B 239 -33.20 9.09 -4.23
N THR B 240 -33.79 7.99 -4.65
CA THR B 240 -34.98 8.00 -5.52
C THR B 240 -36.27 8.02 -4.71
N GLU B 241 -36.17 8.41 -3.45
CA GLU B 241 -37.31 8.57 -2.57
C GLU B 241 -37.23 9.96 -1.94
N ARG B 242 -38.20 10.29 -1.12
CA ARG B 242 -38.15 11.51 -0.33
C ARG B 242 -37.39 11.25 0.95
N PRO B 243 -36.28 11.95 1.22
CA PRO B 243 -35.56 11.73 2.48
C PRO B 243 -36.37 12.21 3.67
N GLY B 244 -36.37 11.42 4.73
CA GLY B 244 -37.20 11.73 5.87
C GLY B 244 -36.45 12.29 7.05
N LEU B 245 -35.12 12.26 7.02
CA LEU B 245 -34.35 12.62 8.20
C LEU B 245 -32.92 12.99 7.79
N THR B 246 -32.35 13.98 8.47
CA THR B 246 -30.93 14.28 8.37
C THR B 246 -30.26 14.11 9.74
N VAL B 247 -29.12 13.44 9.74
CA VAL B 247 -28.33 13.23 10.95
C VAL B 247 -26.89 13.61 10.62
N LYS B 248 -26.35 14.59 11.32
CA LYS B 248 -24.97 15.01 11.13
C LYS B 248 -24.12 14.37 12.24
N ILE B 249 -23.38 13.32 11.89
CA ILE B 249 -22.55 12.59 12.84
C ILE B 249 -21.15 13.16 12.83
N ILE B 250 -20.66 13.56 13.99
CA ILE B 250 -19.34 14.16 14.15
C ILE B 250 -18.51 13.26 15.06
N GLY B 251 -17.31 12.89 14.59
CA GLY B 251 -16.41 12.05 15.36
C GLY B 251 -15.32 12.87 16.03
N ARG B 252 -15.24 12.74 17.34
CA ARG B 252 -14.25 13.46 18.13
C ARG B 252 -13.40 12.47 18.93
N GLN B 253 -12.48 13.01 19.71
CA GLN B 253 -11.60 12.24 20.57
C GLN B 253 -12.01 12.50 22.02
N TRP B 254 -12.65 11.51 22.65
CA TRP B 254 -12.99 10.19 22.12
C TRP B 254 -14.47 9.86 22.28
N TYR B 255 -15.34 10.72 21.77
CA TYR B 255 -16.77 10.52 21.82
C TYR B 255 -17.41 10.90 20.50
N TRP B 256 -18.47 10.19 20.13
CA TRP B 256 -19.29 10.58 18.99
C TRP B 256 -20.22 11.72 19.39
N SER B 257 -20.58 12.55 18.42
CA SER B 257 -21.52 13.65 18.63
C SER B 257 -22.55 13.64 17.52
N TYR B 258 -23.82 13.80 17.88
CA TYR B 258 -24.93 13.66 16.96
C TYR B 258 -25.74 14.95 16.89
N GLU B 259 -26.14 15.31 15.68
CA GLU B 259 -26.86 16.55 15.42
C GLU B 259 -28.04 16.29 14.50
N MET B 260 -28.99 17.22 14.54
CA MET B 260 -30.16 17.18 13.67
C MET B 260 -30.74 18.58 13.62
N HIS B 261 -31.22 18.99 12.45
CA HIS B 261 -31.98 20.24 12.35
C HIS B 261 -32.97 20.09 11.19
N ASP B 262 -34.20 19.72 11.50
CA ASP B 262 -35.26 19.53 10.53
C ASP B 262 -36.45 20.39 10.93
N HIS B 263 -37.55 20.24 10.20
CA HIS B 263 -38.78 20.96 10.48
C HIS B 263 -39.95 20.01 10.46
N LEU B 264 -40.81 20.11 11.47
CA LEU B 264 -41.98 19.26 11.59
C LEU B 264 -43.22 20.07 11.24
N GLN B 265 -44.01 19.57 10.30
CA GLN B 265 -45.24 20.20 9.88
C GLN B 265 -46.35 19.16 9.84
N HIS B 266 -47.57 19.60 10.10
CA HIS B 266 -48.70 18.70 10.17
C HIS B 266 -49.64 18.92 9.00
N LYS B 267 -50.29 17.84 8.58
CA LYS B 267 -51.19 17.84 7.44
C LYS B 267 -52.47 17.12 7.82
N LEU B 268 -53.61 17.71 7.46
CA LEU B 268 -54.91 17.14 7.79
C LEU B 268 -55.12 15.84 7.04
N LEU B 269 -55.36 14.76 7.77
CA LEU B 269 -55.46 13.43 7.18
C LEU B 269 -56.83 13.26 6.55
N ASP B 270 -56.86 13.16 5.22
CA ASP B 270 -58.03 13.01 4.37
C ASP B 270 -59.05 14.12 4.66
N PRO B 271 -58.77 15.35 4.22
CA PRO B 271 -59.66 16.47 4.61
C PRO B 271 -60.99 16.49 3.87
N ASP B 272 -61.08 15.80 2.72
CA ASP B 272 -62.29 15.88 1.91
C ASP B 272 -63.47 15.20 2.57
N ARG B 273 -63.24 14.21 3.42
CA ARG B 273 -64.32 13.67 4.23
C ARG B 273 -64.81 14.70 5.23
N LEU B 274 -63.88 15.42 5.88
CA LEU B 274 -64.26 16.52 6.75
C LEU B 274 -64.88 17.67 5.97
N VAL B 275 -64.44 17.89 4.72
CA VAL B 275 -65.03 18.90 3.87
C VAL B 275 -66.49 18.55 3.55
N GLY B 276 -66.76 17.29 3.23
CA GLY B 276 -68.12 16.86 3.01
C GLY B 276 -68.97 16.88 4.27
N ILE B 277 -68.36 16.58 5.42
CA ILE B 277 -69.06 16.66 6.69
C ILE B 277 -69.47 18.10 6.98
N ALA B 278 -68.57 19.05 6.73
CA ALA B 278 -68.93 20.47 6.85
C ALA B 278 -69.96 20.88 5.81
N GLU B 279 -69.92 20.28 4.62
CA GLU B 279 -70.91 20.56 3.59
C GLU B 279 -72.31 20.15 4.03
N LYS B 280 -72.44 18.95 4.58
CA LYS B 280 -73.74 18.52 5.08
C LYS B 280 -74.08 19.10 6.46
N ALA B 281 -73.12 19.74 7.13
CA ALA B 281 -73.44 20.50 8.33
C ALA B 281 -73.92 21.91 8.01
N LEU B 282 -73.50 22.46 6.86
CA LEU B 282 -73.97 23.77 6.43
C LEU B 282 -75.18 23.72 5.51
N VAL B 283 -75.46 22.59 4.86
CA VAL B 283 -76.62 22.55 3.98
C VAL B 283 -77.91 22.44 4.80
N LYS B 284 -77.82 21.93 6.04
CA LYS B 284 -78.98 21.85 6.92
C LYS B 284 -78.70 22.52 8.26
N MET C 1 -79.28 40.13 5.91
CA MET C 1 -79.16 40.23 7.35
C MET C 1 -79.02 38.83 7.92
N SER C 2 -80.15 38.15 8.17
CA SER C 2 -80.13 36.73 8.46
C SER C 2 -80.80 35.89 7.38
N GLU C 3 -81.77 36.47 6.66
CA GLU C 3 -82.34 35.77 5.52
C GLU C 3 -81.33 35.67 4.39
N SER C 4 -80.48 36.68 4.22
CA SER C 4 -79.39 36.62 3.24
C SER C 4 -78.39 35.52 3.60
N LYS C 5 -78.17 35.30 4.89
CA LYS C 5 -77.43 34.12 5.33
C LYS C 5 -78.16 32.84 4.95
N ASP C 6 -79.48 32.82 5.19
CA ASP C 6 -80.29 31.68 4.79
C ASP C 6 -80.42 31.61 3.27
N GLN C 7 -80.39 32.76 2.58
CA GLN C 7 -80.37 32.73 1.12
C GLN C 7 -79.02 32.22 0.61
N LEU C 8 -77.93 32.50 1.33
CA LEU C 8 -76.64 31.90 0.96
C LEU C 8 -76.66 30.40 1.17
N LYS C 9 -77.31 29.93 2.24
CA LYS C 9 -77.50 28.50 2.44
C LYS C 9 -78.37 27.89 1.35
N GLU C 10 -79.40 28.61 0.90
CA GLU C 10 -80.23 28.14 -0.20
C GLU C 10 -79.46 28.11 -1.52
N LYS C 11 -78.55 29.06 -1.73
CA LYS C 11 -77.69 29.02 -2.91
C LYS C 11 -76.68 27.89 -2.83
N LEU C 12 -76.26 27.54 -1.62
CA LEU C 12 -75.47 26.31 -1.42
C LEU C 12 -76.30 25.08 -1.79
N LYS C 13 -77.59 25.10 -1.44
CA LYS C 13 -78.49 24.00 -1.81
C LYS C 13 -78.68 23.92 -3.32
N ALA C 14 -78.69 25.07 -3.99
CA ALA C 14 -79.09 25.13 -5.40
C ALA C 14 -77.92 24.95 -6.35
N ASP C 15 -76.92 25.84 -6.29
CA ASP C 15 -75.85 25.86 -7.27
C ASP C 15 -74.74 24.90 -6.86
N PRO C 16 -74.40 23.90 -7.69
CA PRO C 16 -73.26 23.04 -7.36
C PRO C 16 -71.92 23.77 -7.42
N SER C 17 -71.77 24.77 -8.30
CA SER C 17 -70.51 25.50 -8.39
C SER C 17 -70.28 26.36 -7.14
N PHE C 18 -71.32 27.04 -6.65
CA PHE C 18 -71.22 27.78 -5.41
C PHE C 18 -70.98 26.85 -4.23
N ARG C 19 -71.59 25.65 -4.27
CA ARG C 19 -71.37 24.65 -3.22
C ARG C 19 -69.93 24.20 -3.18
N ALA C 20 -69.34 23.93 -4.35
CA ALA C 20 -67.94 23.52 -4.41
C ALA C 20 -67.00 24.65 -4.02
N GLU C 21 -67.36 25.89 -4.38
CA GLU C 21 -66.54 27.04 -4.01
C GLU C 21 -66.55 27.27 -2.51
N LEU C 22 -67.71 27.15 -1.87
CA LEU C 22 -67.76 27.32 -0.42
C LEU C 22 -67.15 26.12 0.31
N LYS C 23 -67.20 24.93 -0.30
CA LYS C 23 -66.45 23.79 0.22
C LYS C 23 -64.94 24.06 0.19
N ASP C 24 -64.46 24.66 -0.90
CA ASP C 24 -63.07 25.05 -0.99
C ASP C 24 -62.73 26.14 0.01
N ARG C 25 -63.68 27.05 0.28
CA ARG C 25 -63.46 28.06 1.31
C ARG C 25 -63.38 27.43 2.71
N ILE C 26 -64.21 26.42 2.97
CA ILE C 26 -64.13 25.67 4.22
C ILE C 26 -62.79 24.98 4.34
N LYS C 27 -62.31 24.38 3.24
CA LYS C 27 -61.01 23.72 3.23
C LYS C 27 -59.88 24.71 3.48
N ASN C 28 -59.98 25.91 2.90
CA ASN C 28 -58.97 26.95 3.12
C ASN C 28 -58.99 27.43 4.56
N ALA C 29 -60.17 27.56 5.16
CA ALA C 29 -60.25 28.00 6.54
C ALA C 29 -59.79 26.95 7.52
N LEU C 30 -60.00 25.66 7.21
CA LEU C 30 -59.52 24.59 8.08
C LEU C 30 -58.01 24.47 8.04
N LEU C 31 -57.39 24.80 6.90
CA LEU C 31 -55.93 24.80 6.83
C LEU C 31 -55.32 25.93 7.64
N SER C 32 -56.10 26.96 7.99
CA SER C 32 -55.64 28.02 8.87
C SER C 32 -55.75 27.62 10.35
N LYS C 33 -56.32 26.46 10.64
CA LYS C 33 -56.33 25.91 11.99
C LYS C 33 -55.18 24.94 12.24
N VAL C 34 -54.46 24.55 11.19
CA VAL C 34 -53.31 23.64 11.31
C VAL C 34 -52.14 24.40 11.92
N PRO C 35 -51.42 23.83 12.88
CA PRO C 35 -50.26 24.52 13.46
C PRO C 35 -49.14 24.69 12.44
N ALA C 36 -48.35 25.75 12.64
CA ALA C 36 -47.27 26.07 11.72
C ALA C 36 -46.10 25.11 11.91
N SER C 37 -45.13 25.21 11.00
CA SER C 37 -43.95 24.36 11.06
C SER C 37 -43.07 24.77 12.24
N VAL C 38 -42.53 23.78 12.93
CA VAL C 38 -41.64 24.01 14.07
C VAL C 38 -40.33 23.28 13.82
N PRO C 39 -39.19 23.83 14.27
CA PRO C 39 -37.92 23.14 14.06
C PRO C 39 -37.63 22.09 15.13
N ILE C 40 -37.11 20.95 14.68
CA ILE C 40 -36.66 19.88 15.55
C ILE C 40 -35.14 19.87 15.49
N SER C 41 -34.50 20.06 16.64
CA SER C 41 -33.06 20.18 16.67
C SER C 41 -32.50 19.63 17.98
N TYR C 42 -31.32 19.03 17.90
CA TYR C 42 -30.58 18.63 19.09
C TYR C 42 -29.09 18.63 18.80
N ASN C 43 -28.30 18.60 19.87
CA ASN C 43 -26.85 18.50 19.80
C ASN C 43 -26.36 17.84 21.08
N PHE C 44 -26.17 16.53 21.06
CA PHE C 44 -25.72 15.80 22.23
C PHE C 44 -24.56 14.89 21.88
N ASP C 45 -23.80 14.53 22.92
CA ASP C 45 -22.64 13.65 22.79
C ASP C 45 -22.94 12.26 23.32
N SER C 46 -22.21 11.27 22.81
CA SER C 46 -22.38 9.88 23.17
C SER C 46 -21.07 9.35 23.72
N TYR C 47 -21.09 8.88 24.96
CA TYR C 47 -19.91 8.40 25.66
C TYR C 47 -20.11 6.94 26.05
N MET C 48 -19.02 6.18 26.06
CA MET C 48 -19.09 4.80 26.51
C MET C 48 -19.36 4.73 28.01
N LEU C 49 -20.19 3.78 28.42
CA LEU C 49 -20.43 3.55 29.84
C LEU C 49 -19.26 2.79 30.45
N THR C 50 -18.72 3.32 31.54
CA THR C 50 -17.59 2.69 32.20
C THR C 50 -18.00 1.40 32.92
N GLU C 51 -19.10 1.45 33.66
CA GLU C 51 -19.59 0.31 34.43
C GLU C 51 -20.95 -0.10 33.90
N VAL C 52 -21.11 -1.36 33.56
CA VAL C 52 -22.35 -1.87 32.99
C VAL C 52 -23.10 -2.68 34.04
N GLN C 53 -24.34 -3.01 33.71
CA GLN C 53 -25.26 -3.77 34.52
C GLN C 53 -25.74 -4.95 33.69
N PRO C 54 -26.21 -6.04 34.32
CA PRO C 54 -26.61 -7.21 33.55
C PRO C 54 -27.77 -6.92 32.60
N GLY C 55 -27.68 -7.49 31.40
CA GLY C 55 -28.53 -7.11 30.30
C GLY C 55 -27.88 -6.14 29.33
N GLN C 56 -26.82 -5.46 29.75
CA GLN C 56 -26.03 -4.59 28.89
C GLN C 56 -24.78 -5.32 28.42
N LEU C 57 -24.15 -4.76 27.40
CA LEU C 57 -22.94 -5.32 26.80
C LEU C 57 -21.76 -4.47 27.18
N ARG C 58 -20.70 -5.11 27.68
CA ARG C 58 -19.47 -4.39 27.99
C ARG C 58 -18.79 -3.92 26.72
N VAL C 59 -18.11 -2.76 26.83
CA VAL C 59 -17.41 -1.99 25.79
C VAL C 59 -18.39 -1.35 24.82
N LEU C 60 -19.38 -2.10 24.32
CA LEU C 60 -20.26 -1.65 23.27
C LEU C 60 -21.33 -0.65 23.71
N GLU C 61 -21.57 -0.49 25.00
CA GLU C 61 -22.70 0.32 25.48
C GLU C 61 -22.35 1.79 25.58
N VAL C 62 -23.30 2.65 25.20
CA VAL C 62 -23.14 4.10 25.32
C VAL C 62 -24.12 4.66 26.34
N ASP C 63 -24.00 5.94 26.65
CA ASP C 63 -24.98 6.58 27.51
C ASP C 63 -26.15 7.18 26.74
N GLU C 64 -25.88 7.80 25.58
CA GLU C 64 -26.91 8.39 24.75
C GLU C 64 -26.87 7.72 23.38
N ARG C 65 -27.96 7.05 23.03
CA ARG C 65 -28.03 6.32 21.78
C ARG C 65 -28.39 7.25 20.63
N LEU C 66 -28.49 6.70 19.43
CA LEU C 66 -29.00 7.42 18.28
C LEU C 66 -30.33 6.80 17.89
N VAL C 67 -31.38 7.62 17.88
CA VAL C 67 -32.74 7.14 17.61
C VAL C 67 -33.08 7.43 16.16
N LEU C 68 -33.43 6.37 15.43
CA LEU C 68 -33.74 6.46 14.01
C LEU C 68 -35.05 5.72 13.72
N PRO C 69 -35.99 6.33 13.02
CA PRO C 69 -37.20 5.60 12.64
C PRO C 69 -36.93 4.60 11.54
N THR C 70 -37.78 3.58 11.47
CA THR C 70 -37.69 2.58 10.42
C THR C 70 -38.51 3.00 9.20
N ASN C 71 -38.29 2.28 8.10
CA ASN C 71 -39.04 2.41 6.85
C ASN C 71 -38.97 3.82 6.27
N THR C 72 -37.86 4.50 6.48
CA THR C 72 -37.73 5.91 6.16
C THR C 72 -36.34 6.15 5.59
N LEU C 73 -36.28 6.91 4.50
CA LEU C 73 -35.00 7.23 3.88
C LEU C 73 -34.29 8.27 4.72
N ILE C 74 -33.13 7.92 5.26
CA ILE C 74 -32.37 8.78 6.18
C ILE C 74 -31.05 9.13 5.52
N ARG C 75 -30.71 10.41 5.55
CA ARG C 75 -29.41 10.89 5.10
C ARG C 75 -28.51 11.10 6.31
N LEU C 76 -27.38 10.38 6.34
CA LEU C 76 -26.40 10.49 7.42
C LEU C 76 -25.15 11.17 6.85
N LEU C 77 -24.81 12.33 7.41
CA LEU C 77 -23.63 13.08 7.00
C LEU C 77 -22.52 12.85 8.03
N VAL C 78 -21.49 12.11 7.64
CA VAL C 78 -20.42 11.71 8.56
C VAL C 78 -19.23 12.63 8.38
N THR C 79 -18.74 13.19 9.49
CA THR C 79 -17.57 14.06 9.47
C THR C 79 -16.84 13.92 10.80
N ALA C 80 -15.74 14.67 10.94
CA ALA C 80 -14.93 14.63 12.15
C ALA C 80 -14.34 16.01 12.39
N SER C 81 -13.81 16.21 13.58
CA SER C 81 -13.29 17.52 13.99
C SER C 81 -11.78 17.58 14.13
N ASP C 82 -11.13 16.52 14.62
CA ASP C 82 -9.70 16.60 14.89
C ASP C 82 -8.87 15.59 14.13
N VAL C 83 -9.20 14.30 14.20
CA VAL C 83 -8.47 13.26 13.48
C VAL C 83 -9.48 12.45 12.67
N LEU C 84 -8.99 11.38 12.05
CA LEU C 84 -9.87 10.48 11.31
C LEU C 84 -10.58 9.54 12.26
N HIS C 85 -11.84 9.21 11.92
CA HIS C 85 -12.61 8.20 12.60
C HIS C 85 -13.36 7.39 11.56
N SER C 86 -14.24 6.50 12.01
CA SER C 86 -15.06 5.71 11.09
C SER C 86 -16.31 5.26 11.83
N TRP C 87 -17.47 5.54 11.24
CA TRP C 87 -18.76 5.16 11.83
C TRP C 87 -19.18 3.82 11.25
N ALA C 88 -19.04 2.76 12.03
CA ALA C 88 -19.34 1.41 11.57
C ALA C 88 -20.42 0.78 12.42
N VAL C 89 -21.53 0.39 11.81
CA VAL C 89 -22.56 -0.43 12.43
C VAL C 89 -22.76 -1.66 11.56
N PRO C 90 -22.23 -2.82 11.96
CA PRO C 90 -22.29 -4.00 11.09
C PRO C 90 -23.67 -4.57 10.86
N ALA C 91 -24.65 -4.22 11.69
CA ALA C 91 -26.01 -4.71 11.46
C ALA C 91 -26.65 -4.01 10.28
N LEU C 92 -26.41 -2.71 10.14
CA LEU C 92 -26.98 -1.91 9.07
C LEU C 92 -26.13 -1.92 7.81
N GLY C 93 -24.93 -2.50 7.85
CA GLY C 93 -24.07 -2.52 6.67
C GLY C 93 -23.41 -1.21 6.35
N VAL C 94 -23.27 -0.31 7.34
CA VAL C 94 -22.76 1.03 7.13
C VAL C 94 -21.38 1.11 7.76
N LYS C 95 -20.39 1.53 6.97
CA LYS C 95 -19.05 1.82 7.49
C LYS C 95 -18.45 2.90 6.60
N MET C 96 -18.48 4.14 7.07
CA MET C 96 -17.93 5.24 6.31
C MET C 96 -17.02 6.08 7.19
N ASP C 97 -15.87 6.45 6.65
CA ASP C 97 -14.85 7.14 7.43
C ASP C 97 -15.21 8.59 7.65
N ALA C 98 -14.91 9.08 8.85
CA ALA C 98 -15.16 10.46 9.24
C ALA C 98 -13.89 11.26 9.05
N VAL C 99 -13.90 12.17 8.08
CA VAL C 99 -12.71 12.90 7.66
C VAL C 99 -12.91 14.38 7.98
N PRO C 100 -11.96 15.02 8.66
CA PRO C 100 -12.09 16.47 8.93
C PRO C 100 -12.02 17.31 7.66
N GLY C 101 -13.16 17.90 7.29
CA GLY C 101 -13.29 18.68 6.07
C GLY C 101 -14.28 18.09 5.09
N ARG C 102 -14.47 16.78 5.12
CA ARG C 102 -15.40 16.13 4.22
C ARG C 102 -16.76 15.96 4.88
N LEU C 103 -17.74 15.55 4.08
CA LEU C 103 -19.09 15.32 4.58
C LEU C 103 -19.65 14.14 3.79
N ASN C 104 -19.35 12.93 4.25
CA ASN C 104 -19.69 11.71 3.53
C ASN C 104 -21.12 11.32 3.84
N GLN C 105 -21.93 11.10 2.79
CA GLN C 105 -23.34 10.81 2.99
C GLN C 105 -23.63 9.33 2.77
N VAL C 106 -24.56 8.81 3.58
CA VAL C 106 -25.04 7.44 3.46
C VAL C 106 -26.56 7.49 3.36
N TRP C 107 -27.12 6.73 2.43
CA TRP C 107 -28.56 6.53 2.32
C TRP C 107 -28.89 5.17 2.93
N MET C 108 -29.82 5.15 3.88
CA MET C 108 -30.08 3.96 4.66
C MET C 108 -31.57 3.81 4.94
N SER C 109 -32.06 2.58 4.86
CA SER C 109 -33.48 2.25 5.10
C SER C 109 -33.54 1.00 5.97
N ILE C 110 -34.06 1.15 7.18
CA ILE C 110 -34.06 0.08 8.18
C ILE C 110 -35.36 -0.70 8.09
N ASN C 111 -35.26 -2.02 7.93
CA ASN C 111 -36.41 -2.88 7.73
C ASN C 111 -37.15 -3.23 9.01
N ARG C 112 -36.46 -3.34 10.13
CA ARG C 112 -37.10 -3.81 11.36
C ARG C 112 -36.61 -2.99 12.54
N GLU C 113 -37.36 -3.06 13.64
CA GLU C 113 -36.90 -2.47 14.88
C GLU C 113 -35.88 -3.38 15.57
N GLY C 114 -35.15 -2.80 16.50
CA GLY C 114 -34.08 -3.52 17.17
C GLY C 114 -33.08 -2.54 17.73
N VAL C 115 -32.00 -3.09 18.27
CA VAL C 115 -30.88 -2.32 18.79
C VAL C 115 -29.62 -2.82 18.13
N PHE C 116 -28.85 -1.91 17.54
CA PHE C 116 -27.70 -2.28 16.72
C PHE C 116 -26.43 -1.65 17.26
N TYR C 117 -25.40 -2.47 17.43
CA TYR C 117 -24.15 -2.10 18.09
C TYR C 117 -23.02 -1.98 17.06
N GLY C 118 -22.10 -1.06 17.34
CA GLY C 118 -20.94 -0.88 16.49
C GLY C 118 -19.84 -0.14 17.22
N GLN C 119 -18.66 -0.15 16.61
CA GLN C 119 -17.47 0.51 17.15
C GLN C 119 -16.80 1.33 16.07
N CYS C 120 -15.85 2.15 16.48
CA CYS C 120 -15.07 2.92 15.52
C CYS C 120 -14.11 2.02 14.76
N SER C 121 -13.93 2.32 13.48
CA SER C 121 -13.13 1.47 12.60
C SER C 121 -12.03 2.27 11.91
N GLU C 122 -11.46 3.24 12.61
CA GLU C 122 -10.26 3.91 12.14
C GLU C 122 -9.44 4.31 13.35
N LEU C 123 -8.15 3.96 13.33
CA LEU C 123 -7.27 4.22 14.47
C LEU C 123 -7.13 5.71 14.71
N CYS C 124 -7.49 6.15 15.90
CA CYS C 124 -7.58 7.56 16.23
C CYS C 124 -6.88 7.92 17.52
N GLY C 125 -6.10 7.01 18.10
CA GLY C 125 -5.35 7.38 19.28
C GLY C 125 -5.42 6.37 20.40
N ALA C 126 -5.26 6.86 21.63
CA ALA C 126 -5.16 5.98 22.80
C ALA C 126 -6.47 5.25 23.06
N ASN C 127 -7.60 5.95 22.93
CA ASN C 127 -8.91 5.38 23.25
C ASN C 127 -9.71 5.04 22.00
N HIS C 128 -9.03 4.50 20.97
CA HIS C 128 -9.71 4.02 19.78
C HIS C 128 -10.63 2.85 20.11
N SER C 129 -10.28 2.06 21.14
CA SER C 129 -11.07 0.91 21.56
C SER C 129 -12.34 1.27 22.30
N PHE C 130 -12.55 2.54 22.66
CA PHE C 130 -13.64 2.91 23.55
C PHE C 130 -14.52 4.01 22.98
N MET C 131 -14.91 3.89 21.70
CA MET C 131 -15.88 4.78 21.06
C MET C 131 -16.95 3.96 20.37
N PRO C 132 -17.88 3.39 21.12
CA PRO C 132 -18.88 2.50 20.51
C PRO C 132 -20.06 3.27 19.93
N ILE C 133 -20.84 2.56 19.12
CA ILE C 133 -21.99 3.10 18.43
C ILE C 133 -23.19 2.21 18.72
N VAL C 134 -24.28 2.80 19.20
CA VAL C 134 -25.54 2.09 19.41
C VAL C 134 -26.65 2.88 18.71
N VAL C 135 -27.44 2.19 17.90
CA VAL C 135 -28.56 2.78 17.17
C VAL C 135 -29.85 2.14 17.65
N GLU C 136 -30.80 2.98 18.08
CA GLU C 136 -32.11 2.54 18.53
C GLU C 136 -33.12 2.78 17.40
N ALA C 137 -33.77 1.72 16.94
CA ALA C 137 -34.66 1.78 15.79
C ALA C 137 -36.10 1.56 16.21
N ILE C 138 -36.94 2.57 16.00
CA ILE C 138 -38.34 2.53 16.41
C ILE C 138 -39.24 2.73 15.20
N SER C 139 -40.54 2.56 15.38
CA SER C 139 -41.50 2.77 14.30
C SER C 139 -41.59 4.25 13.96
N PRO C 140 -41.92 4.59 12.70
CA PRO C 140 -42.01 6.01 12.32
C PRO C 140 -43.09 6.79 13.06
N ARG C 141 -44.21 6.17 13.44
CA ARG C 141 -45.25 6.91 14.15
C ARG C 141 -44.80 7.28 15.56
N GLN C 142 -44.08 6.39 16.23
CA GLN C 142 -43.52 6.69 17.54
C GLN C 142 -42.50 7.82 17.45
N PHE C 143 -41.63 7.76 16.43
CA PHE C 143 -40.62 8.79 16.23
C PHE C 143 -41.26 10.14 15.93
N LEU C 144 -42.35 10.15 15.15
CA LEU C 144 -42.94 11.41 14.72
C LEU C 144 -43.94 11.98 15.72
N THR C 145 -44.45 11.17 16.65
CA THR C 145 -45.43 11.65 17.60
C THR C 145 -44.92 11.77 19.03
N GLU C 146 -43.85 11.07 19.39
CA GLU C 146 -43.37 11.06 20.76
C GLU C 146 -41.95 11.56 20.90
N TYR C 147 -41.02 11.05 20.09
CA TYR C 147 -39.61 11.34 20.29
C TYR C 147 -39.26 12.76 19.89
N VAL C 148 -39.85 13.28 18.80
CA VAL C 148 -39.49 14.61 18.33
C VAL C 148 -40.04 15.70 19.22
N LYS C 149 -41.07 15.40 20.03
CA LYS C 149 -41.59 16.38 20.98
C LYS C 149 -40.62 16.64 22.12
N LYS C 150 -39.64 15.77 22.32
CA LYS C 150 -38.62 15.99 23.33
C LYS C 150 -37.67 17.11 22.94
N TRP C 151 -37.62 17.50 21.67
CA TRP C 151 -36.70 18.52 21.18
C TRP C 151 -37.40 19.80 20.75
N ILE C 152 -38.66 19.99 21.11
CA ILE C 152 -39.38 21.20 20.78
C ILE C 152 -39.25 22.17 21.95
N SER C 153 -38.70 23.35 21.69
CA SER C 153 -38.53 24.36 22.71
C SER C 153 -39.82 25.13 22.93
N HIS D 117 52.55 -5.66 -3.53
CA HIS D 117 52.17 -4.42 -4.19
C HIS D 117 52.60 -4.41 -5.65
N GLN D 118 53.90 -4.66 -5.86
CA GLN D 118 54.40 -4.82 -7.23
C GLN D 118 53.94 -6.15 -7.83
N THR D 119 53.68 -7.14 -6.99
CA THR D 119 53.04 -8.38 -7.42
C THR D 119 51.53 -8.35 -7.24
N ALA D 120 50.99 -7.29 -6.63
CA ALA D 120 49.54 -7.14 -6.56
C ALA D 120 48.96 -6.87 -7.95
N LYS D 121 49.61 -6.00 -8.72
CA LYS D 121 49.22 -5.78 -10.11
C LYS D 121 49.41 -7.04 -10.94
N GLU D 122 50.51 -7.78 -10.68
CA GLU D 122 50.74 -9.04 -11.36
C GLU D 122 49.66 -10.06 -11.03
N PHE D 123 49.28 -10.15 -9.76
CA PHE D 123 48.22 -11.08 -9.35
C PHE D 123 46.89 -10.70 -9.96
N TYR D 124 46.58 -9.40 -10.01
CA TYR D 124 45.35 -8.93 -10.64
C TYR D 124 45.32 -9.30 -12.12
N MET D 125 46.43 -9.06 -12.84
CA MET D 125 46.47 -9.42 -14.25
C MET D 125 46.39 -10.92 -14.44
N GLU D 126 46.92 -11.69 -13.49
CA GLU D 126 46.91 -13.14 -13.66
C GLU D 126 45.53 -13.72 -13.38
N HIS D 127 44.75 -13.11 -12.48
CA HIS D 127 43.54 -13.78 -12.01
C HIS D 127 42.24 -13.08 -12.36
N ILE D 128 42.21 -11.76 -12.52
CA ILE D 128 40.99 -11.02 -12.80
C ILE D 128 41.03 -10.35 -14.17
N GLY D 129 42.08 -9.57 -14.43
CA GLY D 129 42.10 -8.70 -15.60
C GLY D 129 42.18 -9.44 -16.92
N LYS D 130 42.89 -10.55 -16.96
CA LYS D 130 43.07 -11.29 -18.20
C LYS D 130 41.99 -12.34 -18.41
N ARG D 131 41.00 -12.42 -17.52
CA ARG D 131 39.98 -13.46 -17.59
C ARG D 131 38.59 -12.93 -17.93
N HIS D 132 38.25 -11.73 -17.46
CA HIS D 132 36.97 -11.10 -17.77
C HIS D 132 37.20 -9.60 -17.82
N PRO D 133 36.40 -8.86 -18.59
CA PRO D 133 36.58 -7.40 -18.67
C PRO D 133 35.87 -6.59 -17.59
N PHE D 134 35.41 -7.20 -16.50
CA PHE D 134 34.72 -6.46 -15.45
C PHE D 134 35.68 -6.13 -14.32
N HIS D 135 35.27 -5.17 -13.49
CA HIS D 135 36.15 -4.56 -12.50
C HIS D 135 35.82 -5.06 -11.10
N VAL D 136 36.83 -5.54 -10.39
CA VAL D 136 36.71 -6.10 -9.04
C VAL D 136 37.40 -5.16 -8.08
N LEU D 137 36.67 -4.71 -7.06
CA LEU D 137 37.20 -3.67 -6.19
C LEU D 137 37.89 -4.26 -4.96
N PRO D 138 38.90 -3.56 -4.44
CA PRO D 138 39.43 -3.90 -3.12
C PRO D 138 38.50 -3.40 -2.03
N PRO D 139 38.64 -3.89 -0.80
CA PRO D 139 37.78 -3.43 0.30
C PRO D 139 37.89 -1.94 0.59
N SER D 140 36.77 -1.36 1.00
CA SER D 140 36.60 0.08 1.07
C SER D 140 35.89 0.50 2.36
N PRO D 141 36.27 1.63 2.95
CA PRO D 141 35.63 2.08 4.20
C PRO D 141 34.49 3.10 4.06
N TRP D 142 34.22 3.60 2.87
CA TRP D 142 33.27 4.69 2.70
C TRP D 142 31.77 4.36 2.83
N PRO D 143 31.26 3.18 2.42
CA PRO D 143 29.83 2.90 2.67
C PRO D 143 29.41 2.95 4.14
N MET D 144 30.23 2.39 5.04
CA MET D 144 29.88 2.39 6.46
C MET D 144 29.87 3.80 7.04
N LEU D 145 30.87 4.60 6.67
CA LEU D 145 30.96 5.96 7.15
C LEU D 145 29.81 6.82 6.61
N ALA D 146 29.41 6.58 5.36
CA ALA D 146 28.27 7.30 4.80
C ALA D 146 26.97 6.91 5.49
N GLY D 147 26.80 5.63 5.82
CA GLY D 147 25.60 5.20 6.54
C GLY D 147 25.49 5.80 7.93
N TRP D 148 26.59 5.80 8.69
CA TRP D 148 26.50 6.38 10.01
C TRP D 148 26.48 7.91 9.98
N GLY D 149 26.99 8.52 8.92
CA GLY D 149 26.76 9.93 8.71
C GLY D 149 25.29 10.25 8.46
N THR D 150 24.58 9.35 7.75
CA THR D 150 23.14 9.54 7.60
C THR D 150 22.42 9.41 8.93
N TYR D 151 22.89 8.50 9.79
CA TYR D 151 22.32 8.37 11.13
C TYR D 151 22.48 9.65 11.94
N VAL D 152 23.69 10.23 11.94
CA VAL D 152 23.95 11.45 12.69
C VAL D 152 23.14 12.63 12.13
N SER D 153 23.07 12.75 10.80
CA SER D 153 22.34 13.85 10.20
C SER D 153 20.83 13.71 10.39
N CYS D 154 20.31 12.47 10.45
CA CYS D 154 18.89 12.29 10.74
C CYS D 154 18.56 12.68 12.17
N LEU D 155 19.43 12.34 13.13
CA LEU D 155 19.23 12.79 14.51
C LEU D 155 19.28 14.31 14.60
N GLY D 156 20.22 14.93 13.90
CA GLY D 156 20.31 16.39 13.91
C GLY D 156 19.12 17.06 13.25
N MET D 157 18.61 16.48 12.17
CA MET D 157 17.43 17.03 11.48
C MET D 157 16.19 16.93 12.37
N ALA D 158 16.00 15.79 13.03
CA ALA D 158 14.86 15.62 13.94
C ALA D 158 14.98 16.56 15.13
N ALA D 159 16.18 16.81 15.63
CA ALA D 159 16.33 17.78 16.71
C ALA D 159 16.14 19.21 16.22
N TRP D 160 16.47 19.50 14.96
CA TRP D 160 16.33 20.85 14.43
C TRP D 160 14.89 21.21 14.09
N PHE D 161 14.07 20.21 13.75
CA PHE D 161 12.64 20.45 13.51
C PHE D 161 11.95 21.06 14.73
N HIS D 162 12.30 20.62 15.93
CA HIS D 162 11.57 21.02 17.13
C HIS D 162 12.38 21.97 18.00
N ASN D 163 13.29 22.72 17.38
CA ASN D 163 14.00 23.85 17.98
C ASN D 163 14.81 23.44 19.21
N MET D 164 15.26 22.19 19.25
CA MET D 164 16.18 21.78 20.30
C MET D 164 17.51 22.49 20.10
N PRO D 165 18.09 23.04 21.17
CA PRO D 165 19.34 23.78 21.01
C PRO D 165 20.50 22.85 20.63
N THR D 166 21.42 23.40 19.83
CA THR D 166 22.52 22.68 19.19
C THR D 166 22.00 21.49 18.37
N GLY D 167 20.90 21.70 17.64
CA GLY D 167 20.38 20.67 16.77
C GLY D 167 20.69 20.94 15.32
N GLY D 168 20.60 22.21 14.92
CA GLY D 168 20.96 22.59 13.56
C GLY D 168 22.43 22.41 13.29
N ALA D 169 23.28 22.69 14.29
CA ALA D 169 24.71 22.45 14.16
C ALA D 169 25.01 20.96 14.00
N LEU D 170 24.26 20.11 14.71
CA LEU D 170 24.45 18.67 14.58
C LEU D 170 24.00 18.18 13.20
N MET D 171 22.90 18.74 12.68
CA MET D 171 22.45 18.39 11.33
C MET D 171 23.47 18.81 10.27
N ALA D 172 24.03 20.01 10.43
CA ALA D 172 25.07 20.49 9.51
C ALA D 172 26.34 19.64 9.62
N PHE D 173 26.66 19.18 10.84
CA PHE D 173 27.82 18.32 11.05
C PHE D 173 27.66 16.97 10.33
N GLY D 174 26.48 16.37 10.47
CA GLY D 174 26.23 15.11 9.77
C GLY D 174 26.22 15.25 8.26
N MET D 175 25.66 16.35 7.76
CA MET D 175 25.65 16.59 6.32
C MET D 175 27.05 16.86 5.79
N ALA D 176 27.88 17.56 6.56
CA ALA D 176 29.27 17.80 6.15
C ALA D 176 30.05 16.50 6.11
N ASN D 177 29.80 15.59 7.06
CA ASN D 177 30.47 14.28 7.02
C ASN D 177 30.03 13.44 5.83
N ILE D 178 28.73 13.47 5.50
CA ILE D 178 28.25 12.73 4.32
C ILE D 178 28.87 13.30 3.05
N ALA D 179 28.96 14.63 2.96
CA ALA D 179 29.55 15.29 1.80
C ALA D 179 31.03 14.93 1.65
N TRP D 180 31.78 14.90 2.77
CA TRP D 180 33.18 14.52 2.70
C TRP D 180 33.37 13.07 2.30
N THR D 181 32.54 12.17 2.85
CA THR D 181 32.63 10.76 2.49
C THR D 181 32.33 10.54 1.01
N ALA D 182 31.31 11.24 0.49
CA ALA D 182 30.98 11.11 -0.92
C ALA D 182 32.06 11.70 -1.81
N ILE D 183 32.68 12.81 -1.39
CA ILE D 183 33.75 13.42 -2.17
C ILE D 183 34.96 12.49 -2.26
N THR D 184 35.32 11.86 -1.14
CA THR D 184 36.46 10.94 -1.18
C THR D 184 36.14 9.66 -1.96
N TRP D 185 34.90 9.17 -1.86
CA TRP D 185 34.45 8.04 -2.67
C TRP D 185 34.56 8.36 -4.16
N TRP D 186 34.13 9.56 -4.56
CA TRP D 186 34.16 9.92 -5.96
C TRP D 186 35.58 10.21 -6.43
N ARG D 187 36.45 10.70 -5.55
CA ARG D 187 37.86 10.85 -5.89
C ARG D 187 38.51 9.48 -6.12
N ASP D 188 38.12 8.48 -5.32
CA ASP D 188 38.62 7.13 -5.54
C ASP D 188 38.13 6.57 -6.87
N CYS D 189 36.88 6.84 -7.22
CA CYS D 189 36.36 6.41 -8.52
C CYS D 189 37.11 7.07 -9.67
N ALA D 190 37.42 8.36 -9.54
CA ALA D 190 38.18 9.06 -10.57
C ALA D 190 39.60 8.52 -10.69
N ILE D 191 40.22 8.17 -9.56
CA ILE D 191 41.56 7.58 -9.59
C ILE D 191 41.54 6.24 -10.30
N GLU D 192 40.53 5.42 -9.99
CA GLU D 192 40.39 4.11 -10.61
C GLU D 192 40.11 4.22 -12.12
N GLY D 193 39.45 5.29 -12.54
CA GLY D 193 39.30 5.52 -13.96
C GLY D 193 40.60 5.88 -14.65
N ASP D 194 41.44 6.68 -14.00
CA ASP D 194 42.68 7.17 -14.59
C ASP D 194 43.76 6.11 -14.70
N MET D 195 43.65 5.01 -13.96
CA MET D 195 44.60 3.92 -14.03
C MET D 195 44.14 2.81 -14.96
N GLY D 196 43.08 3.05 -15.73
CA GLY D 196 42.61 2.11 -16.73
C GLY D 196 42.01 0.83 -16.20
N MET D 197 41.21 0.92 -15.13
CA MET D 197 40.52 -0.25 -14.63
C MET D 197 39.19 -0.47 -15.31
N HIS D 198 38.66 0.54 -15.98
CA HIS D 198 37.35 0.47 -16.60
C HIS D 198 37.52 0.18 -18.09
N THR D 199 36.93 -0.91 -18.55
CA THR D 199 36.85 -1.20 -19.98
C THR D 199 35.64 -0.48 -20.56
N GLU D 200 35.24 -0.86 -21.77
CA GLU D 200 34.09 -0.23 -22.41
C GLU D 200 32.77 -0.73 -21.83
N VAL D 201 32.69 -2.02 -21.51
CA VAL D 201 31.46 -2.58 -20.98
C VAL D 201 31.17 -2.05 -19.58
N VAL D 202 32.22 -1.73 -18.81
CA VAL D 202 32.04 -1.10 -17.51
C VAL D 202 31.43 0.29 -17.65
N ARG D 203 31.87 1.05 -18.66
CA ARG D 203 31.33 2.38 -18.88
C ARG D 203 29.88 2.32 -19.38
N LYS D 204 29.56 1.31 -20.19
CA LYS D 204 28.17 1.08 -20.57
C LYS D 204 27.30 0.77 -19.35
N ASN D 205 27.83 -0.01 -18.41
CA ASN D 205 27.11 -0.27 -17.18
C ASN D 205 26.95 0.98 -16.32
N PHE D 206 27.93 1.88 -16.36
CA PHE D 206 27.79 3.18 -15.67
C PHE D 206 26.62 3.98 -16.21
N ILE D 207 26.49 4.03 -17.55
CA ILE D 207 25.36 4.75 -18.14
C ILE D 207 24.04 4.04 -17.82
N SER D 208 24.04 2.72 -17.76
CA SER D 208 22.83 1.98 -17.37
C SER D 208 22.40 2.30 -15.94
N GLY D 209 23.36 2.39 -15.02
CA GLY D 209 23.04 2.78 -13.66
C GLY D 209 22.51 4.19 -13.55
N MET D 210 23.06 5.09 -14.37
CA MET D 210 22.55 6.46 -14.39
C MET D 210 21.12 6.50 -14.93
N TRP D 211 20.80 5.64 -15.89
CA TRP D 211 19.42 5.57 -16.40
C TRP D 211 18.45 5.09 -15.32
N ALA D 212 18.86 4.09 -14.53
CA ALA D 212 18.00 3.63 -13.43
C ALA D 212 17.79 4.70 -12.37
N PHE D 213 18.85 5.44 -12.03
CA PHE D 213 18.72 6.54 -11.07
C PHE D 213 17.82 7.65 -11.61
N ILE D 214 17.89 7.91 -12.92
CA ILE D 214 17.02 8.90 -13.56
C ILE D 214 15.56 8.47 -13.47
N VAL D 215 15.29 7.17 -13.67
CA VAL D 215 13.91 6.67 -13.56
C VAL D 215 13.37 6.86 -12.14
N SER D 216 14.20 6.57 -11.13
CA SER D 216 13.77 6.77 -9.74
C SER D 216 13.50 8.25 -9.42
N GLU D 217 14.38 9.15 -9.88
CA GLU D 217 14.13 10.58 -9.66
C GLU D 217 12.90 11.06 -10.42
N ALA D 218 12.62 10.47 -11.58
CA ALA D 218 11.43 10.79 -12.34
C ALA D 218 10.16 10.42 -11.58
N LEU D 219 10.13 9.22 -10.98
CA LEU D 219 8.94 8.85 -10.20
C LEU D 219 8.81 9.66 -8.92
N LEU D 220 9.93 10.12 -8.35
CA LEU D 220 9.85 11.08 -7.25
C LEU D 220 9.16 12.36 -7.67
N PHE D 221 9.52 12.88 -8.85
CA PHE D 221 8.87 14.09 -9.31
C PHE D 221 7.42 13.85 -9.75
N VAL D 222 7.11 12.64 -10.24
CA VAL D 222 5.73 12.29 -10.56
C VAL D 222 4.86 12.31 -9.31
N GLY D 223 5.36 11.72 -8.23
CA GLY D 223 4.67 11.82 -6.95
C GLY D 223 4.54 13.24 -6.43
N LEU D 224 5.54 14.08 -6.68
CA LEU D 224 5.45 15.47 -6.24
C LEU D 224 4.40 16.25 -7.03
N LEU D 225 4.33 16.05 -8.35
CA LEU D 225 3.39 16.78 -9.18
C LEU D 225 1.97 16.23 -9.13
N TRP D 226 1.82 14.97 -8.68
CA TRP D 226 0.52 14.41 -8.35
C TRP D 226 -0.20 15.26 -7.31
N ALA D 227 0.54 15.76 -6.33
CA ALA D 227 -0.04 16.63 -5.31
C ALA D 227 -0.50 17.96 -5.89
N CYS D 228 0.27 18.53 -6.82
CA CYS D 228 -0.13 19.78 -7.46
C CYS D 228 -1.41 19.60 -8.27
N LEU D 229 -1.48 18.51 -9.05
CA LEU D 229 -2.66 18.23 -9.84
C LEU D 229 -3.88 17.95 -8.97
N HIS D 230 -3.70 17.24 -7.85
CA HIS D 230 -4.83 16.94 -6.97
C HIS D 230 -5.33 18.18 -6.26
N LEU D 231 -4.42 18.95 -5.66
CA LEU D 231 -4.83 20.09 -4.83
C LEU D 231 -5.31 21.27 -5.67
N GLY D 232 -4.78 21.44 -6.88
CA GLY D 232 -5.19 22.59 -7.68
C GLY D 232 -6.50 22.40 -8.40
N MET D 233 -6.83 21.17 -8.76
CA MET D 233 -7.97 20.92 -9.63
C MET D 233 -9.31 21.04 -8.93
N SER D 234 -9.40 20.61 -7.68
CA SER D 234 -10.67 20.61 -6.93
C SER D 234 -10.43 21.30 -5.59
N PRO D 235 -10.58 22.62 -5.54
CA PRO D 235 -10.45 23.34 -4.25
C PRO D 235 -11.56 22.96 -3.29
N SER D 236 -11.26 23.08 -2.01
CA SER D 236 -12.15 22.64 -0.95
C SER D 236 -12.84 23.81 -0.28
N VAL D 237 -13.82 23.47 0.56
CA VAL D 237 -14.61 24.45 1.27
C VAL D 237 -13.77 25.24 2.28
N ALA D 238 -12.67 24.63 2.76
CA ALA D 238 -11.74 25.33 3.63
C ALA D 238 -11.08 26.51 2.93
N LEU D 239 -10.90 26.41 1.62
CA LEU D 239 -10.41 27.52 0.80
C LEU D 239 -11.54 28.37 0.27
N GLN D 240 -12.77 28.13 0.72
CA GLN D 240 -14.01 28.70 0.18
C GLN D 240 -14.13 28.43 -1.32
N MET D 241 -13.70 27.21 -1.71
CA MET D 241 -13.66 26.66 -3.07
C MET D 241 -13.27 27.67 -4.15
N GLN D 242 -12.11 28.30 -3.95
CA GLN D 242 -11.53 29.22 -4.92
C GLN D 242 -10.07 28.87 -5.13
N TRP D 243 -9.70 28.53 -6.37
CA TRP D 243 -8.30 28.33 -6.73
C TRP D 243 -7.90 29.33 -7.80
N PRO D 244 -6.84 30.12 -7.60
CA PRO D 244 -5.98 30.21 -6.42
C PRO D 244 -6.66 30.96 -5.29
N PRO D 245 -6.26 30.74 -4.04
CA PRO D 245 -6.94 31.40 -2.91
C PRO D 245 -6.80 32.91 -2.96
N VAL D 246 -7.79 33.57 -2.38
CA VAL D 246 -7.83 35.03 -2.35
C VAL D 246 -6.69 35.55 -1.49
N GLY D 247 -6.02 36.59 -1.97
CA GLY D 247 -4.83 37.10 -1.32
C GLY D 247 -3.59 36.66 -2.06
N ILE D 248 -3.59 35.43 -2.55
CA ILE D 248 -2.45 34.89 -3.27
C ILE D 248 -2.38 35.52 -4.66
N GLU D 249 -1.26 36.14 -4.97
CA GLU D 249 -1.00 36.66 -6.30
C GLU D 249 -0.04 35.70 -7.01
N PRO D 250 -0.51 34.89 -7.95
CA PRO D 250 0.36 33.86 -8.53
C PRO D 250 1.43 34.44 -9.44
N ILE D 251 2.48 33.65 -9.64
CA ILE D 251 3.61 34.05 -10.46
C ILE D 251 3.28 33.79 -11.92
N GLY D 252 3.50 34.80 -12.77
CA GLY D 252 3.09 34.70 -14.15
C GLY D 252 4.12 34.04 -15.05
N TRP D 253 3.63 33.49 -16.16
CA TRP D 253 4.47 32.86 -17.16
C TRP D 253 5.07 33.87 -18.15
N ASP D 254 4.56 35.10 -18.17
CA ASP D 254 4.94 36.10 -19.17
C ASP D 254 6.08 36.99 -18.70
N LYS D 255 6.96 36.47 -17.86
CA LYS D 255 7.93 37.26 -17.13
C LYS D 255 9.18 36.41 -16.95
N ARG D 256 9.97 36.72 -15.93
CA ARG D 256 11.24 36.08 -15.58
C ARG D 256 11.27 34.56 -15.67
N ALA D 257 10.13 33.89 -15.47
CA ALA D 257 10.06 32.45 -15.67
C ALA D 257 10.28 32.06 -17.14
N LEU D 258 9.82 32.90 -18.07
CA LEU D 258 10.08 32.64 -19.48
C LEU D 258 11.55 32.83 -19.81
N VAL D 259 12.21 33.81 -19.18
CA VAL D 259 13.65 33.98 -19.33
C VAL D 259 14.39 32.77 -18.79
N MET D 260 13.91 32.20 -17.69
CA MET D 260 14.50 30.98 -17.14
C MET D 260 14.36 29.81 -18.10
N SER D 261 13.19 29.68 -18.73
CA SER D 261 12.97 28.61 -19.70
C SER D 261 13.90 28.76 -20.90
N ALA D 262 14.09 30.00 -21.37
CA ALA D 262 15.02 30.25 -22.46
C ALA D 262 16.45 29.90 -22.10
N VAL D 263 16.88 30.32 -20.90
CA VAL D 263 18.25 30.05 -20.45
C VAL D 263 18.49 28.55 -20.29
N LEU D 264 17.50 27.83 -19.76
CA LEU D 264 17.69 26.40 -19.55
C LEU D 264 17.62 25.62 -20.86
N ALA D 265 16.84 26.12 -21.84
CA ALA D 265 16.89 25.51 -23.17
C ALA D 265 18.24 25.75 -23.85
N ALA D 266 18.81 26.95 -23.67
CA ALA D 266 20.15 27.22 -24.17
C ALA D 266 21.18 26.33 -23.51
N SER D 267 21.01 26.06 -22.21
CA SER D 267 21.90 25.14 -21.51
C SER D 267 21.76 23.71 -22.04
N TYR D 268 20.53 23.31 -22.39
CA TYR D 268 20.31 22.00 -23.02
C TYR D 268 21.08 21.89 -24.32
N TYR D 269 20.98 22.91 -25.17
CA TYR D 269 21.65 22.84 -26.47
C TYR D 269 23.16 22.91 -26.35
N SER D 270 23.67 23.72 -25.41
CA SER D 270 25.12 23.80 -25.23
C SER D 270 25.69 22.52 -24.62
N ALA D 271 24.94 21.86 -23.73
CA ALA D 271 25.37 20.56 -23.27
C ALA D 271 25.30 19.52 -24.37
N ASN D 272 24.35 19.68 -25.30
CA ASN D 272 24.28 18.81 -26.46
C ASN D 272 25.44 19.02 -27.42
N VAL D 273 26.04 20.21 -27.43
CA VAL D 273 27.20 20.47 -28.28
C VAL D 273 28.39 19.63 -27.80
N ALA D 274 28.65 19.64 -26.48
CA ALA D 274 29.83 18.99 -25.93
C ALA D 274 29.75 17.46 -26.00
N MET D 275 28.57 16.91 -26.25
CA MET D 275 28.44 15.46 -26.34
C MET D 275 29.02 14.94 -27.65
N VAL D 276 28.94 15.74 -28.72
CA VAL D 276 29.25 15.26 -30.06
C VAL D 276 30.57 15.82 -30.60
N ALA D 277 31.11 16.88 -29.98
CA ALA D 277 32.33 17.50 -30.46
C ALA D 277 33.54 16.59 -30.26
N LYS D 278 34.54 16.77 -31.12
CA LYS D 278 35.81 16.07 -31.00
C LYS D 278 36.99 16.98 -30.73
N ASP D 279 36.84 18.29 -30.88
CA ASP D 279 37.88 19.23 -30.51
C ASP D 279 37.80 19.50 -29.01
N PRO D 280 38.89 19.28 -28.25
CA PRO D 280 38.83 19.46 -26.79
C PRO D 280 38.49 20.87 -26.33
N LYS D 281 38.92 21.89 -27.08
CA LYS D 281 38.59 23.27 -26.72
C LYS D 281 37.09 23.53 -26.84
N VAL D 282 36.47 22.94 -27.87
CA VAL D 282 35.02 23.06 -28.04
C VAL D 282 34.28 22.40 -26.88
N VAL D 283 34.74 21.22 -26.47
CA VAL D 283 34.10 20.50 -25.36
C VAL D 283 34.23 21.28 -24.06
N MET D 284 35.42 21.83 -23.78
CA MET D 284 35.61 22.58 -22.55
C MET D 284 34.79 23.86 -22.53
N GLY D 285 34.77 24.59 -23.66
CA GLY D 285 33.97 25.81 -23.71
C GLY D 285 32.49 25.55 -23.62
N ALA D 286 32.01 24.49 -24.26
CA ALA D 286 30.59 24.14 -24.19
C ALA D 286 30.19 23.73 -22.77
N LEU D 287 31.05 22.97 -22.09
CA LEU D 287 30.76 22.58 -20.71
C LEU D 287 30.74 23.79 -19.78
N ALA D 288 31.69 24.72 -19.96
CA ALA D 288 31.70 25.91 -19.14
C ALA D 288 30.48 26.80 -19.40
N THR D 289 30.04 26.86 -20.67
CA THR D 289 28.83 27.60 -20.98
C THR D 289 27.60 26.95 -20.36
N THR D 290 27.53 25.62 -20.39
CA THR D 290 26.40 24.91 -19.76
C THR D 290 26.37 25.14 -18.26
N ILE D 291 27.54 25.10 -17.61
CA ILE D 291 27.61 25.30 -16.16
C ILE D 291 27.24 26.74 -15.80
N GLY D 292 27.76 27.71 -16.55
CA GLY D 292 27.41 29.10 -16.30
C GLY D 292 25.96 29.42 -16.58
N LEU D 293 25.34 28.72 -17.54
CA LEU D 293 23.92 28.91 -17.78
C LEU D 293 23.09 28.26 -16.68
N GLY D 294 23.55 27.13 -16.14
CA GLY D 294 22.87 26.54 -15.00
C GLY D 294 22.95 27.40 -13.75
N ALA D 295 24.07 28.11 -13.58
CA ALA D 295 24.22 28.97 -12.42
C ALA D 295 23.33 30.21 -12.51
N MET D 296 23.00 30.64 -13.72
CA MET D 296 22.07 31.76 -13.86
C MET D 296 20.62 31.34 -13.67
N PHE D 297 20.31 30.07 -13.86
CA PHE D 297 18.98 29.57 -13.54
C PHE D 297 18.73 29.57 -12.04
N LEU D 298 19.76 29.31 -11.23
CA LEU D 298 19.62 29.27 -9.78
C LEU D 298 19.73 30.63 -9.13
N ALA D 299 20.58 31.51 -9.66
CA ALA D 299 20.70 32.86 -9.12
C ALA D 299 19.46 33.70 -9.36
N ASP D 300 18.63 33.30 -10.33
CA ASP D 300 17.40 34.00 -10.65
C ASP D 300 16.20 33.37 -9.96
N GLN D 301 16.27 32.05 -9.71
CA GLN D 301 15.29 31.41 -8.84
C GLN D 301 15.37 31.96 -7.42
N TYR D 302 16.56 32.36 -6.98
CA TYR D 302 16.73 33.06 -5.71
C TYR D 302 16.00 34.40 -5.73
N LEU D 303 16.04 35.10 -6.85
CA LEU D 303 15.29 36.35 -6.97
C LEU D 303 13.79 36.11 -6.98
N GLU D 304 13.32 35.04 -7.62
CA GLU D 304 11.90 34.68 -7.46
C GLU D 304 11.55 34.39 -6.02
N TYR D 305 12.42 33.67 -5.31
CA TYR D 305 12.14 33.33 -3.91
C TYR D 305 12.18 34.55 -3.02
N ASN D 306 12.83 35.62 -3.46
CA ASN D 306 12.83 36.84 -2.67
C ASN D 306 11.69 37.79 -3.02
N GLU D 307 11.25 37.84 -4.27
CA GLU D 307 10.22 38.79 -4.67
C GLU D 307 8.79 38.25 -4.60
N THR D 308 8.62 36.96 -4.29
CA THR D 308 7.30 36.35 -4.41
C THR D 308 6.39 36.80 -3.28
N PRO D 309 5.13 37.20 -3.57
CA PRO D 309 4.23 37.71 -2.53
C PRO D 309 3.44 36.62 -1.81
N PHE D 310 4.12 35.53 -1.45
CA PHE D 310 3.56 34.48 -0.62
C PHE D 310 4.69 33.62 -0.08
N THR D 311 4.34 32.76 0.86
CA THR D 311 5.22 31.93 1.66
C THR D 311 4.88 30.45 1.40
N ILE D 312 5.75 29.54 1.83
CA ILE D 312 5.40 28.13 1.88
C ILE D 312 4.31 27.83 2.90
N THR D 313 4.08 28.72 3.87
CA THR D 313 3.02 28.59 4.84
C THR D 313 1.71 29.22 4.37
N ASP D 314 1.69 29.84 3.20
CA ASP D 314 0.50 30.51 2.69
C ASP D 314 -0.11 29.61 1.62
N SER D 315 -1.15 28.85 2.01
CA SER D 315 -2.05 28.07 1.17
C SER D 315 -1.36 26.86 0.52
N PRO D 316 -2.13 25.85 0.07
CA PRO D 316 -1.51 24.74 -0.67
C PRO D 316 -0.85 25.16 -1.97
N TYR D 317 -1.24 26.28 -2.57
CA TYR D 317 -0.56 26.78 -3.76
C TYR D 317 0.87 27.16 -3.43
N GLY D 318 1.07 27.98 -2.39
CA GLY D 318 2.41 28.35 -1.98
C GLY D 318 3.22 27.16 -1.51
N THR D 319 2.57 26.22 -0.83
CA THR D 319 3.23 24.98 -0.40
C THR D 319 3.77 24.17 -1.57
N THR D 320 2.91 23.86 -2.55
CA THR D 320 3.32 23.03 -3.68
C THR D 320 4.33 23.75 -4.55
N PHE D 321 4.15 25.07 -4.74
CA PHE D 321 5.08 25.85 -5.54
C PHE D 321 6.47 25.81 -4.96
N PHE D 322 6.60 26.08 -3.66
CA PHE D 322 7.93 26.15 -3.07
C PHE D 322 8.58 24.79 -2.97
N VAL D 323 7.82 23.75 -2.61
CA VAL D 323 8.43 22.42 -2.48
C VAL D 323 8.89 21.89 -3.83
N THR D 324 8.05 22.01 -4.87
CA THR D 324 8.42 21.47 -6.17
C THR D 324 9.55 22.27 -6.82
N THR D 325 9.49 23.61 -6.76
CA THR D 325 10.57 24.40 -7.33
C THR D 325 11.87 24.26 -6.53
N GLY D 326 11.79 24.04 -5.22
CA GLY D 326 12.98 23.79 -4.44
C GLY D 326 13.65 22.47 -4.76
N PHE D 327 12.85 21.41 -4.94
CA PHE D 327 13.42 20.13 -5.36
C PHE D 327 14.05 20.24 -6.73
N HIS D 328 13.41 20.97 -7.65
CA HIS D 328 14.02 21.17 -8.97
C HIS D 328 15.31 21.97 -8.88
N GLY D 329 15.35 23.01 -8.04
CA GLY D 329 16.56 23.80 -7.89
C GLY D 329 17.70 23.02 -7.25
N MET D 330 17.37 22.13 -6.31
CA MET D 330 18.37 21.24 -5.75
C MET D 330 18.93 20.29 -6.80
N HIS D 331 18.06 19.77 -7.67
CA HIS D 331 18.56 18.92 -8.76
C HIS D 331 19.39 19.70 -9.76
N VAL D 332 19.04 20.97 -10.01
CA VAL D 332 19.86 21.82 -10.89
C VAL D 332 21.25 22.03 -10.28
N LEU D 333 21.32 22.26 -8.97
CA LEU D 333 22.60 22.45 -8.30
C LEU D 333 23.45 21.18 -8.34
N LEU D 334 22.82 20.02 -8.12
CA LEU D 334 23.56 18.76 -8.22
C LEU D 334 24.07 18.50 -9.62
N GLY D 335 23.25 18.77 -10.64
CA GLY D 335 23.70 18.61 -12.02
C GLY D 335 24.80 19.56 -12.40
N SER D 336 24.74 20.81 -11.91
CA SER D 336 25.80 21.76 -12.19
C SER D 336 27.11 21.36 -11.53
N LEU D 337 27.06 20.83 -10.30
CA LEU D 337 28.28 20.38 -9.65
C LEU D 337 28.84 19.13 -10.33
N TYR D 338 27.96 18.24 -10.80
CA TYR D 338 28.42 17.05 -11.52
C TYR D 338 29.06 17.42 -12.86
N LEU D 339 28.48 18.39 -13.57
CA LEU D 339 29.10 18.87 -14.80
C LEU D 339 30.42 19.58 -14.54
N THR D 340 30.53 20.30 -13.42
CA THR D 340 31.80 20.92 -13.05
C THR D 340 32.87 19.87 -12.76
N ALA D 341 32.50 18.81 -12.06
CA ALA D 341 33.46 17.75 -11.75
C ALA D 341 33.86 16.97 -12.99
N ALA D 342 32.95 16.82 -13.96
CA ALA D 342 33.31 16.15 -15.20
C ALA D 342 34.21 16.98 -16.09
N LEU D 343 34.22 18.30 -15.92
CA LEU D 343 35.05 19.17 -16.75
C LEU D 343 36.52 19.15 -16.31
N MET D 344 36.78 19.11 -15.00
CA MET D 344 38.15 19.13 -14.52
C MET D 344 38.89 17.84 -14.84
N MET D 345 38.17 16.70 -14.90
CA MET D 345 38.80 15.48 -15.38
C MET D 345 39.16 15.56 -16.86
N TYR D 346 38.45 16.37 -17.63
CA TYR D 346 38.76 16.61 -19.02
C TYR D 346 39.81 17.71 -19.21
N LYS D 347 39.91 18.65 -18.28
CA LYS D 347 40.91 19.70 -18.37
C LYS D 347 42.32 19.15 -18.15
N ARG D 348 42.43 17.99 -17.51
CA ARG D 348 43.72 17.39 -17.20
C ARG D 348 44.22 16.47 -18.32
N THR D 349 43.43 15.45 -18.69
CA THR D 349 43.90 14.43 -19.61
C THR D 349 43.21 14.44 -20.97
N HIS D 350 42.29 15.38 -21.21
CA HIS D 350 41.47 15.46 -22.43
C HIS D 350 40.73 14.15 -22.68
N ASN D 351 40.19 13.57 -21.61
CA ASN D 351 39.37 12.37 -21.66
C ASN D 351 38.54 12.32 -20.40
N ALA D 352 37.24 12.10 -20.56
CA ALA D 352 36.34 11.95 -19.42
C ALA D 352 35.56 10.65 -19.41
N GLY D 353 35.21 10.12 -20.57
CA GLY D 353 34.55 8.81 -20.61
C GLY D 353 33.13 8.88 -20.13
N ALA D 354 32.82 8.05 -19.12
CA ALA D 354 31.46 7.98 -18.60
C ALA D 354 31.11 9.18 -17.73
N ALA D 355 32.10 9.93 -17.27
CA ALA D 355 31.79 11.11 -16.44
C ALA D 355 31.16 12.21 -17.26
N LEU D 356 31.58 12.37 -18.52
CA LEU D 356 30.97 13.37 -19.38
C LEU D 356 29.57 12.96 -19.82
N LYS D 357 29.43 11.69 -20.24
CA LYS D 357 28.17 11.21 -20.79
C LYS D 357 27.08 11.15 -19.73
N SER D 358 27.40 10.68 -18.53
CA SER D 358 26.39 10.56 -17.49
C SER D 358 25.99 11.93 -16.94
N SER D 359 26.93 12.86 -16.86
CA SER D 359 26.57 14.21 -16.44
C SER D 359 25.69 14.90 -17.47
N ILE D 360 25.96 14.67 -18.76
CA ILE D 360 25.09 15.21 -19.81
C ILE D 360 23.70 14.57 -19.75
N LEU D 361 23.64 13.27 -19.49
CA LEU D 361 22.36 12.58 -19.34
C LEU D 361 21.55 13.12 -18.17
N TYR D 362 22.21 13.34 -17.03
CA TYR D 362 21.54 13.91 -15.86
C TYR D 362 21.07 15.33 -16.13
N TRP D 363 21.88 16.13 -16.83
CA TRP D 363 21.48 17.49 -17.17
C TRP D 363 20.26 17.51 -18.09
N HIS D 364 20.23 16.61 -19.08
CA HIS D 364 19.06 16.52 -19.96
C HIS D 364 17.82 16.07 -19.19
N PHE D 365 18.01 15.20 -18.19
CA PHE D 365 16.88 14.81 -17.33
C PHE D 365 16.33 16.01 -16.57
N VAL D 366 17.22 16.85 -16.02
CA VAL D 366 16.79 18.05 -15.30
C VAL D 366 16.05 19.00 -16.23
N ASP D 367 16.53 19.12 -17.47
CA ASP D 367 15.86 19.95 -18.47
C ASP D 367 14.45 19.45 -18.79
N ILE D 368 14.29 18.14 -18.91
CA ILE D 368 12.98 17.56 -19.20
C ILE D 368 12.03 17.73 -18.01
N VAL D 369 12.56 17.63 -16.79
CA VAL D 369 11.75 17.85 -15.58
C VAL D 369 11.22 19.27 -15.53
N TRP D 370 12.04 20.25 -15.96
CA TRP D 370 11.57 21.63 -15.95
C TRP D 370 10.38 21.88 -16.87
N ILE D 371 10.24 21.08 -17.94
CA ILE D 371 9.10 21.22 -18.84
C ILE D 371 7.80 20.91 -18.11
N ALA D 372 7.77 19.80 -17.39
CA ALA D 372 6.59 19.44 -16.59
C ALA D 372 6.36 20.43 -15.46
N VAL D 373 7.42 20.88 -14.80
CA VAL D 373 7.27 21.82 -13.67
C VAL D 373 6.68 23.14 -14.16
N TYR D 374 7.22 23.69 -15.24
CA TYR D 374 6.72 24.94 -15.81
C TYR D 374 5.29 24.78 -16.32
N GLY D 375 5.02 23.72 -17.07
CA GLY D 375 3.72 23.52 -17.67
C GLY D 375 2.62 23.08 -16.74
N ILE D 376 2.93 22.67 -15.51
CA ILE D 376 1.92 22.35 -14.51
C ILE D 376 1.75 23.49 -13.50
N ILE D 377 2.84 24.04 -12.99
CA ILE D 377 2.76 25.08 -11.98
C ILE D 377 2.57 26.46 -12.59
N TYR D 378 3.43 26.84 -13.53
CA TYR D 378 3.43 28.22 -14.01
C TYR D 378 2.33 28.47 -15.03
N VAL D 379 2.07 27.52 -15.91
CA VAL D 379 1.05 27.71 -16.95
C VAL D 379 -0.32 27.28 -16.45
N GLY D 380 -0.42 26.09 -15.87
CA GLY D 380 -1.71 25.60 -15.39
C GLY D 380 -2.17 26.18 -14.08
N GLN D 381 -1.34 27.01 -13.44
CA GLN D 381 -1.63 27.69 -12.17
C GLN D 381 -1.94 26.71 -11.04
N TYR D 382 -1.40 25.49 -11.12
CA TYR D 382 -1.65 24.47 -10.12
C TYR D 382 -0.59 24.49 -9.04
N TYR E 77 34.11 -22.49 -37.73
CA TYR E 77 33.60 -21.43 -36.88
C TYR E 77 32.25 -20.91 -37.37
N ARG E 78 31.30 -20.74 -36.45
CA ARG E 78 29.99 -20.17 -36.75
C ARG E 78 30.14 -18.71 -37.20
N PRO E 79 29.13 -18.15 -37.88
CA PRO E 79 29.19 -16.74 -38.28
C PRO E 79 29.38 -15.79 -37.11
N LEU E 80 30.46 -15.00 -37.17
CA LEU E 80 30.82 -14.10 -36.08
C LEU E 80 30.08 -12.78 -36.12
N GLY E 81 29.19 -12.55 -37.09
CA GLY E 81 28.29 -11.44 -37.01
C GLY E 81 27.33 -11.62 -35.84
N ASP E 82 27.02 -10.51 -35.17
CA ASP E 82 26.21 -10.42 -33.95
C ASP E 82 26.80 -11.28 -32.82
N LYS E 83 28.12 -11.43 -32.79
CA LYS E 83 28.83 -12.03 -31.68
C LYS E 83 29.78 -11.01 -31.09
N GLU E 84 29.80 -10.92 -29.76
CA GLU E 84 30.72 -10.00 -29.11
C GLU E 84 32.15 -10.47 -29.32
N LEU E 85 33.06 -9.51 -29.48
CA LEU E 85 34.42 -9.84 -29.89
C LEU E 85 35.24 -10.50 -28.80
N TRP E 86 34.77 -10.53 -27.56
CA TRP E 86 35.53 -11.08 -26.45
C TRP E 86 34.94 -12.37 -25.90
N HIS E 87 34.08 -13.06 -26.65
CA HIS E 87 33.39 -14.21 -26.08
C HIS E 87 34.19 -15.50 -26.16
N GLU E 88 35.43 -15.44 -26.66
CA GLU E 88 36.36 -16.57 -26.62
C GLU E 88 35.85 -17.81 -27.34
N ALA E 89 35.75 -17.80 -28.67
CA ALA E 89 35.10 -18.91 -29.34
C ALA E 89 35.93 -20.19 -29.32
N TRP E 90 35.20 -21.26 -29.61
CA TRP E 90 35.37 -22.70 -29.38
C TRP E 90 33.95 -23.07 -29.01
N MET E 91 33.27 -22.11 -28.36
CA MET E 91 31.83 -22.19 -28.20
C MET E 91 31.11 -21.97 -29.53
N TYR E 92 31.71 -21.17 -30.42
CA TYR E 92 31.16 -20.89 -31.74
C TYR E 92 31.78 -21.77 -32.81
N GLU E 93 32.28 -22.95 -32.42
CA GLU E 93 32.84 -23.90 -33.35
C GLU E 93 31.76 -24.53 -34.22
N ASP E 94 32.10 -24.80 -35.48
CA ASP E 94 31.25 -25.57 -36.39
C ASP E 94 31.51 -27.06 -36.29
N LYS E 95 31.34 -27.67 -35.12
CA LYS E 95 31.51 -29.10 -35.00
C LYS E 95 30.56 -29.66 -33.95
N PHE E 96 30.10 -30.88 -34.18
CA PHE E 96 29.40 -31.66 -33.18
C PHE E 96 30.39 -32.68 -32.62
N GLY E 97 30.75 -32.52 -31.35
CA GLY E 97 31.71 -33.39 -30.71
C GLY E 97 31.24 -34.82 -30.60
N THR E 98 32.01 -35.74 -31.16
CA THR E 98 31.71 -37.15 -31.09
C THR E 98 32.71 -37.83 -30.15
N GLU E 99 32.50 -39.13 -29.95
CA GLU E 99 33.43 -39.91 -29.13
C GLU E 99 34.80 -39.99 -29.77
N GLU E 100 34.85 -40.23 -31.08
CA GLU E 100 36.10 -40.34 -31.82
C GLU E 100 36.65 -38.99 -32.27
N ASP E 101 35.95 -37.90 -31.98
CA ASP E 101 36.42 -36.55 -32.31
C ASP E 101 35.73 -35.55 -31.41
N PRO E 102 36.20 -35.40 -30.19
CA PRO E 102 35.56 -34.48 -29.24
C PRO E 102 35.88 -33.03 -29.54
N ILE E 103 35.11 -32.14 -28.92
CA ILE E 103 35.38 -30.72 -28.97
C ILE E 103 36.36 -30.37 -27.86
N ILE E 104 37.48 -29.76 -28.23
CA ILE E 104 38.54 -29.45 -27.29
C ILE E 104 38.25 -28.11 -26.63
N VAL E 105 38.02 -28.13 -25.33
CA VAL E 105 37.72 -26.92 -24.55
C VAL E 105 39.04 -26.38 -24.01
N PRO E 106 39.42 -25.15 -24.34
CA PRO E 106 40.61 -24.57 -23.73
C PRO E 106 40.32 -24.01 -22.36
N SER E 107 41.32 -24.08 -21.48
CA SER E 107 41.15 -23.62 -20.11
C SER E 107 42.47 -23.07 -19.60
N LEU E 108 42.37 -22.11 -18.69
CA LEU E 108 43.52 -21.56 -17.99
C LEU E 108 43.87 -22.33 -16.73
N GLU E 109 43.01 -23.26 -16.31
CA GLU E 109 43.20 -24.03 -15.08
C GLU E 109 42.91 -25.50 -15.38
N ALA E 110 43.09 -26.35 -14.37
CA ALA E 110 42.93 -27.78 -14.56
C ALA E 110 41.47 -28.20 -14.61
N GLU E 111 40.55 -27.37 -14.15
CA GLU E 111 39.13 -27.65 -14.21
C GLU E 111 38.37 -26.39 -14.62
N ARG E 112 37.21 -26.60 -15.23
CA ARG E 112 36.42 -25.48 -15.72
C ARG E 112 34.96 -25.91 -15.84
N ILE E 113 34.05 -25.00 -15.49
CA ILE E 113 32.62 -25.21 -15.65
C ILE E 113 32.20 -24.73 -17.02
N ILE E 114 31.49 -25.57 -17.77
CA ILE E 114 30.87 -25.18 -19.03
C ILE E 114 29.39 -25.53 -18.96
N GLY E 115 28.60 -24.89 -19.82
CA GLY E 115 27.17 -25.14 -19.87
C GLY E 115 26.71 -25.61 -21.24
N VAL E 116 25.98 -26.72 -21.27
CA VAL E 116 25.49 -27.33 -22.50
C VAL E 116 23.97 -27.40 -22.44
N THR E 117 23.31 -26.95 -23.50
CA THR E 117 21.87 -27.05 -23.61
C THR E 117 21.46 -28.42 -24.14
N ASP E 118 20.21 -28.79 -23.87
CA ASP E 118 19.62 -30.01 -24.41
C ASP E 118 19.52 -29.87 -25.93
N PRO E 119 19.97 -30.86 -26.70
CA PRO E 119 19.79 -30.80 -28.17
C PRO E 119 18.34 -30.78 -28.62
N GLU E 120 17.42 -31.29 -27.81
CA GLU E 120 16.00 -31.29 -28.15
C GLU E 120 15.22 -30.18 -27.46
N ASP E 121 15.88 -29.32 -26.69
CA ASP E 121 15.18 -28.27 -25.95
C ASP E 121 16.17 -27.16 -25.60
N GLU E 122 15.98 -25.98 -26.19
CA GLU E 122 16.85 -24.85 -25.92
C GLU E 122 16.69 -24.31 -24.49
N THR E 123 15.54 -24.53 -23.87
CA THR E 123 15.27 -23.95 -22.56
C THR E 123 15.99 -24.66 -21.43
N LEU E 124 16.43 -25.90 -21.62
CA LEU E 124 17.03 -26.69 -20.56
C LEU E 124 18.55 -26.57 -20.61
N VAL E 125 19.15 -26.29 -19.46
CA VAL E 125 20.60 -26.09 -19.34
C VAL E 125 21.14 -27.10 -18.33
N VAL E 126 22.21 -27.80 -18.71
CA VAL E 126 22.96 -28.64 -17.80
C VAL E 126 24.38 -28.10 -17.72
N TRP E 127 24.82 -27.76 -16.51
CA TRP E 127 26.18 -27.29 -16.26
C TRP E 127 27.02 -28.46 -15.77
N GLY E 128 28.20 -28.65 -16.38
CA GLY E 128 29.09 -29.71 -16.00
C GLY E 128 30.49 -29.18 -15.76
N ILE E 129 31.35 -30.06 -15.24
CA ILE E 129 32.73 -29.72 -14.92
C ILE E 129 33.64 -30.68 -15.67
N LEU E 130 34.54 -30.12 -16.47
CA LEU E 130 35.55 -30.89 -17.19
C LEU E 130 36.86 -30.77 -16.46
N LYS E 131 37.62 -31.87 -16.45
CA LYS E 131 38.89 -31.93 -15.75
C LYS E 131 40.02 -32.24 -16.72
N ASP E 132 41.21 -31.73 -16.42
CA ASP E 132 42.37 -31.89 -17.29
C ASP E 132 42.87 -33.32 -17.24
N GLY E 133 43.15 -33.89 -18.40
CA GLY E 133 43.69 -35.23 -18.48
C GLY E 133 42.68 -36.35 -18.37
N GLU E 134 41.45 -36.12 -18.78
CA GLU E 134 40.36 -37.06 -18.63
C GLU E 134 39.90 -37.59 -19.99
N PRO E 135 39.16 -38.70 -20.01
CA PRO E 135 38.51 -39.15 -21.26
C PRO E 135 37.46 -38.18 -21.76
N PRO E 136 36.97 -38.35 -22.98
CA PRO E 136 35.81 -37.57 -23.44
C PRO E 136 34.59 -37.82 -22.55
N ARG E 137 33.84 -36.75 -22.29
CA ARG E 137 32.72 -36.79 -21.37
C ARG E 137 31.53 -36.10 -22.01
N GLN E 138 30.36 -36.73 -21.91
CA GLN E 138 29.11 -36.20 -22.45
C GLN E 138 28.23 -35.76 -21.28
N PHE E 139 27.69 -34.54 -21.37
CA PHE E 139 26.91 -33.99 -20.27
C PHE E 139 25.41 -34.27 -20.40
N VAL E 140 24.80 -33.90 -21.52
CA VAL E 140 23.40 -34.20 -21.78
C VAL E 140 23.33 -35.44 -22.65
N GLU E 141 22.18 -36.10 -22.64
CA GLU E 141 21.97 -37.24 -23.52
C GLU E 141 21.90 -36.80 -24.97
N ASN E 142 22.54 -37.59 -25.85
CA ASN E 142 22.68 -37.30 -27.28
C ASN E 142 23.31 -35.93 -27.51
N GLY E 143 24.31 -35.59 -26.70
CA GLY E 143 25.02 -34.34 -26.79
C GLY E 143 26.43 -34.50 -27.29
N GLU E 144 27.15 -33.38 -27.32
CA GLU E 144 28.53 -33.37 -27.75
C GLU E 144 29.45 -33.96 -26.70
N PHE E 145 30.58 -34.50 -27.15
CA PHE E 145 31.64 -34.92 -26.25
C PHE E 145 32.66 -33.80 -26.12
N TYR E 146 33.35 -33.78 -24.97
CA TYR E 146 34.25 -32.69 -24.65
C TYR E 146 35.52 -33.22 -24.02
N VAL E 147 36.63 -32.54 -24.30
CA VAL E 147 37.92 -32.78 -23.67
C VAL E 147 38.54 -31.44 -23.31
N LEU E 148 38.94 -31.28 -22.05
CA LEU E 148 39.58 -30.05 -21.62
C LEU E 148 41.06 -30.07 -21.99
N LYS E 149 41.59 -28.90 -22.31
CA LYS E 149 43.02 -28.74 -22.60
C LYS E 149 43.52 -27.49 -21.91
N HIS E 150 44.58 -27.64 -21.11
CA HIS E 150 45.15 -26.53 -20.37
C HIS E 150 46.02 -25.69 -21.29
N VAL E 151 45.68 -24.41 -21.44
CA VAL E 151 46.42 -23.49 -22.29
C VAL E 151 46.78 -22.26 -21.47
N GLU E 152 47.75 -21.50 -21.97
CA GLU E 152 48.13 -20.26 -21.33
C GLU E 152 47.42 -19.05 -21.90
N TYR E 153 46.83 -19.16 -23.10
CA TYR E 153 46.05 -18.08 -23.68
C TYR E 153 44.83 -18.66 -24.38
N ILE E 154 43.69 -18.02 -24.20
CA ILE E 154 42.46 -18.39 -24.90
C ILE E 154 42.16 -17.34 -25.95
N LYS E 155 42.01 -17.77 -27.20
CA LYS E 155 41.81 -16.88 -28.34
C LYS E 155 40.49 -16.13 -28.18
N LYS E 156 40.58 -14.81 -27.96
CA LYS E 156 39.41 -13.99 -27.70
C LYS E 156 38.82 -13.61 -29.05
N VAL E 157 37.97 -14.50 -29.56
CA VAL E 157 37.61 -14.51 -30.96
C VAL E 157 36.68 -13.37 -31.30
N GLY E 158 37.08 -12.57 -32.29
CA GLY E 158 36.37 -11.36 -32.63
C GLY E 158 37.36 -10.28 -32.98
N ASP E 159 38.56 -10.39 -32.43
CA ASP E 159 39.68 -9.60 -32.90
C ASP E 159 40.96 -10.42 -32.92
N VAL E 160 40.92 -11.68 -32.53
CA VAL E 160 42.10 -12.53 -32.57
C VAL E 160 42.20 -13.26 -33.91
N LEU E 161 41.13 -13.91 -34.36
CA LEU E 161 41.23 -14.69 -35.59
C LEU E 161 40.44 -14.14 -36.76
N GLU E 162 39.45 -13.28 -36.55
CA GLU E 162 38.84 -12.65 -37.71
C GLU E 162 39.56 -11.38 -38.11
N ALA E 163 40.40 -10.82 -37.24
CA ALA E 163 41.38 -9.83 -37.69
C ALA E 163 42.49 -10.49 -38.49
N ILE E 164 42.82 -11.73 -38.15
CA ILE E 164 43.68 -12.56 -38.99
C ILE E 164 42.97 -12.86 -40.32
N GLU E 165 41.67 -13.12 -40.24
CA GLU E 165 40.76 -13.51 -41.35
C GLU E 165 41.41 -14.51 -42.31
N GLY E 166 42.01 -15.55 -41.74
CA GLY E 166 42.67 -16.58 -42.51
C GLY E 166 41.72 -17.51 -43.24
N LYS F 11 36.54 -45.77 -25.05
CA LYS F 11 35.52 -45.81 -24.00
C LYS F 11 35.44 -44.47 -23.28
N ALA F 12 34.37 -43.73 -23.53
CA ALA F 12 34.20 -42.39 -23.01
C ALA F 12 33.11 -42.36 -21.95
N VAL F 13 32.94 -41.21 -21.31
CA VAL F 13 31.98 -41.03 -20.22
C VAL F 13 30.65 -40.61 -20.83
N TYR F 14 29.64 -41.47 -20.70
CA TYR F 14 28.34 -41.27 -21.32
C TYR F 14 27.37 -40.65 -20.34
N ALA F 15 26.55 -39.74 -20.82
CA ALA F 15 25.45 -39.21 -20.03
C ALA F 15 24.33 -40.25 -19.96
N PRO F 16 23.70 -40.44 -18.81
CA PRO F 16 22.69 -41.49 -18.69
C PRO F 16 21.32 -41.00 -19.15
N SER F 17 20.46 -41.99 -19.46
CA SER F 17 19.07 -41.70 -19.80
C SER F 17 18.34 -41.22 -18.55
N GLU F 18 17.87 -39.97 -18.58
CA GLU F 18 17.39 -39.31 -17.38
C GLU F 18 15.87 -39.19 -17.30
N TYR F 19 15.15 -39.26 -18.41
CA TYR F 19 13.71 -39.14 -18.42
C TYR F 19 13.08 -40.21 -19.31
N PHE F 20 11.87 -40.63 -18.93
CA PHE F 20 10.95 -41.25 -19.86
C PHE F 20 10.21 -40.21 -20.68
N LYS F 21 9.66 -40.65 -21.80
CA LYS F 21 8.70 -39.86 -22.55
C LYS F 21 7.35 -39.90 -21.85
N TYR F 22 6.62 -38.78 -21.91
CA TYR F 22 5.36 -38.64 -21.18
C TYR F 22 4.31 -39.61 -21.69
N GLY F 23 4.06 -40.67 -20.92
CA GLY F 23 3.05 -41.63 -21.30
C GLY F 23 3.38 -43.08 -21.04
N GLU F 24 4.66 -43.45 -21.06
CA GLU F 24 5.04 -44.84 -20.83
C GLU F 24 5.71 -45.06 -19.47
N GLY F 25 5.78 -44.04 -18.64
CA GLY F 25 6.27 -44.19 -17.28
C GLY F 25 5.12 -44.29 -16.29
N ALA F 26 5.32 -43.69 -15.12
CA ALA F 26 4.31 -43.76 -14.05
C ALA F 26 3.34 -42.59 -14.10
N SER F 27 2.76 -42.34 -15.27
CA SER F 27 1.54 -41.56 -15.39
C SER F 27 0.53 -42.26 -16.28
N LYS F 28 0.88 -43.40 -16.86
CA LYS F 28 -0.05 -44.19 -17.64
C LYS F 28 -1.14 -44.79 -16.76
N HIS F 29 -0.85 -44.99 -15.48
CA HIS F 29 -1.79 -45.55 -14.53
C HIS F 29 -2.34 -44.51 -13.56
N PHE F 30 -2.12 -43.23 -13.83
CA PHE F 30 -2.65 -42.19 -12.94
C PHE F 30 -4.12 -41.93 -13.21
N GLY F 31 -4.50 -41.74 -14.47
CA GLY F 31 -5.87 -41.33 -14.76
C GLY F 31 -6.14 -39.91 -14.34
N PHE F 32 -5.58 -38.95 -15.08
CA PHE F 32 -5.65 -37.54 -14.69
C PHE F 32 -7.07 -37.00 -14.75
N ALA F 33 -7.80 -37.31 -15.83
CA ALA F 33 -9.16 -36.79 -16.00
C ALA F 33 -10.11 -37.37 -14.97
N LYS F 34 -9.90 -38.63 -14.59
CA LYS F 34 -10.71 -39.25 -13.55
C LYS F 34 -10.53 -38.55 -12.21
N HIS F 35 -9.29 -38.22 -11.86
CA HIS F 35 -9.05 -37.55 -10.59
C HIS F 35 -9.55 -36.11 -10.61
N VAL F 36 -9.45 -35.43 -11.76
CA VAL F 36 -10.01 -34.09 -11.87
C VAL F 36 -11.54 -34.12 -11.75
N ALA F 37 -12.17 -35.14 -12.35
CA ALA F 37 -13.62 -35.30 -12.23
C ALA F 37 -14.04 -35.58 -10.79
N ILE F 38 -13.26 -36.41 -10.09
CA ILE F 38 -13.56 -36.71 -8.69
C ILE F 38 -13.41 -35.46 -7.81
N ALA F 39 -12.34 -34.68 -8.04
CA ALA F 39 -12.13 -33.46 -7.28
C ALA F 39 -13.23 -32.43 -7.53
N MET F 40 -13.63 -32.28 -8.80
CA MET F 40 -14.70 -31.33 -9.12
C MET F 40 -16.03 -31.80 -8.57
N THR F 41 -16.27 -33.12 -8.54
CA THR F 41 -17.50 -33.65 -7.96
C THR F 41 -17.56 -33.38 -6.46
N VAL F 42 -16.47 -33.62 -5.75
CA VAL F 42 -16.44 -33.38 -4.31
C VAL F 42 -16.57 -31.89 -3.99
N GLY F 43 -15.87 -31.05 -4.75
CA GLY F 43 -15.97 -29.61 -4.54
C GLY F 43 -17.36 -29.07 -4.84
N LEU F 44 -17.99 -29.57 -5.91
CA LEU F 44 -19.34 -29.13 -6.25
C LEU F 44 -20.36 -29.63 -5.25
N GLY F 45 -20.17 -30.83 -4.71
CA GLY F 45 -21.07 -31.33 -3.67
C GLY F 45 -21.00 -30.51 -2.40
N LEU F 46 -19.78 -30.17 -1.96
CA LEU F 46 -19.63 -29.30 -0.79
C LEU F 46 -20.19 -27.91 -1.04
N SER F 47 -19.94 -27.36 -2.23
CA SER F 47 -20.43 -26.01 -2.55
C SER F 47 -21.95 -25.98 -2.64
N PHE F 48 -22.55 -27.05 -3.16
CA PHE F 48 -24.00 -27.10 -3.21
C PHE F 48 -24.61 -27.32 -1.83
N ALA F 49 -23.92 -28.03 -0.94
CA ALA F 49 -24.38 -28.11 0.45
C ALA F 49 -24.35 -26.74 1.12
N TRP F 50 -23.28 -25.98 0.90
CA TRP F 50 -23.19 -24.63 1.46
C TRP F 50 -24.29 -23.72 0.90
N LYS F 51 -24.54 -23.80 -0.40
CA LYS F 51 -25.56 -22.97 -1.02
C LYS F 51 -26.96 -23.40 -0.60
N THR F 52 -27.17 -24.70 -0.35
CA THR F 52 -28.45 -25.17 0.18
C THR F 52 -28.70 -24.61 1.57
N TRP F 53 -27.66 -24.58 2.41
CA TRP F 53 -27.79 -23.94 3.73
C TRP F 53 -28.13 -22.47 3.61
N HIS F 54 -27.46 -21.76 2.70
CA HIS F 54 -27.71 -20.33 2.53
C HIS F 54 -29.13 -20.07 2.02
N TRP F 55 -29.60 -20.91 1.11
CA TRP F 55 -30.96 -20.78 0.58
C TRP F 55 -31.99 -21.02 1.68
N ASN F 56 -31.74 -22.00 2.54
CA ASN F 56 -32.63 -22.26 3.67
C ASN F 56 -32.70 -21.07 4.62
N GLU F 57 -31.55 -20.45 4.89
CA GLU F 57 -31.53 -19.26 5.75
C GLU F 57 -32.30 -18.11 5.11
N LYS F 58 -32.16 -17.93 3.79
CA LYS F 58 -32.89 -16.87 3.12
C LYS F 58 -34.39 -17.12 3.10
N ARG F 59 -34.79 -18.40 3.01
CA ARG F 59 -36.20 -18.76 3.15
C ARG F 59 -36.73 -18.38 4.52
N TYR F 60 -35.93 -18.61 5.57
CA TYR F 60 -36.37 -18.22 6.91
C TYR F 60 -36.50 -16.70 7.04
N ILE F 61 -35.57 -15.95 6.43
CA ILE F 61 -35.65 -14.49 6.51
C ILE F 61 -36.88 -13.97 5.80
N ALA F 62 -37.20 -14.55 4.63
CA ALA F 62 -38.40 -14.16 3.90
C ALA F 62 -39.67 -14.48 4.66
N GLN F 63 -39.72 -15.64 5.30
CA GLN F 63 -40.88 -15.99 6.12
C GLN F 63 -41.02 -15.06 7.33
N TYR F 64 -39.88 -14.67 7.92
CA TYR F 64 -39.89 -13.73 9.04
C TYR F 64 -40.49 -12.40 8.62
N TYR F 65 -40.05 -11.87 7.47
CA TYR F 65 -40.54 -10.56 7.05
C TYR F 65 -41.99 -10.62 6.58
N ALA F 66 -42.42 -11.76 6.02
CA ALA F 66 -43.82 -11.94 5.67
C ALA F 66 -44.70 -11.95 6.91
N ASP F 67 -44.29 -12.66 7.96
CA ASP F 67 -45.07 -12.70 9.19
C ASP F 67 -45.04 -11.34 9.91
N MET F 68 -43.93 -10.61 9.80
CA MET F 68 -43.88 -9.26 10.33
C MET F 68 -44.84 -8.34 9.60
N ALA F 69 -44.96 -8.47 8.28
CA ALA F 69 -45.93 -7.66 7.54
C ALA F 69 -47.36 -8.05 7.87
N ARG F 70 -47.60 -9.36 8.08
CA ARG F 70 -48.91 -9.82 8.52
C ARG F 70 -49.29 -9.21 9.87
N ARG F 71 -48.34 -9.10 10.79
CA ARG F 71 -48.60 -8.40 12.04
C ARG F 71 -48.84 -6.92 11.81
N GLU F 72 -47.98 -6.27 11.02
CA GLU F 72 -48.01 -4.83 10.84
C GLU F 72 -49.26 -4.33 10.13
N ALA F 73 -49.91 -5.19 9.34
CA ALA F 73 -51.18 -4.80 8.74
C ALA F 73 -52.28 -4.67 9.77
N ARG F 74 -52.18 -5.39 10.89
CA ARG F 74 -53.28 -5.46 11.84
C ARG F 74 -53.40 -4.22 12.70
N GLU F 75 -52.28 -3.60 13.12
CA GLU F 75 -52.38 -2.43 13.97
C GLU F 75 -52.93 -1.23 13.20
N ASP F 76 -52.56 -1.07 11.94
CA ASP F 76 -52.98 0.10 11.19
C ASP F 76 -54.38 -0.04 10.60
N ALA F 77 -54.93 -1.24 10.55
CA ALA F 77 -56.35 -1.39 10.25
C ALA F 77 -57.22 -0.93 11.41
N ALA F 78 -56.86 -1.32 12.63
CA ALA F 78 -57.54 -0.89 13.84
C ALA F 78 -57.27 0.57 14.17
N ARG F 79 -56.26 1.18 13.57
CA ARG F 79 -56.06 2.62 13.70
C ARG F 79 -57.06 3.40 12.85
N LYS F 80 -57.23 3.00 11.59
CA LYS F 80 -58.18 3.67 10.72
C LYS F 80 -59.61 3.36 11.11
N SER F 81 -59.87 2.17 11.68
CA SER F 81 -61.19 1.88 12.22
C SER F 81 -61.52 2.78 13.41
N ALA F 82 -60.54 3.04 14.28
CA ALA F 82 -60.73 3.97 15.38
C ALA F 82 -60.93 5.39 14.86
N LEU F 83 -60.20 5.76 13.79
CA LEU F 83 -60.40 7.07 13.18
C LEU F 83 -61.80 7.21 12.59
N ALA F 84 -62.32 6.15 11.98
CA ALA F 84 -63.68 6.16 11.46
C ALA F 84 -64.70 6.22 12.58
N ASP F 85 -64.42 5.58 13.72
CA ASP F 85 -65.30 5.72 14.88
C ASP F 85 -65.32 7.14 15.41
N LYS F 86 -64.16 7.80 15.46
CA LYS F 86 -64.14 9.22 15.83
C LYS F 86 -64.84 10.09 14.81
N TYR F 87 -64.77 9.73 13.53
CA TYR F 87 -65.52 10.45 12.51
C TYR F 87 -67.02 10.26 12.69
N LYS F 88 -67.45 9.05 13.06
CA LYS F 88 -68.85 8.77 13.33
C LYS F 88 -69.35 9.45 14.59
N GLN F 89 -68.46 9.73 15.53
CA GLN F 89 -68.83 10.54 16.68
C GLN F 89 -68.93 12.02 16.34
N LEU F 90 -67.97 12.56 15.59
CA LEU F 90 -68.02 13.96 15.21
C LEU F 90 -69.13 14.24 14.19
N GLU F 91 -69.59 13.19 13.48
CA GLU F 91 -70.72 13.33 12.58
C GLU F 91 -72.00 13.69 13.34
N GLU F 92 -72.29 12.96 14.43
CA GLU F 92 -73.44 13.29 15.24
C GLU F 92 -73.17 14.43 16.21
N GLU F 93 -71.90 14.82 16.40
CA GLU F 93 -71.62 16.01 17.20
C GLU F 93 -72.11 17.28 16.50
N LEU F 94 -72.05 17.31 15.17
CA LEU F 94 -72.56 18.43 14.40
C LEU F 94 -73.97 18.19 13.86
N LEU F 95 -74.60 17.06 14.19
CA LEU F 95 -75.96 16.80 13.77
C LEU F 95 -76.95 16.75 14.93
N SER F 96 -76.47 16.79 16.17
CA SER F 96 -77.37 16.79 17.33
C SER F 96 -77.78 18.20 17.71
N GLY G 23 51.15 0.76 -18.77
CA GLY G 23 51.26 0.37 -20.16
C GLY G 23 50.60 -0.96 -20.46
N GLU G 24 50.22 -1.66 -19.40
CA GLU G 24 49.56 -2.96 -19.51
C GLU G 24 48.26 -2.95 -18.73
N THR G 25 47.51 -1.85 -18.82
CA THR G 25 46.25 -1.74 -18.10
C THR G 25 45.20 -2.67 -18.69
N ILE G 26 44.15 -2.91 -17.90
CA ILE G 26 43.04 -3.75 -18.32
C ILE G 26 42.32 -3.10 -19.50
N ASP G 27 42.23 -1.76 -19.49
CA ASP G 27 41.57 -1.02 -20.55
C ASP G 27 42.26 -1.23 -21.90
N LYS G 28 43.60 -1.08 -21.93
CA LYS G 28 44.33 -1.30 -23.17
C LYS G 28 44.35 -2.78 -23.56
N TYR G 29 44.25 -3.67 -22.59
CA TYR G 29 44.21 -5.10 -22.87
C TYR G 29 42.94 -5.48 -23.61
N TRP G 30 41.80 -4.95 -23.17
CA TRP G 30 40.52 -5.25 -23.79
C TRP G 30 40.12 -4.25 -24.87
N ALA G 31 40.94 -3.24 -25.14
CA ALA G 31 40.59 -2.24 -26.15
C ALA G 31 40.42 -2.76 -27.58
N PRO G 32 41.24 -3.67 -28.13
CA PRO G 32 40.97 -4.14 -29.50
C PRO G 32 39.69 -4.95 -29.66
N TYR G 33 39.08 -5.41 -28.58
CA TYR G 33 37.83 -6.15 -28.66
C TYR G 33 36.61 -5.25 -28.50
N PHE G 34 36.81 -3.95 -28.27
CA PHE G 34 35.73 -2.98 -28.17
C PHE G 34 36.07 -1.82 -29.12
N PRO G 35 35.81 -1.98 -30.40
CA PRO G 35 36.16 -0.91 -31.35
C PRO G 35 35.21 0.26 -31.25
N LYS G 36 35.75 1.45 -31.49
CA LYS G 36 34.93 2.65 -31.54
C LYS G 36 34.04 2.61 -32.78
N PRO G 37 32.76 2.96 -32.65
CA PRO G 37 31.88 2.96 -33.83
C PRO G 37 32.20 4.08 -34.79
N ALA G 38 33.20 3.83 -35.65
CA ALA G 38 33.73 4.77 -36.65
C ALA G 38 34.16 6.11 -36.04
N ALA G 41 35.98 13.59 -39.13
CA ALA G 41 36.51 14.71 -38.35
C ALA G 41 35.72 15.98 -38.61
N ASP G 42 35.37 16.22 -39.88
CA ASP G 42 34.55 17.37 -40.23
C ASP G 42 33.07 17.12 -39.99
N GLU G 43 32.66 15.84 -39.90
CA GLU G 43 31.29 15.52 -39.51
C GLU G 43 31.00 15.98 -38.09
N ALA G 44 32.01 15.92 -37.22
CA ALA G 44 31.87 16.47 -35.87
C ALA G 44 31.62 17.97 -35.91
N LYS G 45 32.30 18.69 -36.80
CA LYS G 45 32.08 20.13 -36.92
C LYS G 45 30.69 20.42 -37.49
N LYS G 46 30.23 19.57 -38.42
CA LYS G 46 28.88 19.71 -38.96
C LYS G 46 27.83 19.53 -37.87
N SER G 47 28.01 18.52 -37.02
CA SER G 47 27.10 18.29 -35.90
C SER G 47 27.16 19.42 -34.88
N VAL G 48 28.36 19.95 -34.63
CA VAL G 48 28.52 21.05 -33.69
C VAL G 48 27.79 22.29 -34.17
N ASN G 49 27.92 22.61 -35.47
CA ASN G 49 27.21 23.78 -35.99
C ASN G 49 25.71 23.55 -36.04
N LYS G 50 25.27 22.30 -36.28
CA LYS G 50 23.87 21.95 -36.23
C LYS G 50 23.27 22.18 -34.85
N GLU G 51 24.00 21.82 -33.79
CA GLU G 51 23.50 22.08 -32.46
C GLU G 51 23.68 23.55 -32.05
N MET G 52 24.69 24.22 -32.59
CA MET G 52 24.91 25.63 -32.29
C MET G 52 23.86 26.53 -32.91
N VAL G 53 23.22 26.11 -34.01
CA VAL G 53 22.09 26.85 -34.53
C VAL G 53 20.97 26.94 -33.50
N GLY G 54 20.59 25.78 -32.94
CA GLY G 54 19.62 25.76 -31.85
C GLY G 54 20.11 26.40 -30.58
N PHE G 55 21.44 26.48 -30.39
CA PHE G 55 21.95 27.20 -29.24
C PHE G 55 21.76 28.71 -29.38
N MET G 56 22.20 29.29 -30.51
CA MET G 56 21.99 30.74 -30.64
C MET G 56 20.55 31.13 -30.95
N LEU G 57 19.67 30.17 -31.22
CA LEU G 57 18.25 30.49 -31.32
C LEU G 57 17.70 31.06 -30.01
N LEU G 58 18.24 30.61 -28.87
CA LEU G 58 17.74 31.03 -27.56
C LEU G 58 18.82 31.51 -26.60
N GLY G 59 20.08 31.47 -26.99
CA GLY G 59 21.18 31.70 -26.08
C GLY G 59 21.40 33.14 -25.68
N PRO G 60 21.79 34.00 -26.63
CA PRO G 60 22.04 35.41 -26.29
C PRO G 60 20.83 36.17 -25.79
N VAL G 61 19.63 35.85 -26.28
CA VAL G 61 18.44 36.59 -25.86
C VAL G 61 18.07 36.27 -24.41
N GLY G 62 18.21 35.00 -24.00
CA GLY G 62 17.94 34.64 -22.62
C GLY G 62 18.94 35.24 -21.66
N VAL G 63 20.23 35.24 -22.02
CA VAL G 63 21.26 35.83 -21.19
C VAL G 63 21.08 37.34 -21.11
N ALA G 64 20.70 37.97 -22.23
CA ALA G 64 20.49 39.41 -22.25
C ALA G 64 19.32 39.83 -21.37
N PHE G 65 18.19 39.11 -21.47
CA PHE G 65 17.06 39.44 -20.61
C PHE G 65 17.35 39.10 -19.15
N MET G 66 18.15 38.07 -18.87
CA MET G 66 18.48 37.77 -17.48
C MET G 66 19.44 38.80 -16.88
N LEU G 67 20.39 39.29 -17.68
CA LEU G 67 21.23 40.39 -17.22
C LEU G 67 20.44 41.68 -17.05
N TYR G 68 19.41 41.89 -17.87
CA TYR G 68 18.49 42.99 -17.63
C TYR G 68 17.71 42.78 -16.35
N ASP G 69 17.32 41.53 -16.07
CA ASP G 69 16.56 41.21 -14.86
C ASP G 69 17.38 41.39 -13.60
N PHE G 70 18.69 41.15 -13.67
CA PHE G 70 19.54 41.28 -12.50
C PHE G 70 19.70 42.73 -12.05
N ALA G 71 19.40 43.69 -12.91
CA ALA G 71 19.46 45.10 -12.56
C ALA G 71 18.09 45.71 -12.28
N VAL G 72 17.01 44.96 -12.48
CA VAL G 72 15.66 45.46 -12.21
C VAL G 72 15.07 44.59 -11.08
N GLY G 73 15.96 44.14 -10.19
CA GLY G 73 15.57 43.22 -9.14
C GLY G 73 14.94 43.91 -7.95
N LEU G 74 15.57 43.84 -6.78
CA LEU G 74 14.96 44.34 -5.55
C LEU G 74 14.93 45.87 -5.50
N GLU G 75 14.12 46.47 -6.37
CA GLU G 75 13.89 47.91 -6.39
C GLU G 75 12.41 48.26 -6.33
N GLU G 76 11.56 47.49 -7.00
CA GLU G 76 10.12 47.72 -6.95
C GLU G 76 9.54 47.23 -5.63
N GLU G 77 8.38 47.78 -5.27
CA GLU G 77 7.75 47.50 -3.99
C GLU G 77 6.28 47.20 -4.19
N HIS G 78 5.76 46.34 -3.31
CA HIS G 78 4.33 46.10 -3.20
C HIS G 78 3.90 46.42 -1.78
N HIS G 79 2.80 47.17 -1.65
CA HIS G 79 2.24 47.51 -0.36
C HIS G 79 0.86 46.88 -0.19
N VAL G 80 0.61 45.80 -0.93
CA VAL G 80 -0.67 45.11 -0.89
C VAL G 80 -0.72 44.23 0.35
N THR G 81 -1.24 44.78 1.44
CA THR G 81 -1.46 43.99 2.65
C THR G 81 -2.60 42.99 2.42
N ILE G 82 -2.47 41.82 3.02
CA ILE G 82 -3.43 40.74 2.86
C ILE G 82 -4.08 40.48 4.22
N PRO G 83 -5.41 40.36 4.28
CA PRO G 83 -6.06 40.04 5.55
C PRO G 83 -5.72 38.64 6.00
N PRO G 84 -5.75 38.36 7.31
CA PRO G 84 -5.41 37.03 7.80
C PRO G 84 -6.49 35.99 7.57
N TYR G 85 -6.56 35.47 6.34
CA TYR G 85 -7.48 34.41 5.99
C TYR G 85 -7.05 33.10 6.67
N PRO G 86 -7.97 32.14 6.82
CA PRO G 86 -7.58 30.86 7.45
C PRO G 86 -6.53 30.06 6.69
N TRP G 87 -6.36 30.29 5.39
CA TRP G 87 -5.31 29.60 4.63
C TRP G 87 -4.01 30.38 4.57
N MET G 88 -3.95 31.55 5.18
CA MET G 88 -2.76 32.40 5.11
C MET G 88 -2.00 32.33 6.43
N ARG G 89 -0.69 32.07 6.33
CA ARG G 89 0.25 32.04 7.46
C ARG G 89 -0.16 30.99 8.49
N ILE G 90 -0.16 29.73 8.03
CA ILE G 90 -0.54 28.61 8.88
C ILE G 90 0.51 28.42 9.97
N ARG G 91 0.04 28.27 11.20
CA ARG G 91 0.89 28.21 12.39
C ARG G 91 0.43 27.07 13.30
N ARG G 92 0.34 25.87 12.73
CA ARG G 92 0.03 24.67 13.50
C ARG G 92 1.02 24.46 14.63
N LEU G 93 2.30 24.68 14.37
CA LEU G 93 3.32 24.81 15.40
C LEU G 93 3.79 26.26 15.45
N PRO G 94 3.99 26.81 16.64
CA PRO G 94 4.32 28.24 16.77
C PRO G 94 5.69 28.56 16.20
N GLY G 95 5.75 29.64 15.43
CA GLY G 95 7.00 30.08 14.83
C GLY G 95 7.48 29.15 13.74
N MET G 96 8.74 29.36 13.36
CA MET G 96 9.44 28.56 12.37
C MET G 96 10.71 28.01 13.01
N PRO G 97 11.30 26.95 12.46
CA PRO G 97 12.55 26.43 13.03
C PRO G 97 13.72 27.41 13.01
N TRP G 98 13.67 28.44 12.17
CA TRP G 98 14.74 29.42 12.08
C TRP G 98 14.39 30.76 12.69
N GLY G 99 13.15 30.97 13.12
CA GLY G 99 12.77 32.25 13.69
C GLY G 99 11.26 32.44 13.60
N GLN G 100 10.85 33.71 13.50
CA GLN G 100 9.43 34.05 13.48
C GLN G 100 8.89 34.08 12.06
N ASP G 101 9.45 34.93 11.20
CA ASP G 101 9.01 35.04 9.82
C ASP G 101 9.53 33.84 9.01
N GLY G 102 9.01 33.71 7.80
CA GLY G 102 9.46 32.68 6.91
C GLY G 102 10.84 32.97 6.37
N LEU G 103 11.45 31.94 5.79
CA LEU G 103 12.75 32.09 5.16
C LEU G 103 12.61 32.93 3.90
N PHE G 104 13.69 33.58 3.48
CA PHE G 104 13.66 34.35 2.23
C PHE G 104 12.58 35.41 2.24
N GLU G 105 11.97 35.63 3.39
CA GLU G 105 10.92 36.63 3.48
C GLU G 105 11.42 37.81 4.28
N GLY G 106 11.63 38.92 3.60
CA GLY G 106 12.09 40.12 4.28
C GLY G 106 10.97 41.12 4.41
N HIS G 107 9.97 41.00 3.55
CA HIS G 107 8.83 41.91 3.61
C HIS G 107 7.54 41.14 3.79
N PRO G 108 7.15 40.88 5.05
CA PRO G 108 5.93 40.12 5.31
C PRO G 108 4.68 40.86 4.84
N ARG G 109 3.76 40.16 4.20
CA ARG G 109 2.57 40.82 3.64
C ARG G 109 1.31 40.70 4.50
N VAL G 110 1.02 39.50 5.01
CA VAL G 110 -0.21 39.31 5.79
C VAL G 110 -0.23 40.34 6.88
N ALA G 111 -1.39 40.92 7.13
CA ALA G 111 -1.48 42.03 8.09
C ALA G 111 -1.52 41.66 9.55
N THR G 112 -0.91 42.49 10.38
CA THR G 112 -1.00 42.29 11.80
C THR G 112 -1.91 43.40 12.24
N THR G 113 -2.47 43.30 13.44
CA THR G 113 -3.45 44.29 13.88
C THR G 113 -4.52 44.40 12.82
N TRP G 114 -5.25 43.32 12.59
CA TRP G 114 -6.29 43.30 11.57
C TRP G 114 -7.45 44.14 12.05
N PRO G 115 -7.64 45.31 11.44
CA PRO G 115 -8.70 46.19 11.94
C PRO G 115 -10.01 45.45 11.91
N LYS H 35 -84.06 44.96 3.57
CA LYS H 35 -82.96 44.03 3.78
C LYS H 35 -82.33 43.64 2.43
N PRO H 36 -81.00 43.70 2.36
CA PRO H 36 -80.32 43.33 1.11
C PRO H 36 -80.30 41.83 0.88
N THR H 37 -81.11 41.36 -0.07
CA THR H 37 -81.21 39.95 -0.37
C THR H 37 -80.06 39.52 -1.29
N LEU H 38 -80.01 38.23 -1.60
CA LEU H 38 -78.95 37.70 -2.46
C LEU H 38 -79.09 38.20 -3.89
N GLU H 39 -80.30 38.55 -4.31
CA GLU H 39 -80.51 39.15 -5.63
C GLU H 39 -80.07 40.60 -5.70
N SER H 40 -79.78 41.24 -4.57
CA SER H 40 -79.37 42.64 -4.55
C SER H 40 -78.00 42.87 -3.92
N LEU H 41 -77.38 41.85 -3.34
CA LEU H 41 -76.06 42.02 -2.74
C LEU H 41 -74.98 42.10 -3.81
N SER H 42 -73.88 42.77 -3.46
CA SER H 42 -72.74 42.89 -4.35
C SER H 42 -71.78 41.73 -4.10
N ALA H 43 -70.62 41.75 -4.76
CA ALA H 43 -69.68 40.64 -4.64
C ALA H 43 -68.92 40.67 -3.31
N ASP H 44 -68.57 41.86 -2.82
CA ASP H 44 -67.75 41.95 -1.61
C ASP H 44 -68.56 41.60 -0.37
N GLU H 45 -69.81 42.06 -0.30
CA GLU H 45 -70.67 41.71 0.81
C GLU H 45 -70.99 40.21 0.82
N LEU H 46 -71.17 39.63 -0.37
CA LEU H 46 -71.37 38.18 -0.47
C LEU H 46 -70.12 37.42 -0.04
N GLU H 47 -68.93 37.95 -0.38
CA GLU H 47 -67.68 37.33 0.05
C GLU H 47 -67.52 37.37 1.57
N GLU H 48 -67.85 38.51 2.17
CA GLU H 48 -67.81 38.63 3.64
C GLU H 48 -68.83 37.71 4.30
N LEU H 49 -70.01 37.57 3.69
CA LEU H 49 -71.02 36.66 4.23
C LEU H 49 -70.57 35.22 4.12
N LYS H 50 -69.91 34.85 3.01
CA LYS H 50 -69.34 33.51 2.86
C LYS H 50 -68.28 33.24 3.93
N ASN H 51 -67.43 34.24 4.18
CA ASN H 51 -66.39 34.10 5.19
C ASN H 51 -66.99 33.92 6.59
N GLU H 52 -68.03 34.69 6.90
CA GLU H 52 -68.70 34.57 8.20
C GLU H 52 -69.38 33.20 8.35
N VAL H 53 -70.06 32.74 7.30
CA VAL H 53 -70.76 31.45 7.32
C VAL H 53 -69.77 30.31 7.52
N VAL H 54 -68.63 30.37 6.83
CA VAL H 54 -67.62 29.33 6.98
C VAL H 54 -66.99 29.38 8.37
N SER H 55 -66.59 30.59 8.80
CA SER H 55 -65.82 30.74 10.03
C SER H 55 -66.62 30.37 11.27
N GLU H 56 -67.91 30.76 11.31
CA GLU H 56 -68.73 30.52 12.48
C GLU H 56 -68.95 29.03 12.77
N VAL H 57 -68.78 28.17 11.77
CA VAL H 57 -68.98 26.73 11.97
C VAL H 57 -67.64 26.04 12.09
N VAL H 58 -66.61 26.50 11.36
CA VAL H 58 -65.33 25.82 11.48
C VAL H 58 -64.63 26.18 12.80
N ASP H 59 -65.03 27.28 13.45
CA ASP H 59 -64.57 27.53 14.81
C ASP H 59 -65.21 26.54 15.79
N LYS H 60 -66.40 26.05 15.48
CA LYS H 60 -67.00 25.00 16.28
C LYS H 60 -66.37 23.64 15.98
N ILE H 61 -66.02 23.40 14.72
CA ILE H 61 -65.50 22.09 14.32
C ILE H 61 -64.07 21.93 14.80
N ALA H 62 -63.17 22.79 14.33
CA ALA H 62 -61.74 22.63 14.59
C ALA H 62 -61.24 23.44 15.79
N GLY H 63 -61.96 24.46 16.20
CA GLY H 63 -61.49 25.36 17.24
C GLY H 63 -61.02 26.69 16.65
N GLU H 64 -60.97 27.70 17.53
CA GLU H 64 -60.44 29.00 17.13
C GLU H 64 -58.94 28.94 16.86
N ASP H 65 -58.23 28.09 17.59
CA ASP H 65 -56.80 27.87 17.41
C ASP H 65 -56.49 26.58 16.66
N GLY H 66 -57.27 25.52 16.90
CA GLY H 66 -57.05 24.26 16.21
C GLY H 66 -56.48 23.17 17.08
N THR H 67 -56.92 23.10 18.34
CA THR H 67 -56.44 22.08 19.27
C THR H 67 -57.38 20.89 19.32
N LYS H 68 -58.25 20.79 18.33
CA LYS H 68 -59.20 19.70 18.23
C LYS H 68 -58.95 18.77 17.05
N LEU H 69 -57.99 19.08 16.18
CA LEU H 69 -57.71 18.30 14.99
C LEU H 69 -56.60 17.28 15.20
N ALA H 70 -56.18 17.08 16.45
CA ALA H 70 -54.96 16.29 16.73
C ALA H 70 -55.12 14.83 16.34
N ASP H 71 -56.36 14.34 16.28
CA ASP H 71 -56.59 12.98 15.82
C ASP H 71 -56.59 12.89 14.30
N PHE H 72 -56.96 13.97 13.61
CA PHE H 72 -57.01 13.99 12.15
C PHE H 72 -55.81 14.69 11.52
N LEU H 73 -54.74 14.88 12.27
CA LEU H 73 -53.54 15.54 11.79
C LEU H 73 -52.44 14.51 11.57
N GLU H 74 -51.74 14.62 10.44
CA GLU H 74 -50.67 13.70 10.09
C GLU H 74 -49.33 14.43 10.13
N PRO H 75 -48.35 13.97 10.90
CA PRO H 75 -47.08 14.68 10.99
C PRO H 75 -46.15 14.32 9.84
N GLU H 76 -45.27 15.26 9.51
CA GLU H 76 -44.31 15.02 8.44
C GLU H 76 -43.09 15.90 8.67
N LEU H 77 -41.91 15.29 8.51
CA LEU H 77 -40.65 15.96 8.79
C LEU H 77 -40.00 16.44 7.50
N ILE H 78 -39.55 17.69 7.49
CA ILE H 78 -39.03 18.35 6.30
C ILE H 78 -37.51 18.41 6.40
N THR H 79 -36.83 17.85 5.42
CA THR H 79 -35.38 17.92 5.34
C THR H 79 -34.98 18.51 3.99
N ALA H 80 -33.69 18.80 3.84
CA ALA H 80 -33.18 19.42 2.62
C ALA H 80 -33.23 18.43 1.46
N PRO H 81 -33.73 18.84 0.30
CA PRO H 81 -33.88 17.90 -0.82
C PRO H 81 -32.55 17.60 -1.49
N TYR H 82 -32.57 16.54 -2.30
CA TYR H 82 -31.40 16.11 -3.06
C TYR H 82 -31.17 17.08 -4.21
N ASP H 83 -30.04 17.76 -4.20
CA ASP H 83 -29.67 18.65 -5.29
C ASP H 83 -28.98 17.85 -6.38
N PRO H 84 -29.47 17.86 -7.63
CA PRO H 84 -28.76 17.16 -8.71
C PRO H 84 -27.42 17.79 -9.06
N ARG H 85 -27.14 19.03 -8.64
CA ARG H 85 -25.87 19.66 -8.89
C ARG H 85 -24.71 18.97 -8.16
N PHE H 86 -24.99 18.22 -7.09
CA PHE H 86 -23.96 17.65 -6.22
C PHE H 86 -24.18 16.14 -6.16
N PRO H 87 -23.62 15.39 -7.12
CA PRO H 87 -23.93 13.96 -7.23
C PRO H 87 -23.01 13.02 -6.46
N ASN H 88 -21.92 13.52 -5.89
CA ASN H 88 -20.92 12.71 -5.23
C ASN H 88 -21.26 12.50 -3.76
N ARG H 89 -20.44 11.69 -3.10
CA ARG H 89 -20.66 11.39 -1.68
C ARG H 89 -20.22 12.52 -0.77
N ASN H 90 -19.19 13.27 -1.14
CA ASN H 90 -18.81 14.45 -0.37
C ASN H 90 -19.81 15.56 -0.63
N GLN H 91 -20.48 16.02 0.44
CA GLN H 91 -21.52 17.02 0.33
C GLN H 91 -21.16 18.34 0.99
N ALA H 92 -19.88 18.62 1.16
CA ALA H 92 -19.48 19.90 1.76
C ALA H 92 -19.73 21.06 0.81
N ARG H 93 -19.63 20.81 -0.49
CA ARG H 93 -19.93 21.86 -1.45
C ARG H 93 -21.42 22.19 -1.48
N HIS H 94 -22.28 21.18 -1.28
CA HIS H 94 -23.72 21.44 -1.20
C HIS H 94 -24.07 22.35 -0.02
N CYS H 95 -23.49 22.04 1.15
CA CYS H 95 -23.57 22.89 2.32
C CYS H 95 -23.11 24.32 2.04
N PHE H 96 -21.93 24.46 1.41
CA PHE H 96 -21.37 25.79 1.19
C PHE H 96 -22.20 26.60 0.19
N VAL H 97 -22.67 25.94 -0.87
CA VAL H 97 -23.50 26.60 -1.88
C VAL H 97 -24.83 27.06 -1.30
N ARG H 98 -25.47 26.23 -0.47
CA ARG H 98 -26.73 26.64 0.15
C ARG H 98 -26.52 27.78 1.14
N PHE H 99 -25.40 27.75 1.90
CA PHE H 99 -25.11 28.83 2.83
C PHE H 99 -24.87 30.14 2.11
N ASN H 100 -24.24 30.10 0.94
CA ASN H 100 -24.06 31.33 0.16
C ASN H 100 -25.35 31.78 -0.50
N GLU H 101 -26.17 30.83 -0.97
CA GLU H 101 -27.44 31.19 -1.60
C GLU H 101 -28.40 31.85 -0.62
N TYR H 102 -28.34 31.50 0.67
CA TYR H 102 -29.18 32.18 1.64
C TYR H 102 -28.85 33.66 1.73
N TYR H 103 -27.55 34.00 1.82
CA TYR H 103 -27.19 35.41 1.93
C TYR H 103 -27.37 36.14 0.61
N LYS H 104 -27.27 35.43 -0.52
CA LYS H 104 -27.62 36.03 -1.80
C LYS H 104 -29.12 36.35 -1.88
N CYS H 105 -29.97 35.43 -1.41
CA CYS H 105 -31.41 35.69 -1.34
C CYS H 105 -31.72 36.84 -0.39
N LEU H 106 -31.01 36.90 0.74
CA LEU H 106 -31.23 37.96 1.71
C LEU H 106 -30.84 39.32 1.14
N TYR H 107 -29.77 39.37 0.35
CA TYR H 107 -29.39 40.63 -0.26
C TYR H 107 -30.34 41.03 -1.37
N GLU H 108 -30.75 40.07 -2.21
CA GLU H 108 -31.55 40.40 -3.38
C GLU H 108 -33.03 40.57 -3.04
N ARG H 109 -33.69 39.48 -2.64
CA ARG H 109 -35.14 39.47 -2.47
C ARG H 109 -35.54 39.66 -1.01
N GLY H 110 -35.12 40.77 -0.39
CA GLY H 110 -35.60 41.10 0.95
C GLY H 110 -35.12 40.13 2.04
N GLU H 111 -35.83 40.15 3.15
CA GLU H 111 -35.52 39.28 4.29
C GLU H 111 -36.50 38.14 4.48
N GLU H 112 -37.77 38.30 4.11
CA GLU H 112 -38.81 37.34 4.43
C GLU H 112 -39.40 36.68 3.19
N HIS H 113 -38.66 36.66 2.08
CA HIS H 113 -39.11 35.95 0.89
C HIS H 113 -39.04 34.44 1.13
N PRO H 114 -40.04 33.67 0.67
CA PRO H 114 -40.08 32.23 0.95
C PRO H 114 -38.88 31.43 0.43
N ARG H 115 -38.28 31.84 -0.68
CA ARG H 115 -37.10 31.15 -1.17
C ARG H 115 -35.89 31.37 -0.26
N CYS H 116 -35.83 32.51 0.43
CA CYS H 116 -34.75 32.71 1.39
C CYS H 116 -34.88 31.77 2.59
N GLN H 117 -36.11 31.54 3.07
CA GLN H 117 -36.27 30.53 4.12
C GLN H 117 -36.06 29.12 3.60
N PHE H 118 -36.33 28.88 2.31
CA PHE H 118 -35.97 27.59 1.72
C PHE H 118 -34.45 27.37 1.78
N TYR H 119 -33.68 28.41 1.45
CA TYR H 119 -32.22 28.29 1.51
C TYR H 119 -31.73 28.14 2.94
N GLN H 120 -32.35 28.87 3.88
CA GLN H 120 -31.95 28.77 5.28
C GLN H 120 -32.23 27.38 5.85
N LYS H 121 -33.43 26.87 5.64
CA LYS H 121 -33.78 25.54 6.12
C LYS H 121 -33.14 24.42 5.30
N ALA H 122 -32.54 24.73 4.15
CA ALA H 122 -31.77 23.70 3.48
C ALA H 122 -30.32 23.65 3.97
N TYR H 123 -29.69 24.80 4.25
CA TYR H 123 -28.34 24.71 4.78
C TYR H 123 -28.32 24.28 6.24
N GLN H 124 -29.33 24.65 7.02
CA GLN H 124 -29.37 24.21 8.41
C GLN H 124 -29.59 22.71 8.51
N SER H 125 -30.25 22.12 7.53
CA SER H 125 -30.47 20.69 7.46
C SER H 125 -29.22 19.92 7.03
N LEU H 126 -28.18 20.60 6.57
CA LEU H 126 -26.99 19.90 6.07
C LEU H 126 -25.72 20.32 6.78
N CYS H 127 -25.55 21.58 7.07
CA CYS H 127 -24.28 22.06 7.58
C CYS H 127 -24.16 21.77 9.06
N PRO H 128 -23.04 21.18 9.52
CA PRO H 128 -22.79 21.09 10.96
C PRO H 128 -22.67 22.47 11.59
N SER H 129 -23.12 22.58 12.84
CA SER H 129 -23.25 23.87 13.48
C SER H 129 -21.90 24.53 13.75
N GLU H 130 -20.84 23.73 13.93
CA GLU H 130 -19.50 24.30 14.08
C GLU H 130 -19.05 25.00 12.81
N TRP H 131 -19.34 24.40 11.64
CA TRP H 131 -19.01 25.02 10.36
C TRP H 131 -19.78 26.33 10.19
N VAL H 132 -21.05 26.34 10.59
CA VAL H 132 -21.88 27.53 10.44
C VAL H 132 -21.37 28.65 11.32
N GLU H 133 -21.07 28.37 12.59
CA GLU H 133 -20.62 29.42 13.49
C GLU H 133 -19.22 29.92 13.10
N SER H 134 -18.39 29.04 12.53
CA SER H 134 -17.11 29.48 11.96
C SER H 134 -17.34 30.42 10.78
N TRP H 135 -18.34 30.12 9.95
CA TRP H 135 -18.56 30.97 8.78
C TRP H 135 -19.15 32.33 9.17
N GLN H 136 -20.04 32.36 10.17
CA GLN H 136 -20.51 33.67 10.63
C GLN H 136 -19.42 34.46 11.34
N GLU H 137 -18.50 33.81 12.07
CA GLU H 137 -17.45 34.62 12.68
C GLU H 137 -16.43 35.08 11.65
N LEU H 138 -16.23 34.31 10.57
CA LEU H 138 -15.44 34.80 9.44
C LEU H 138 -16.10 35.99 8.77
N ARG H 139 -17.43 35.94 8.59
CA ARG H 139 -18.15 37.05 7.99
C ARG H 139 -18.11 38.29 8.88
N GLU H 140 -18.18 38.10 10.19
CA GLU H 140 -18.12 39.22 11.11
C GLU H 140 -16.72 39.83 11.15
N LYS H 141 -15.68 39.00 11.06
CA LYS H 141 -14.31 39.50 11.06
C LYS H 141 -13.97 40.27 9.80
N GLY H 142 -14.74 40.09 8.72
CA GLY H 142 -14.39 40.67 7.44
C GLY H 142 -13.61 39.74 6.54
N LEU H 143 -13.56 38.46 6.86
CA LEU H 143 -12.73 37.49 6.15
C LEU H 143 -13.55 36.58 5.26
N TRP H 144 -14.65 37.09 4.70
CA TRP H 144 -15.49 36.34 3.78
C TRP H 144 -15.26 36.84 2.36
N THR H 145 -15.00 35.92 1.44
CA THR H 145 -14.64 36.27 0.08
C THR H 145 -15.84 36.48 -0.84
N GLY H 146 -17.05 36.38 -0.31
CA GLY H 146 -18.24 36.59 -1.12
C GLY H 146 -18.44 38.05 -1.46
N LYS H 147 -19.19 38.28 -2.55
CA LYS H 147 -19.43 39.65 -3.02
C LYS H 147 -20.35 40.40 -2.08
N TYR H 148 -21.59 39.94 -1.96
CA TYR H 148 -22.53 40.38 -0.95
C TYR H 148 -22.08 40.04 0.47
N GLU I 30 55.40 4.87 -2.10
CA GLU I 30 54.94 3.57 -1.65
C GLU I 30 54.04 3.70 -0.43
N LYS I 31 53.13 2.72 -0.26
CA LYS I 31 52.14 2.56 0.81
C LYS I 31 50.98 3.55 0.67
N TYR I 32 51.14 4.55 -0.20
CA TYR I 32 50.10 5.51 -0.50
C TYR I 32 50.06 5.81 -2.00
N SER I 33 50.55 4.89 -2.82
CA SER I 33 50.54 5.05 -4.26
C SER I 33 49.13 4.80 -4.80
N HIS I 34 48.93 5.17 -6.07
CA HIS I 34 47.64 4.85 -6.70
C HIS I 34 47.50 3.37 -6.92
N GLU I 35 48.61 2.64 -7.05
CA GLU I 35 48.51 1.18 -7.20
C GLU I 35 47.99 0.52 -5.92
N GLU I 36 48.28 1.11 -4.77
CA GLU I 36 47.71 0.63 -3.52
C GLU I 36 46.21 0.88 -3.46
N VAL I 37 45.77 2.05 -3.94
CA VAL I 37 44.35 2.37 -4.00
C VAL I 37 43.62 1.42 -4.96
N VAL I 38 44.25 1.13 -6.09
CA VAL I 38 43.60 0.38 -7.15
C VAL I 38 43.57 -1.11 -6.87
N TYR I 39 44.72 -1.73 -6.65
CA TYR I 39 44.80 -3.17 -6.53
C TYR I 39 44.81 -3.64 -5.08
N GLY I 40 44.62 -2.73 -4.12
CA GLY I 40 44.73 -3.10 -2.74
C GLY I 40 46.18 -3.26 -2.32
N ASP I 41 46.37 -4.00 -1.23
CA ASP I 41 47.69 -4.35 -0.74
C ASP I 41 47.91 -5.84 -0.94
N GLY I 42 49.00 -6.20 -1.61
CA GLY I 42 49.22 -7.57 -2.02
C GLY I 42 49.61 -8.52 -0.92
N HIS I 43 48.72 -8.75 0.04
CA HIS I 43 48.99 -9.68 1.13
C HIS I 43 48.73 -11.10 0.68
N HIS I 44 49.59 -12.01 1.12
CA HIS I 44 49.44 -13.44 0.85
C HIS I 44 49.44 -14.20 2.16
N GLY I 45 48.63 -15.26 2.21
CA GLY I 45 48.55 -16.08 3.41
C GLY I 45 47.53 -15.58 4.41
N LEU I 46 47.70 -16.04 5.66
CA LEU I 46 46.77 -15.77 6.73
C LEU I 46 46.85 -14.32 7.16
N ARG I 47 45.69 -13.67 7.25
CA ARG I 47 45.64 -12.22 7.42
C ARG I 47 46.21 -11.71 8.75
N LYS I 48 45.45 -11.86 9.84
CA LYS I 48 46.00 -11.53 11.15
C LYS I 48 45.81 -12.66 12.16
N GLY I 49 44.57 -13.08 12.34
CA GLY I 49 44.21 -14.03 13.36
C GLY I 49 43.30 -15.11 12.81
N TYR I 50 43.21 -15.15 11.49
CA TYR I 50 42.51 -16.22 10.80
C TYR I 50 43.34 -17.49 10.86
N THR I 51 42.65 -18.63 10.86
CA THR I 51 43.29 -19.92 10.72
C THR I 51 43.19 -20.46 9.31
N TYR I 52 42.60 -19.70 8.39
CA TYR I 52 42.42 -20.14 7.01
C TYR I 52 42.48 -18.90 6.13
N ASP I 53 42.82 -19.12 4.85
CA ASP I 53 42.89 -18.02 3.90
C ASP I 53 41.51 -17.86 3.27
N PHE I 54 40.77 -16.84 3.72
CA PHE I 54 39.45 -16.64 3.17
C PHE I 54 39.50 -16.00 1.79
N GLU I 55 40.49 -15.13 1.54
CA GLU I 55 40.56 -14.41 0.27
C GLU I 55 40.98 -15.30 -0.89
N HIS I 56 41.99 -16.16 -0.68
CA HIS I 56 42.56 -16.91 -1.79
C HIS I 56 42.51 -18.42 -1.60
N GLY I 57 41.94 -18.92 -0.51
CA GLY I 57 41.76 -20.33 -0.35
C GLY I 57 40.54 -20.82 -1.08
N PRO I 58 40.28 -22.13 -0.98
CA PRO I 58 39.15 -22.69 -1.73
C PRO I 58 37.78 -22.34 -1.17
N HIS I 59 37.69 -21.89 0.08
CA HIS I 59 36.42 -21.60 0.72
C HIS I 59 36.49 -20.24 1.40
N TYR I 60 35.44 -19.43 1.24
CA TYR I 60 35.45 -18.10 1.84
C TYR I 60 35.06 -18.16 3.30
N LEU I 61 34.53 -19.31 3.73
CA LEU I 61 34.07 -19.53 5.09
C LEU I 61 34.35 -20.97 5.46
N GLN I 62 35.26 -21.19 6.41
CA GLN I 62 35.71 -22.51 6.81
C GLN I 62 35.34 -22.67 8.29
N PRO I 63 34.10 -23.07 8.59
CA PRO I 63 33.64 -23.06 9.98
C PRO I 63 34.21 -24.18 10.84
N GLU I 64 34.82 -25.20 10.24
CA GLU I 64 35.47 -26.27 10.98
C GLU I 64 36.92 -25.95 11.31
N LYS I 65 37.34 -24.70 11.15
CA LYS I 65 38.72 -24.33 11.43
C LYS I 65 38.86 -23.13 12.34
N ILE I 66 37.77 -22.52 12.78
CA ILE I 66 37.85 -21.57 13.90
C ILE I 66 38.02 -22.37 15.19
N PRO I 67 39.03 -22.07 16.01
CA PRO I 67 39.14 -22.75 17.31
C PRO I 67 38.01 -22.37 18.24
N ASN I 68 37.45 -23.38 18.91
CA ASN I 68 36.26 -23.27 19.75
C ASN I 68 35.09 -22.66 18.98
N PHE I 69 34.78 -23.27 17.82
CA PHE I 69 33.76 -22.70 16.96
C PHE I 69 32.37 -22.90 17.53
N TRP I 70 32.07 -24.11 18.00
CA TRP I 70 30.73 -24.41 18.46
C TRP I 70 30.40 -23.73 19.78
N SER I 71 31.39 -23.27 20.53
CA SER I 71 31.13 -22.49 21.73
C SER I 71 30.79 -21.05 21.38
N LYS I 72 31.60 -20.43 20.52
CA LYS I 72 31.34 -19.05 20.10
C LYS I 72 30.08 -18.93 19.26
N PHE I 73 29.75 -19.97 18.49
CA PHE I 73 28.55 -19.97 17.68
C PHE I 73 27.30 -19.97 18.56
N TYR I 74 27.29 -20.81 19.59
CA TYR I 74 26.15 -20.83 20.50
C TYR I 74 26.10 -19.60 21.38
N ALA I 75 27.26 -19.04 21.74
CA ALA I 75 27.29 -17.78 22.47
C ALA I 75 26.71 -16.64 21.65
N GLY I 76 27.09 -16.56 20.37
CA GLY I 76 26.55 -15.52 19.50
C GLY I 76 25.08 -15.70 19.21
N THR I 77 24.64 -16.95 19.02
CA THR I 77 23.22 -17.22 18.83
C THR I 77 22.41 -16.86 20.06
N GLY I 78 22.93 -17.19 21.24
CA GLY I 78 22.24 -16.83 22.48
C GLY I 78 22.18 -15.34 22.70
N ALA I 79 23.27 -14.62 22.39
CA ALA I 79 23.25 -13.17 22.52
C ALA I 79 22.29 -12.53 21.53
N LEU I 80 22.22 -13.06 20.31
CA LEU I 80 21.30 -12.57 19.31
C LEU I 80 19.84 -12.78 19.74
N TYR I 81 19.54 -13.97 20.26
CA TYR I 81 18.18 -14.24 20.74
C TYR I 81 17.85 -13.36 21.95
N ALA I 82 18.82 -13.15 22.84
CA ALA I 82 18.61 -12.33 24.03
C ALA I 82 18.30 -10.89 23.65
N VAL I 83 19.09 -10.30 22.75
CA VAL I 83 18.85 -8.92 22.35
C VAL I 83 17.55 -8.80 21.56
N GLY I 84 17.33 -9.70 20.60
CA GLY I 84 16.14 -9.61 19.76
C GLY I 84 14.85 -9.92 20.48
N LEU I 85 14.92 -10.62 21.62
CA LEU I 85 13.72 -10.85 22.40
C LEU I 85 13.63 -9.96 23.63
N GLY I 86 14.66 -9.15 23.92
CA GLY I 86 14.58 -8.31 25.08
C GLY I 86 14.56 -6.81 24.84
N VAL I 87 14.88 -6.36 23.63
CA VAL I 87 14.76 -4.93 23.31
C VAL I 87 13.32 -4.41 23.39
N PRO I 88 12.29 -5.10 22.85
CA PRO I 88 10.92 -4.60 23.06
C PRO I 88 10.48 -4.55 24.53
N LEU I 89 10.91 -5.49 25.37
CA LEU I 89 10.54 -5.45 26.78
C LEU I 89 11.16 -4.27 27.50
N PHE I 90 12.38 -3.88 27.12
CA PHE I 90 12.99 -2.69 27.68
C PHE I 90 12.24 -1.43 27.26
N ALA I 91 11.73 -1.41 26.02
CA ALA I 91 10.96 -0.26 25.55
C ALA I 91 9.62 -0.17 26.26
N VAL I 92 8.99 -1.31 26.54
CA VAL I 92 7.77 -1.32 27.35
C VAL I 92 8.06 -0.83 28.76
N TRP I 93 9.15 -1.29 29.37
CA TRP I 93 9.49 -0.88 30.72
C TRP I 93 9.83 0.60 30.78
N TRP I 94 10.46 1.14 29.74
CA TRP I 94 10.89 2.53 29.75
C TRP I 94 9.72 3.49 29.68
N GLN I 95 8.72 3.19 28.85
CA GLN I 95 7.58 4.10 28.71
C GLN I 95 6.66 4.01 29.91
N GLN I 96 6.47 2.80 30.45
CA GLN I 96 5.61 2.64 31.62
C GLN I 96 6.24 3.12 32.91
N SER I 97 7.57 3.26 32.96
CA SER I 97 8.23 3.83 34.11
C SER I 97 8.20 5.35 34.11
N LYS I 98 7.85 5.97 32.99
CA LYS I 98 7.74 7.41 32.90
C LYS I 98 6.35 7.88 33.31
N LEU I 99 5.32 7.09 33.01
CA LEU I 99 3.98 7.40 33.50
C LEU I 99 3.87 7.16 35.00
N LYS I 100 4.55 6.13 35.51
CA LYS I 100 4.52 5.80 36.94
C LYS I 100 5.54 6.65 37.69
N ALA I 101 5.29 7.94 37.69
CA ALA I 101 6.17 8.93 38.30
C ALA I 101 5.36 9.95 39.08
N ALA J 2 19.91 -33.72 -13.40
CA ALA J 2 18.82 -33.54 -12.45
C ALA J 2 18.91 -34.60 -11.34
N ARG J 3 19.44 -35.77 -11.69
CA ARG J 3 19.65 -36.80 -10.68
C ARG J 3 20.96 -36.59 -9.92
N ALA J 4 21.98 -36.03 -10.57
CA ALA J 4 23.28 -35.89 -9.94
C ALA J 4 23.28 -34.85 -8.82
N GLN J 5 22.54 -33.74 -9.02
CA GLN J 5 22.42 -32.77 -7.93
C GLN J 5 21.60 -33.33 -6.78
N ILE J 6 20.64 -34.22 -7.07
CA ILE J 6 19.89 -34.90 -6.03
C ILE J 6 20.81 -35.79 -5.20
N GLU J 7 21.67 -36.56 -5.87
CA GLU J 7 22.59 -37.44 -5.15
C GLU J 7 23.67 -36.66 -4.43
N ARG J 8 24.01 -35.46 -4.92
CA ARG J 8 24.99 -34.64 -4.22
C ARG J 8 24.38 -34.01 -2.97
N TRP J 9 23.14 -33.52 -3.07
CA TRP J 9 22.46 -32.97 -1.90
C TRP J 9 22.19 -34.04 -0.85
N ALA J 10 21.95 -35.28 -1.27
CA ALA J 10 21.73 -36.36 -0.32
C ALA J 10 23.02 -36.79 0.36
N ALA J 11 24.18 -36.44 -0.18
CA ALA J 11 25.45 -36.74 0.47
C ALA J 11 25.88 -35.64 1.43
N GLU J 12 25.55 -34.40 1.13
CA GLU J 12 25.84 -33.29 2.03
C GLU J 12 24.82 -33.16 3.15
N HIS J 13 23.73 -33.91 3.09
CA HIS J 13 22.71 -33.95 4.14
C HIS J 13 22.43 -35.40 4.50
N PRO J 14 23.36 -36.05 5.21
CA PRO J 14 23.21 -37.50 5.46
C PRO J 14 22.17 -37.86 6.50
N THR J 15 21.74 -36.91 7.33
CA THR J 15 20.70 -37.19 8.32
C THR J 15 19.31 -37.24 7.72
N ALA J 16 19.14 -36.80 6.47
CA ALA J 16 17.86 -36.94 5.79
C ALA J 16 17.77 -38.33 5.19
N PRO J 17 16.82 -39.16 5.63
CA PRO J 17 16.81 -40.56 5.18
C PRO J 17 16.06 -40.74 3.87
N ARG J 18 16.38 -41.83 3.20
CA ARG J 18 15.74 -42.24 1.95
C ARG J 18 15.37 -43.70 2.12
N VAL J 19 14.20 -43.96 2.70
CA VAL J 19 13.79 -45.31 3.05
C VAL J 19 12.60 -45.81 2.25
N GLY J 20 11.95 -44.97 1.47
CA GLY J 20 10.80 -45.37 0.70
C GLY J 20 9.46 -45.06 1.33
N ARG J 21 9.34 -43.95 2.04
CA ARG J 21 8.07 -43.54 2.61
C ARG J 21 7.98 -42.01 2.55
N ILE J 22 6.74 -41.51 2.61
CA ILE J 22 6.49 -40.09 2.39
C ILE J 22 7.06 -39.25 3.53
N PHE J 23 6.82 -39.66 4.76
CA PHE J 23 7.40 -38.99 5.92
C PHE J 23 8.66 -39.76 6.31
N GLU J 24 9.81 -39.31 5.79
CA GLU J 24 11.05 -40.06 5.89
C GLU J 24 11.54 -40.13 7.33
N VAL J 25 11.49 -39.01 8.05
CA VAL J 25 11.76 -39.04 9.49
C VAL J 25 10.61 -39.75 10.20
N PRO J 26 10.88 -40.75 11.04
CA PRO J 26 9.80 -41.50 11.66
C PRO J 26 9.02 -40.66 12.66
N LEU J 27 7.72 -40.95 12.76
CA LEU J 27 6.83 -40.17 13.61
C LEU J 27 7.09 -40.40 15.09
N GLY J 28 7.72 -41.51 15.45
CA GLY J 28 8.14 -41.72 16.83
C GLY J 28 9.19 -40.73 17.29
N TYR J 29 9.90 -40.10 16.36
CA TYR J 29 10.78 -39.00 16.69
C TYR J 29 10.06 -37.66 16.70
N VAL J 30 9.08 -37.45 15.81
CA VAL J 30 8.52 -36.11 15.62
C VAL J 30 7.41 -35.83 16.62
N VAL J 31 6.52 -36.81 16.83
CA VAL J 31 5.34 -36.57 17.66
C VAL J 31 5.66 -36.23 19.12
N PRO J 32 6.56 -36.96 19.83
CA PRO J 32 6.89 -36.52 21.21
C PRO J 32 7.49 -35.13 21.32
N ARG J 33 8.31 -34.72 20.36
CA ARG J 33 8.96 -33.42 20.48
C ARG J 33 8.00 -32.28 20.17
N VAL J 34 7.13 -32.45 19.18
CA VAL J 34 6.12 -31.41 18.96
C VAL J 34 5.10 -31.40 20.09
N ALA J 35 4.84 -32.55 20.72
CA ALA J 35 3.99 -32.58 21.90
C ALA J 35 4.61 -31.82 23.06
N ALA J 36 5.92 -31.98 23.25
CA ALA J 36 6.61 -31.22 24.29
C ALA J 36 6.62 -29.72 24.00
N GLY J 37 6.78 -29.35 22.73
CA GLY J 37 6.72 -27.94 22.37
C GLY J 37 5.35 -27.33 22.58
N ILE J 38 4.31 -28.09 22.23
CA ILE J 38 2.93 -27.65 22.47
C ILE J 38 2.66 -27.51 23.96
N ALA J 39 3.20 -28.44 24.77
CA ALA J 39 3.06 -28.35 26.22
C ALA J 39 3.74 -27.13 26.79
N ALA J 40 4.94 -26.79 26.30
CA ALA J 40 5.64 -25.60 26.76
C ALA J 40 4.89 -24.33 26.37
N ALA J 41 4.32 -24.32 25.16
CA ALA J 41 3.50 -23.20 24.72
C ALA J 41 2.24 -23.06 25.57
N GLY J 42 1.63 -24.19 25.95
CA GLY J 42 0.48 -24.14 26.83
C GLY J 42 0.82 -23.64 28.21
N CYS J 43 2.00 -23.99 28.71
CA CYS J 43 2.44 -23.47 30.00
C CYS J 43 2.65 -21.95 29.94
N LEU J 44 3.23 -21.45 28.84
CA LEU J 44 3.38 -20.00 28.70
C LEU J 44 2.03 -19.29 28.59
N TRP J 45 1.09 -19.88 27.86
CA TRP J 45 -0.25 -19.31 27.75
C TRP J 45 -0.95 -19.29 29.11
N TYR J 46 -0.84 -20.37 29.88
CA TYR J 46 -1.43 -20.43 31.21
C TYR J 46 -0.80 -19.42 32.16
N MET J 47 0.52 -19.23 32.06
CA MET J 47 1.20 -18.25 32.90
C MET J 47 0.75 -16.84 32.59
N ASN J 48 0.54 -16.54 31.30
CA ASN J 48 -0.01 -15.24 30.92
C ASN J 48 -1.42 -15.04 31.45
N ASN J 49 -2.26 -16.07 31.35
CA ASN J 49 -3.64 -15.95 31.83
C ASN J 49 -3.68 -15.76 33.34
N THR J 50 -2.84 -16.49 34.07
CA THR J 50 -2.93 -16.50 35.53
C THR J 50 -2.27 -15.30 36.17
N PHE J 51 -1.02 -14.99 35.77
CA PHE J 51 -0.22 -14.06 36.55
C PHE J 51 -0.02 -12.70 35.89
N LEU J 52 -0.59 -12.46 34.71
CA LEU J 52 -0.28 -11.25 33.96
C LEU J 52 -1.55 -10.47 33.60
N GLN J 53 -2.45 -10.28 34.56
CA GLN J 53 -3.65 -9.47 34.36
C GLN J 53 -3.74 -8.42 35.44
N THR J 54 -3.97 -7.17 35.03
CA THR J 54 -4.07 -6.05 35.96
C THR J 54 -5.49 -5.60 36.21
N TYR J 55 -6.46 -6.07 35.43
CA TYR J 55 -7.86 -5.72 35.64
C TYR J 55 -8.73 -6.82 35.02
N ARG J 56 -9.43 -7.53 35.85
CA ARG J 56 -10.42 -8.50 35.40
C ARG J 56 -11.80 -7.85 35.40
N PRO J 57 -12.53 -7.90 34.29
CA PRO J 57 -13.79 -7.16 34.22
C PRO J 57 -14.88 -7.77 35.09
N GLU J 58 -15.69 -6.90 35.69
CA GLU J 58 -16.81 -7.30 36.54
C GLU J 58 -17.94 -7.95 35.76
N SER J 59 -17.97 -7.79 34.45
CA SER J 59 -18.98 -8.42 33.62
C SER J 59 -18.72 -9.90 33.36
N LEU J 60 -17.60 -10.43 33.82
CA LEU J 60 -17.29 -11.85 33.69
C LEU J 60 -17.42 -12.61 35.01
N SER J 61 -17.79 -11.93 36.10
CA SER J 61 -18.03 -12.61 37.36
C SER J 61 -19.31 -13.46 37.26
N LYS J 62 -19.38 -14.50 38.09
CA LYS J 62 -20.46 -15.48 37.97
C LYS J 62 -21.81 -14.91 38.37
N GLU J 63 -21.82 -13.89 39.24
CA GLU J 63 -23.08 -13.21 39.59
C GLU J 63 -23.63 -12.45 38.39
N PHE J 64 -22.75 -11.68 37.72
CA PHE J 64 -23.11 -10.99 36.50
C PHE J 64 -23.55 -11.97 35.42
N LEU J 65 -22.85 -13.10 35.32
CA LEU J 65 -23.16 -14.07 34.28
C LEU J 65 -24.51 -14.73 34.51
N GLU J 66 -24.83 -15.07 35.76
CA GLU J 66 -26.12 -15.71 36.03
C GLU J 66 -27.26 -14.71 35.89
N GLU J 67 -27.06 -13.46 36.34
CA GLU J 67 -28.08 -12.44 36.16
C GLU J 67 -28.27 -12.08 34.70
N GLN J 68 -27.23 -12.21 33.88
CA GLN J 68 -27.36 -12.00 32.44
C GLN J 68 -28.07 -13.18 31.78
N ALA J 69 -27.77 -14.40 32.22
CA ALA J 69 -28.41 -15.57 31.65
C ALA J 69 -29.89 -15.65 32.02
N LYS J 70 -30.27 -15.02 33.13
CA LYS J 70 -31.69 -14.86 33.44
C LYS J 70 -32.41 -14.02 32.38
N ILE J 71 -31.75 -12.97 31.91
CA ILE J 71 -32.38 -12.03 30.98
C ILE J 71 -32.41 -12.60 29.57
N GLY J 72 -31.28 -13.09 29.09
CA GLY J 72 -31.19 -13.58 27.73
C GLY J 72 -30.66 -12.53 26.78
N GLU J 73 -30.87 -12.78 25.49
CA GLU J 73 -30.41 -11.87 24.44
C GLU J 73 -31.48 -10.80 24.19
N VAL J 74 -31.63 -9.91 25.17
CA VAL J 74 -32.70 -8.92 25.19
C VAL J 74 -32.06 -7.56 25.38
N ALA J 75 -32.44 -6.60 24.54
CA ALA J 75 -31.96 -5.23 24.65
C ALA J 75 -33.10 -4.31 25.06
N GLN J 76 -32.82 -3.43 26.02
CA GLN J 76 -33.78 -2.42 26.43
C GLN J 76 -33.74 -1.23 25.49
N ARG J 77 -34.85 -0.48 25.47
CA ARG J 77 -34.95 0.75 24.73
C ARG J 77 -35.49 1.84 25.64
N MET J 78 -35.02 3.05 25.44
CA MET J 78 -35.48 4.19 26.23
C MET J 78 -36.72 4.84 25.65
N ASN J 79 -37.20 4.37 24.50
CA ASN J 79 -38.35 4.96 23.83
C ASN J 79 -39.38 3.93 23.38
N ALA J 80 -39.25 2.68 23.80
CA ALA J 80 -40.04 1.59 23.24
C ALA J 80 -39.95 0.38 24.17
N PRO J 81 -40.78 -0.64 23.97
CA PRO J 81 -40.59 -1.92 24.69
C PRO J 81 -39.28 -2.60 24.30
N PRO J 82 -38.80 -3.54 25.10
CA PRO J 82 -37.56 -4.25 24.76
C PRO J 82 -37.72 -5.16 23.55
N VAL J 83 -36.59 -5.56 23.00
CA VAL J 83 -36.55 -6.30 21.74
C VAL J 83 -35.57 -7.46 21.87
N TYR J 84 -35.89 -8.59 21.24
CA TYR J 84 -34.95 -9.70 21.17
C TYR J 84 -33.82 -9.37 20.20
N LEU J 85 -32.58 -9.51 20.65
CA LEU J 85 -31.43 -9.29 19.80
C LEU J 85 -31.22 -10.48 18.89
N ASN J 86 -30.82 -10.20 17.64
CA ASN J 86 -30.44 -11.16 16.61
C ASN J 86 -31.54 -12.18 16.36
N PRO J 87 -32.69 -11.77 15.79
CA PRO J 87 -33.83 -12.67 15.73
C PRO J 87 -33.70 -13.79 14.72
N PHE J 88 -32.78 -13.69 13.77
CA PHE J 88 -32.68 -14.75 12.76
C PHE J 88 -31.92 -15.95 13.30
N THR J 89 -30.82 -15.73 14.03
CA THR J 89 -30.05 -16.88 14.53
C THR J 89 -30.71 -17.55 15.72
N ASN J 90 -31.48 -16.81 16.53
CA ASN J 90 -32.19 -17.39 17.67
C ASN J 90 -33.60 -17.81 17.32
N ARG J 91 -34.01 -17.65 16.05
CA ARG J 91 -35.27 -18.16 15.51
C ARG J 91 -36.50 -17.58 16.20
N ILE J 92 -36.47 -16.28 16.49
CA ILE J 92 -37.72 -15.61 16.90
C ILE J 92 -38.62 -15.42 15.68
N PRO J 93 -39.90 -15.80 15.74
CA PRO J 93 -40.79 -15.53 14.62
C PRO J 93 -41.10 -14.05 14.49
N GLY J 94 -41.53 -13.66 13.28
CA GLY J 94 -41.71 -12.27 12.95
C GLY J 94 -42.84 -11.59 13.68
N SER J 95 -43.80 -12.37 14.20
CA SER J 95 -44.88 -11.80 14.98
C SER J 95 -44.37 -11.27 16.33
N ILE J 96 -43.39 -11.95 16.90
CA ILE J 96 -42.88 -11.59 18.22
C ILE J 96 -41.73 -10.61 18.05
N LEU J 97 -41.83 -9.44 18.67
CA LEU J 97 -40.78 -8.44 18.62
C LEU J 97 -39.94 -8.41 19.89
N GLY J 98 -40.56 -8.56 21.05
CA GLY J 98 -39.84 -8.48 22.30
C GLY J 98 -40.40 -9.41 23.35
N PRO J 99 -39.85 -9.36 24.57
CA PRO J 99 -40.37 -10.20 25.65
C PRO J 99 -41.70 -9.69 26.18
N GLU J 100 -41.76 -8.38 26.44
CA GLU J 100 -42.92 -7.79 27.09
C GLU J 100 -44.10 -7.69 26.13
N ASP J 101 -43.85 -7.46 24.85
CA ASP J 101 -44.92 -7.38 23.87
C ASP J 101 -45.48 -8.74 23.52
N ALA J 102 -44.79 -9.83 23.89
CA ALA J 102 -45.30 -11.16 23.61
C ALA J 102 -46.52 -11.47 24.46
N LYS J 103 -46.41 -11.32 25.79
CA LYS J 103 -47.43 -11.61 26.79
C LYS J 103 -47.98 -13.01 26.62
N PRO J 104 -47.23 -14.04 27.04
CA PRO J 104 -47.52 -15.42 26.62
C PRO J 104 -48.90 -15.91 27.04
N GLU J 105 -49.51 -16.70 26.17
CA GLU J 105 -50.88 -17.16 26.33
C GLU J 105 -51.00 -18.16 27.48
N ASP K 12 55.06 11.72 -14.48
CA ASP K 12 55.10 13.00 -15.17
C ASP K 12 53.70 13.43 -15.59
N SER K 13 52.69 12.95 -14.88
CA SER K 13 51.30 13.23 -15.22
C SER K 13 50.51 13.72 -14.01
N TYR K 14 51.18 14.37 -13.06
CA TYR K 14 50.48 14.91 -11.91
C TYR K 14 51.13 16.20 -11.48
N LYS K 15 50.31 17.16 -11.07
CA LYS K 15 50.74 18.48 -10.65
C LYS K 15 50.27 18.75 -9.22
N ALA K 16 50.71 19.86 -8.66
CA ALA K 16 50.31 20.21 -7.30
C ALA K 16 48.87 20.65 -7.22
N THR K 17 48.31 21.15 -8.32
CA THR K 17 46.92 21.57 -8.35
C THR K 17 45.97 20.37 -8.50
N ASP K 18 46.48 19.23 -8.97
CA ASP K 18 45.63 18.09 -9.28
C ASP K 18 45.04 17.48 -8.02
N PHE K 19 43.72 17.29 -8.04
CA PHE K 19 43.00 16.76 -6.88
C PHE K 19 43.36 15.30 -6.63
N THR K 20 43.60 14.53 -7.70
CA THR K 20 43.94 13.13 -7.59
C THR K 20 45.45 12.89 -7.55
N ASN K 21 46.19 13.84 -7.00
CA ASN K 21 47.63 13.68 -6.81
C ASN K 21 47.92 12.55 -5.83
N PRO K 22 48.81 11.61 -6.17
CA PRO K 22 49.16 10.55 -5.22
C PRO K 22 49.84 11.04 -3.96
N LYS K 23 50.41 12.25 -3.94
CA LYS K 23 50.93 12.78 -2.70
C LYS K 23 49.84 13.24 -1.75
N TYR K 24 48.58 13.28 -2.20
CA TYR K 24 47.45 13.61 -1.37
C TYR K 24 46.66 12.38 -0.95
N ASN K 25 47.18 11.18 -1.20
CA ASN K 25 46.42 9.97 -0.95
C ASN K 25 46.32 9.66 0.54
N TYR K 26 47.36 9.99 1.31
CA TYR K 26 47.34 9.72 2.74
C TYR K 26 46.29 10.58 3.44
N PHE K 27 46.28 11.87 3.13
CA PHE K 27 45.34 12.80 3.76
C PHE K 27 43.91 12.47 3.41
N PHE K 28 43.64 12.06 2.17
CA PHE K 28 42.29 11.80 1.73
C PHE K 28 41.78 10.41 2.10
N ARG K 29 42.65 9.39 2.10
CA ARG K 29 42.16 8.03 2.29
C ARG K 29 42.54 7.38 3.61
N GLU K 30 43.46 7.98 4.38
CA GLU K 30 43.87 7.35 5.64
C GLU K 30 43.58 8.22 6.85
N LEU K 31 43.98 9.49 6.82
CA LEU K 31 43.71 10.38 7.94
C LEU K 31 42.22 10.64 8.10
N THR K 32 41.51 10.80 6.98
CA THR K 32 40.08 11.04 7.06
C THR K 32 39.31 9.82 7.54
N ALA K 33 39.78 8.62 7.20
CA ALA K 33 39.11 7.41 7.64
C ALA K 33 39.20 7.17 9.15
N ARG K 34 40.09 7.85 9.87
CA ARG K 34 40.09 7.78 11.32
C ARG K 34 39.52 9.02 11.99
N VAL K 35 39.78 10.21 11.44
CA VAL K 35 39.19 11.43 11.98
C VAL K 35 37.66 11.39 11.84
N GLN K 36 37.17 10.99 10.68
CA GLN K 36 35.74 10.85 10.46
C GLN K 36 35.19 9.69 11.29
N GLY K 37 35.98 8.62 11.43
CA GLY K 37 35.52 7.47 12.20
C GLY K 37 35.34 7.75 13.67
N VAL K 38 36.09 8.69 14.23
CA VAL K 38 35.85 9.07 15.62
C VAL K 38 34.86 10.23 15.73
N LEU K 39 34.78 11.11 14.73
CA LEU K 39 33.83 12.22 14.78
C LEU K 39 32.39 11.72 14.65
N LEU K 40 32.18 10.67 13.85
CA LEU K 40 30.85 10.07 13.76
C LEU K 40 30.40 9.47 15.08
N THR K 41 31.31 8.82 15.81
CA THR K 41 30.96 8.29 17.13
C THR K 41 30.64 9.40 18.11
N GLY K 42 31.49 10.43 18.13
CA GLY K 42 31.29 11.55 19.05
C GLY K 42 30.08 12.40 18.74
N GLY K 43 29.60 12.37 17.49
CA GLY K 43 28.37 13.04 17.14
C GLY K 43 27.15 12.16 17.35
N SER K 44 27.32 10.85 17.15
CA SER K 44 26.22 9.90 17.29
C SER K 44 25.78 9.78 18.74
N LEU K 45 26.74 9.71 19.67
CA LEU K 45 26.38 9.60 21.08
C LEU K 45 25.70 10.86 21.59
N TYR K 46 26.20 12.03 21.18
CA TYR K 46 25.57 13.29 21.55
C TYR K 46 24.18 13.43 20.96
N GLY K 47 24.00 12.99 19.72
CA GLY K 47 22.68 13.05 19.10
C GLY K 47 21.67 12.14 19.75
N THR K 48 22.10 10.92 20.13
CA THR K 48 21.23 10.02 20.86
C THR K 48 20.82 10.58 22.21
N TRP K 49 21.77 11.18 22.94
CA TRP K 49 21.41 11.83 24.20
C TRP K 49 20.50 13.03 24.00
N LEU K 50 20.74 13.81 22.94
CA LEU K 50 19.94 15.01 22.69
C LEU K 50 18.51 14.65 22.33
N VAL K 51 18.32 13.57 21.58
CA VAL K 51 16.98 13.19 21.18
C VAL K 51 16.23 12.50 22.32
N VAL K 52 16.88 11.54 22.99
CA VAL K 52 16.20 10.74 24.00
C VAL K 52 15.91 11.57 25.26
N PHE K 53 16.86 12.37 25.70
CA PHE K 53 16.73 13.11 26.95
C PHE K 53 16.53 14.60 26.76
N GLY K 54 16.07 15.04 25.59
CA GLY K 54 15.88 16.45 25.32
C GLY K 54 14.42 16.87 25.29
N GLU K 55 14.20 18.14 25.62
CA GLU K 55 12.86 18.73 25.65
C GLU K 55 12.65 19.57 24.40
N ALA K 56 11.59 19.27 23.66
CA ALA K 56 11.28 20.00 22.43
C ALA K 56 10.61 21.33 22.76
N GLN K 57 11.14 22.40 22.19
CA GLN K 57 10.59 23.74 22.39
C GLN K 57 9.62 24.15 21.29
N ARG K 58 9.30 23.24 20.37
CA ARG K 58 8.38 23.53 19.28
C ARG K 58 7.72 22.25 18.77
N PRO L 4 12.03 -10.55 -25.85
CA PRO L 4 13.01 -11.64 -25.83
C PRO L 4 12.45 -12.93 -26.39
N PHE L 5 11.90 -13.79 -25.54
CA PHE L 5 11.36 -15.07 -25.99
C PHE L 5 9.99 -14.93 -26.64
N LYS L 6 9.48 -16.02 -27.19
CA LYS L 6 8.16 -16.01 -27.79
C LYS L 6 7.09 -16.16 -26.72
N LEU L 7 6.24 -15.15 -26.56
CA LEU L 7 5.16 -15.25 -25.59
C LEU L 7 4.27 -16.43 -25.96
N PRO L 8 3.95 -17.25 -24.95
CA PRO L 8 3.09 -18.42 -25.20
C PRO L 8 1.62 -18.01 -25.33
N LEU L 9 0.78 -19.00 -25.61
CA LEU L 9 -0.63 -18.76 -25.89
C LEU L 9 -1.41 -18.28 -24.67
N ASP L 10 -0.91 -18.52 -23.46
CA ASP L 10 -1.60 -18.05 -22.27
C ASP L 10 -1.54 -16.54 -22.15
N ALA L 11 -0.37 -15.95 -22.45
CA ALA L 11 -0.09 -14.56 -22.10
C ALA L 11 -0.94 -13.56 -22.88
N TYR L 12 -1.56 -13.97 -23.98
CA TYR L 12 -2.45 -13.07 -24.70
C TYR L 12 -3.87 -13.15 -24.15
N ILE L 13 -4.27 -14.35 -23.69
CA ILE L 13 -5.46 -14.48 -22.85
C ILE L 13 -5.27 -13.69 -21.56
N LEU L 14 -4.03 -13.61 -21.06
CA LEU L 14 -3.73 -12.66 -20.00
C LEU L 14 -3.87 -11.22 -20.47
N MET L 15 -3.42 -10.93 -21.69
CA MET L 15 -3.34 -9.54 -22.11
C MET L 15 -4.69 -8.95 -22.47
N LEU L 16 -5.73 -9.77 -22.66
CA LEU L 16 -7.05 -9.20 -22.94
C LEU L 16 -7.64 -8.47 -21.72
N PRO L 17 -7.79 -9.07 -20.52
CA PRO L 17 -8.26 -8.26 -19.39
C PRO L 17 -7.25 -7.25 -18.91
N ILE L 18 -5.96 -7.46 -19.17
CA ILE L 18 -4.96 -6.46 -18.83
C ILE L 18 -5.13 -5.22 -19.69
N THR L 19 -5.37 -5.40 -20.99
CA THR L 19 -5.65 -4.25 -21.87
C THR L 19 -6.97 -3.60 -21.50
N TYR L 20 -7.97 -4.41 -21.12
CA TYR L 20 -9.24 -3.88 -20.64
C TYR L 20 -9.06 -3.02 -19.40
N ALA L 21 -8.25 -3.49 -18.44
CA ALA L 21 -7.99 -2.75 -17.21
C ALA L 21 -7.19 -1.48 -17.48
N SER L 22 -6.21 -1.54 -18.37
CA SER L 22 -5.42 -0.35 -18.70
C SER L 22 -6.28 0.71 -19.39
N ALA L 23 -7.14 0.28 -20.31
CA ALA L 23 -8.04 1.21 -20.98
C ALA L 23 -9.04 1.82 -20.01
N ALA L 24 -9.57 1.02 -19.09
CA ALA L 24 -10.49 1.53 -18.09
C ALA L 24 -9.80 2.51 -17.15
N PHE L 25 -8.53 2.24 -16.80
CA PHE L 25 -7.78 3.17 -15.98
C PHE L 25 -7.54 4.49 -16.69
N VAL L 26 -7.19 4.46 -17.97
CA VAL L 26 -6.97 5.68 -18.74
C VAL L 26 -8.27 6.48 -18.85
N ALA L 27 -9.39 5.78 -19.10
CA ALA L 27 -10.68 6.46 -19.20
C ALA L 27 -11.09 7.10 -17.88
N MET L 28 -10.87 6.39 -16.77
CA MET L 28 -11.21 6.93 -15.45
C MET L 28 -10.34 8.14 -15.09
N CYS L 29 -9.06 8.09 -15.45
CA CYS L 29 -8.20 9.26 -15.27
C CYS L 29 -8.66 10.43 -16.14
N CYS L 30 -9.08 10.15 -17.37
CA CYS L 30 -9.43 11.21 -18.31
C CYS L 30 -10.74 11.89 -17.93
N ARG L 31 -11.71 11.14 -17.43
CA ARG L 31 -13.04 11.70 -17.25
C ARG L 31 -13.19 12.48 -15.95
N VAL L 32 -12.15 12.55 -15.12
CA VAL L 32 -12.24 13.28 -13.86
C VAL L 32 -12.15 14.79 -14.07
N PRO L 33 -11.19 15.37 -14.87
CA PRO L 33 -11.26 16.83 -15.09
C PRO L 33 -12.39 17.30 -16.00
N THR L 34 -13.26 16.39 -16.42
CA THR L 34 -14.50 16.72 -17.12
C THR L 34 -15.71 16.29 -16.28
N ALA L 35 -15.65 16.57 -14.98
CA ALA L 35 -16.72 16.23 -14.04
C ALA L 35 -17.14 17.47 -13.26
N ASP L 36 -18.07 17.27 -12.33
CA ASP L 36 -18.68 18.40 -11.62
C ASP L 36 -17.74 19.09 -10.63
N PRO L 37 -17.18 18.45 -9.60
CA PRO L 37 -16.54 19.22 -8.53
C PRO L 37 -15.15 19.75 -8.88
N GLU L 38 -14.68 19.53 -10.10
CA GLU L 38 -13.36 19.96 -10.54
C GLU L 38 -13.41 21.35 -11.15
N THR L 39 -14.04 22.29 -10.45
CA THR L 39 -14.19 23.66 -10.91
C THR L 39 -13.56 24.60 -9.89
N SER L 40 -12.68 25.48 -10.37
CA SER L 40 -11.94 26.38 -9.50
C SER L 40 -12.67 27.70 -9.29
N SER L 41 -13.98 27.64 -9.05
CA SER L 41 -14.76 28.85 -8.86
C SER L 41 -16.08 28.50 -8.17
N ILE L 42 -16.59 29.49 -7.43
CA ILE L 42 -17.94 29.44 -6.88
C ILE L 42 -18.98 29.87 -7.91
N ALA L 43 -18.56 30.48 -9.02
CA ALA L 43 -19.46 30.95 -10.05
C ALA L 43 -19.84 29.86 -11.04
N TYR L 44 -19.32 28.64 -10.88
CA TYR L 44 -19.78 27.53 -11.72
C TYR L 44 -21.20 27.11 -11.36
N TYR L 45 -21.56 27.20 -10.09
CA TYR L 45 -22.85 26.69 -9.62
C TYR L 45 -23.97 27.72 -9.69
N GLU L 46 -23.66 28.99 -10.01
CA GLU L 46 -24.72 29.98 -10.16
C GLU L 46 -25.51 29.81 -11.45
N ASP L 47 -25.02 28.99 -12.38
CA ASP L 47 -25.79 28.58 -13.57
C ASP L 47 -26.34 27.19 -13.26
N GLU L 48 -27.59 27.15 -12.81
CA GLU L 48 -28.14 25.92 -12.25
C GLU L 48 -28.47 24.88 -13.30
N GLN L 49 -28.83 25.31 -14.51
CA GLN L 49 -29.22 24.37 -15.56
C GLN L 49 -28.02 23.58 -16.06
N LYS L 50 -26.93 24.28 -16.37
CA LYS L 50 -25.75 23.61 -16.91
C LYS L 50 -25.07 22.75 -15.85
N SER L 51 -25.03 23.23 -14.61
CA SER L 51 -24.41 22.47 -13.52
C SER L 51 -25.16 21.17 -13.26
N ALA L 52 -26.49 21.25 -13.19
CA ALA L 52 -27.30 20.05 -12.95
C ALA L 52 -27.23 19.09 -14.13
N ALA L 53 -27.21 19.62 -15.36
CA ALA L 53 -27.11 18.77 -16.54
C ALA L 53 -25.78 18.04 -16.59
N ALA L 54 -24.67 18.76 -16.31
CA ALA L 54 -23.35 18.14 -16.31
C ALA L 54 -23.22 17.10 -15.20
N ALA L 55 -23.78 17.40 -14.02
CA ALA L 55 -23.67 16.47 -12.91
C ALA L 55 -24.52 15.22 -13.14
N GLN L 56 -25.70 15.37 -13.74
CA GLN L 56 -26.50 14.19 -14.05
C GLN L 56 -25.89 13.38 -15.19
N ARG L 57 -25.21 14.03 -16.12
CA ARG L 57 -24.46 13.30 -17.15
C ARG L 57 -23.33 12.49 -16.53
N TYR L 58 -22.62 13.08 -15.56
CA TYR L 58 -21.59 12.33 -14.84
C TYR L 58 -22.17 11.21 -13.98
N ASP L 59 -23.38 11.42 -13.43
CA ASP L 59 -24.07 10.36 -12.72
C ASP L 59 -24.38 9.18 -13.62
N ASN L 60 -25.01 9.45 -14.76
CA ASN L 60 -25.67 8.38 -15.50
C ASN L 60 -24.68 7.52 -16.26
N SER L 61 -23.53 8.06 -16.64
CA SER L 61 -22.56 7.30 -17.41
C SER L 61 -21.93 6.20 -16.55
N PHE L 62 -21.92 4.98 -17.10
CA PHE L 62 -21.49 3.70 -16.53
C PHE L 62 -22.44 3.18 -15.46
N LYS L 63 -23.39 4.00 -15.01
CA LYS L 63 -24.47 3.54 -14.14
C LYS L 63 -25.69 3.10 -14.93
N GLN L 64 -25.96 3.78 -16.05
CA GLN L 64 -27.12 3.48 -16.89
C GLN L 64 -27.04 2.10 -17.52
N PHE L 65 -25.84 1.51 -17.61
CA PHE L 65 -25.72 0.12 -18.01
C PHE L 65 -26.13 -0.85 -16.92
N PHE L 66 -26.42 -0.35 -15.71
CA PHE L 66 -26.74 -1.20 -14.58
C PHE L 66 -28.11 -0.94 -14.00
N ASP L 67 -28.87 0.04 -14.50
CA ASP L 67 -30.15 0.41 -13.89
C ASP L 67 -31.19 -0.69 -14.03
N ALA L 68 -31.23 -1.35 -15.19
CA ALA L 68 -32.24 -2.37 -15.42
C ALA L 68 -31.99 -3.63 -14.60
N ARG L 69 -30.77 -3.82 -14.09
CA ARG L 69 -30.52 -4.91 -13.18
C ARG L 69 -30.44 -4.47 -11.72
N ILE L 70 -30.25 -3.17 -11.46
CA ILE L 70 -30.48 -2.65 -10.11
C ILE L 70 -31.95 -2.77 -9.74
N ARG L 71 -32.84 -2.41 -10.67
CA ARG L 71 -34.27 -2.49 -10.42
C ARG L 71 -34.78 -3.92 -10.24
N ASN L 72 -34.06 -4.91 -10.75
CA ASN L 72 -34.48 -6.30 -10.66
C ASN L 72 -33.70 -7.09 -9.61
N HIS L 73 -32.92 -6.39 -8.77
CA HIS L 73 -32.13 -6.98 -7.67
C HIS L 73 -31.18 -8.07 -8.18
N LYS L 74 -30.52 -7.81 -9.31
CA LYS L 74 -29.47 -8.68 -9.82
C LYS L 74 -28.14 -8.32 -9.13
N VAL L 75 -28.07 -8.68 -7.84
CA VAL L 75 -27.01 -8.24 -6.96
C VAL L 75 -26.28 -9.50 -6.49
N GLY L 76 -26.63 -10.63 -7.09
CA GLY L 76 -25.96 -11.87 -6.71
C GLY L 76 -25.80 -12.79 -7.89
N VAL L 77 -24.87 -13.74 -7.76
CA VAL L 77 -24.67 -14.73 -8.81
C VAL L 77 -25.88 -15.64 -8.90
N PHE L 78 -26.34 -16.15 -7.77
CA PHE L 78 -27.62 -16.83 -7.67
C PHE L 78 -28.65 -15.89 -7.05
N GLN L 79 -29.89 -16.33 -7.02
CA GLN L 79 -30.97 -15.52 -6.45
C GLN L 79 -31.40 -16.07 -5.09
FE HEA M . -3.76 -8.25 -0.01
CHA HEA M . -5.04 -6.07 2.36
CHB HEA M . -6.71 -8.27 -1.88
CHC HEA M . -2.39 -10.48 -2.28
CHD HEA M . -0.67 -8.11 1.64
NA HEA M . -5.58 -7.53 0.32
C1A HEA M . -5.79 -6.33 1.13
C2A HEA M . -6.94 -5.48 0.70
C3A HEA M . -7.42 -6.15 -0.52
C4A HEA M . -6.54 -7.32 -0.77
CMA HEA M . -8.56 -5.67 -1.34
OMA HEA M . -8.63 -5.90 -2.54
CAA HEA M . -7.47 -4.24 1.37
CBA HEA M . -8.47 -4.65 2.44
CGA HEA M . -8.52 -3.62 3.53
O1A HEA M . -7.47 -3.31 4.11
O2A HEA M . -9.64 -3.12 3.81
NB HEA M . -4.44 -9.20 -1.77
C1B HEA M . -5.63 -9.09 -2.41
C2B HEA M . -5.78 -9.89 -3.64
C3B HEA M . -4.50 -10.57 -3.76
C4B HEA M . -3.76 -10.06 -2.57
CMB HEA M . -6.95 -10.02 -4.57
NC HEA M . -1.88 -9.13 -0.28
C1C HEA M . -1.49 -10.00 -1.24
C2C HEA M . -0.10 -10.48 -1.20
C3C HEA M . 0.40 -9.76 -0.03
C4C HEA M . -0.75 -8.98 0.46
CMC HEA M . 0.56 -11.45 -2.15
CAC HEA M . 1.76 -9.81 0.57
CBC HEA M . 2.38 -10.95 0.82
ND HEA M . -3.00 -7.26 1.70
C1D HEA M . -1.76 -7.30 2.21
C2D HEA M . -1.52 -6.47 3.42
C3D HEA M . -2.84 -5.86 3.64
C4D HEA M . -3.63 -6.42 2.54
CMD HEA M . -0.26 -6.32 4.22
CAD HEA M . -3.31 -4.91 4.72
CBD HEA M . -2.63 -3.56 4.64
CGD HEA M . -2.97 -2.81 5.89
O1D HEA M . -4.00 -2.11 5.91
O2D HEA M . -2.21 -2.92 6.87
C11 HEA M . -4.08 -11.50 -4.83
O11 HEA M . -2.76 -11.20 -5.31
C12 HEA M . -4.13 -12.94 -4.34
C13 HEA M . -4.17 -13.84 -5.56
C14 HEA M . -4.14 -15.31 -5.23
C15 HEA M . -5.25 -16.07 -5.32
C16 HEA M . -5.21 -17.53 -4.99
C17 HEA M . -4.60 -18.31 -6.15
C18 HEA M . -5.54 -18.46 -7.31
C19 HEA M . -6.04 -19.63 -7.71
C20 HEA M . -6.98 -19.68 -8.90
C21 HEA M . -8.43 -19.67 -8.44
C22 HEA M . -8.91 -18.25 -8.22
C23 HEA M . -10.09 -17.82 -8.70
C24 HEA M . -10.97 -18.74 -9.46
C25 HEA M . -10.52 -16.41 -8.46
C26 HEA M . -6.56 -15.45 -5.73
C27 HEA M . -5.66 -20.90 -7.01
FE HEA N . 1.50 -9.80 12.61
CHA HEA N . -0.23 -6.86 13.26
CHB HEA N . 0.19 -11.42 15.35
CHC HEA N . 3.67 -12.49 12.11
CHD HEA N . 2.63 -8.39 9.63
NA HEA N . 0.42 -9.18 14.15
C1A HEA N . -0.56 -8.09 13.96
C2A HEA N . -1.86 -8.31 14.64
C3A HEA N . -1.73 -9.62 15.26
C4A HEA N . -0.38 -10.15 14.90
CMA HEA N . -2.81 -10.29 16.03
OMA HEA N . -2.85 -11.50 16.16
CAA HEA N . -3.04 -7.39 14.70
CBA HEA N . -2.93 -6.59 15.97
CGA HEA N . -3.87 -5.42 15.91
O1A HEA N . -4.77 -5.43 15.05
O2A HEA N . -3.72 -4.50 16.73
NB HEA N . 1.87 -11.64 13.57
C1B HEA N . 1.25 -12.14 14.66
C2B HEA N . 1.71 -13.46 15.12
C3B HEA N . 2.76 -13.80 14.16
C4B HEA N . 2.77 -12.61 13.26
CMB HEA N . 1.21 -14.24 16.31
NC HEA N . 2.90 -10.35 11.12
C1C HEA N . 3.68 -11.46 11.07
C2C HEA N . 4.58 -11.56 9.87
C3C HEA N . 4.23 -10.33 9.17
C4C HEA N . 3.21 -9.68 10.01
CMC HEA N . 5.55 -12.65 9.50
CAC HEA N . 4.73 -9.79 7.89
CBC HEA N . 6.00 -9.77 7.54
ND HEA N . 1.23 -7.94 11.62
C1D HEA N . 1.75 -7.54 10.45
C2D HEA N . 1.40 -6.18 10.00
C3D HEA N . 0.54 -5.69 11.08
C4D HEA N . 0.51 -6.85 12.00
CMD HEA N . 1.83 -5.48 8.74
CAD HEA N . -0.17 -4.36 11.20
CBD HEA N . 0.56 -3.33 12.04
CGD HEA N . -0.23 -2.05 12.01
O1D HEA N . -1.48 -2.14 12.04
O2D HEA N . 0.35 -0.96 11.96
C11 HEA N . 3.58 -15.04 14.16
O11 HEA N . 3.79 -15.55 12.84
C12 HEA N . 4.91 -14.81 14.88
C13 HEA N . 6.11 -14.68 13.95
C14 HEA N . 6.77 -16.01 13.74
C15 HEA N . 7.68 -16.20 12.78
C16 HEA N . 8.08 -15.06 11.87
C17 HEA N . 9.51 -14.62 12.13
C18 HEA N . 10.39 -15.08 10.99
C19 HEA N . 11.68 -15.38 11.15
C20 HEA N . 12.47 -15.84 9.94
C21 HEA N . 13.80 -15.12 9.84
C22 HEA N . 14.82 -16.14 9.40
C23 HEA N . 15.83 -15.83 8.57
C24 HEA N . 16.79 -16.90 8.19
C25 HEA N . 16.00 -14.44 8.04
C26 HEA N . 8.31 -17.55 12.59
C27 HEA N . 12.35 -15.28 12.49
CU CU O . -3.36 -4.35 -1.40
MG MG P . -9.15 1.56 7.10
C35 PC7 Q . -8.63 16.51 -7.91
C34 PC7 Q . -9.08 15.59 -6.78
C33 PC7 Q . -9.59 14.23 -7.22
C32 PC7 Q . -8.69 13.59 -8.28
C31 PC7 Q . -8.66 12.08 -8.26
O31 PC7 Q . -7.71 11.40 -7.99
O2 PC7 Q . -9.85 11.57 -8.57
C2 PC7 Q . -10.07 10.17 -8.43
C1 PC7 Q . -9.70 9.41 -9.70
O3P PC7 Q . -9.37 8.07 -9.44
P PC7 Q . -7.83 7.69 -9.03
O1P PC7 Q . -7.58 6.21 -9.11
O2P PC7 Q . -7.36 8.43 -7.83
O4P PC7 Q . -7.21 8.36 -10.39
C4 PC7 Q . -6.10 7.71 -10.95
C5 PC7 Q . -4.79 8.35 -10.55
N PC7 Q . -4.53 9.81 -10.81
C7 PC7 Q . -4.93 10.62 -9.62
C8 PC7 Q . -3.07 9.94 -11.01
C6 PC7 Q . -5.20 10.34 -12.03
C3 PC7 Q . -11.49 9.96 -7.96
O3 PC7 Q . -11.78 10.65 -6.75
C11 PC7 Q . -13.05 10.89 -6.44
O11 PC7 Q . -13.61 10.40 -5.50
C12 PC7 Q . -13.67 11.85 -7.40
C13 PC7 Q . -13.14 13.28 -7.36
C14 PC7 Q . -13.56 14.00 -6.09
C36 PGT R . 26.89 9.27 -0.56
C35 PGT R . 26.64 8.12 -1.53
C34 PGT R . 27.50 8.17 -2.77
C33 PGT R . 27.22 7.03 -3.72
C32 PGT R . 28.16 7.01 -4.91
C31 PGT R . 27.76 6.01 -5.95
O31 PGT R . 26.83 5.26 -5.85
O2 PGT R . 28.55 6.03 -7.01
C2 PGT R . 28.64 4.82 -7.76
C1 PGT R . 30.08 4.35 -7.88
O3P PGT R . 30.15 2.96 -8.01
P PGT R . 31.03 2.11 -6.94
O1P PGT R . 31.18 2.90 -5.68
O2P PGT R . 30.58 0.68 -6.88
O4P PGT R . 32.39 2.26 -7.83
C4 PGT R . 32.39 1.63 -9.08
C5 PGT R . 33.82 1.59 -9.60
O5 PGT R . 34.35 2.86 -9.88
C6 PGT R . 33.85 0.66 -10.81
O6 PGT R . 33.16 -0.51 -10.47
C3 PGT R . 27.93 5.02 -9.08
O3 PGT R . 26.55 4.69 -8.96
C11 PGT R . 25.85 4.57 -10.09
O11 PGT R . 25.98 3.64 -10.85
C12 PGT R . 24.93 5.73 -10.29
C13 PGT R . 23.91 5.90 -9.16
C14 PGT R . 24.23 7.10 -8.28
C15 PGT R . 23.59 7.02 -6.91
C16 PGT R . 23.73 8.30 -6.10
C17 PGT R . 23.06 8.22 -4.75
C18 PGT R . 22.61 9.57 -4.19
C19 PGT R . 21.65 9.44 -3.02
C20 PGT R . 21.09 10.77 -2.54
CU1 CUA S . -10.55 6.06 16.93
CU2 CUA S . -12.76 5.71 15.34
C1 PTY T . 11.89 27.41 -0.27
C2 PTY T . 9.32 34.37 0.29
C3 PTY T . 8.73 33.17 0.97
O4 PTY T . 11.73 26.02 -0.03
C5 PTY T . 11.13 29.59 0.54
C6 PTY T . 11.23 28.13 0.87
O7 PTY T . 12.05 27.91 2.02
C8 PTY T . 11.50 27.53 3.18
O10 PTY T . 11.29 28.29 4.08
C11 PTY T . 11.20 26.07 3.21
C12 PTY T . 12.33 25.22 3.79
C13 PTY T . 11.90 23.77 3.95
C14 PTY T . 13.06 22.84 4.24
C15 PTY T . 12.63 21.53 4.89
C16 PTY T . 13.55 20.37 4.56
C17 PTY T . 12.96 19.01 4.91
C18 PTY T . 13.55 17.90 4.06
C19 PTY T . 13.73 16.59 4.81
C20 PTY T . 13.35 15.36 3.99
C21 PTY T . 14.38 14.95 2.96
C22 PTY T . 14.50 13.44 2.85
C23 PTY T . 14.99 12.79 4.13
C30 PTY T . 12.52 25.22 -0.71
C31 PTY T . 12.60 23.85 -0.10
O30 PTY T . 13.10 25.58 -1.70
C32 PTY T . 13.66 23.01 -0.78
C33 PTY T . 13.85 21.67 -0.08
C34 PTY T . 12.57 20.86 -0.05
C35 PTY T . 12.58 19.79 1.02
P1 PTY T . 9.45 30.89 2.00
O11 PTY T . 9.74 32.18 1.06
O12 PTY T . 9.34 31.26 3.43
O13 PTY T . 8.42 30.00 1.37
O14 PTY T . 10.95 30.30 1.73
N1 PTY T . 8.33 35.39 0.00
O13 3PH U . 36.53 8.74 -15.32
P 3PH U . 35.63 7.52 -15.43
O14 3PH U . 35.05 7.27 -16.82
O12 3PH U . 36.16 6.26 -14.75
O11 3PH U . 34.31 7.99 -14.47
C1 3PH U . 34.08 7.31 -13.28
C2 3PH U . 32.75 7.72 -12.66
O21 3PH U . 32.94 8.40 -11.41
C21 3PH U . 33.33 9.67 -11.39
O22 3PH U . 34.48 10.00 -11.47
C22 3PH U . 32.19 10.61 -11.18
C23 3PH U . 32.10 11.06 -9.75
C24 3PH U . 30.98 12.06 -9.50
C25 3PH U . 31.49 13.49 -9.60
C26 3PH U . 30.98 14.40 -8.49
C27 3PH U . 29.46 14.37 -8.36
C28 3PH U . 28.94 15.64 -7.73
C29 3PH U . 27.44 15.59 -7.41
C2A 3PH U . 26.97 16.72 -6.50
C2B 3PH U . 27.89 16.98 -5.31
C3 3PH U . 31.77 6.60 -12.42
O31 3PH U . 31.06 6.82 -11.20
C31 3PH U . 29.80 7.19 -11.30
O32 3PH U . 29.04 6.74 -12.11
C32 3PH U . 29.43 8.23 -10.27
C33 3PH U . 28.08 8.83 -10.51
C34 3PH U . 27.64 9.82 -9.45
C35 3PH U . 26.21 10.26 -9.67
C36 3PH U . 25.78 11.49 -8.90
C37 3PH U . 24.31 11.83 -9.14
C38 3PH U . 23.63 12.56 -7.99
C39 3PH U . 24.13 13.98 -7.84
C1 PTY V . -20.75 -23.36 8.63
C2 PTY V . -23.92 -18.32 13.51
C3 PTY V . -22.86 -18.32 12.44
O4 PTY V . -20.01 -22.16 8.44
C5 PTY V . -22.50 -22.79 10.30
C6 PTY V . -22.20 -23.02 8.84
O7 PTY V . -22.96 -24.12 8.33
C8 PTY V . -22.95 -24.38 7.03
O10 PTY V . -23.07 -23.54 6.18
C11 PTY V . -22.78 -25.86 6.75
C12 PTY V . -22.34 -26.17 5.33
C13 PTY V . -20.90 -25.76 5.06
C14 PTY V . -20.24 -26.57 3.95
C15 PTY V . -18.81 -26.17 3.69
C16 PTY V . -18.14 -27.05 2.64
C30 PTY V . -18.70 -22.28 8.24
C31 PTY V . -18.11 -21.03 7.65
O30 PTY V . -18.09 -23.28 8.50
C32 PTY V . -16.60 -21.10 7.49
C33 PTY V . -16.08 -19.80 6.88
C34 PTY V . -14.56 -19.66 6.91
C35 PTY V . -14.09 -18.25 6.56
C36 PTY V . -12.59 -18.15 6.32
C37 PTY V . -12.18 -18.19 4.86
C38 PTY V . -10.86 -18.91 4.64
C39 PTY V . -10.59 -19.26 3.19
C40 PTY V . -11.51 -20.33 2.62
C41 PTY V . -11.53 -21.61 3.45
P1 PTY V . -23.38 -20.77 11.67
O11 PTY V . -22.36 -19.63 12.26
O12 PTY V . -23.75 -21.74 12.73
O13 PTY V . -24.45 -20.13 10.83
O14 PTY V . -22.26 -21.44 10.66
N1 PTY V . -24.12 -17.00 14.08
O13 3PH W . 23.00 -31.86 22.96
P 3PH W . 23.44 -32.17 21.53
O14 3PH W . 24.89 -31.81 21.20
O12 3PH W . 23.00 -33.53 21.01
O11 3PH W . 22.51 -31.03 20.66
C1 3PH W . 23.13 -29.86 20.29
C2 3PH W . 23.04 -28.77 21.35
O21 3PH W . 23.78 -29.10 22.53
C21 3PH W . 25.07 -28.79 22.62
O22 3PH W . 25.92 -29.15 21.84
C22 3PH W . 25.36 -27.96 23.85
C23 3PH W . 26.84 -27.63 23.98
C24 3PH W . 27.16 -26.85 25.24
C25 3PH W . 26.69 -25.40 25.15
C26 3PH W . 27.02 -24.59 26.40
C27 3PH W . 28.02 -23.46 26.15
C28 3PH W . 27.43 -22.27 25.42
C29 3PH W . 26.09 -21.82 25.99
C2A 3PH W . 25.44 -20.70 25.19
C2B 3PH W . 24.08 -20.28 25.75
C2C 3PH W . 24.00 -18.79 26.05
C2D 3PH W . 25.04 -18.35 27.07
C2E 3PH W . 24.74 -16.99 27.70
C2F 3PH W . 24.83 -15.85 26.70
C2G 3PH W . 24.04 -14.61 27.11
C2H 3PH W . 24.38 -13.38 26.28
C2I 3PH W . 25.82 -12.94 26.47
C3 3PH W . 21.63 -28.43 21.79
O31 3PH W . 21.65 -27.31 22.67
C31 3PH W . 21.49 -26.11 22.15
O32 3PH W . 21.44 -25.90 20.96
C32 3PH W . 21.38 -25.05 23.20
C33 3PH W . 20.68 -23.81 22.64
C34 3PH W . 21.03 -22.52 23.36
C35 3PH W . 20.92 -21.35 22.41
C36 3PH W . 19.62 -21.30 21.62
C37 3PH W . 18.50 -20.68 22.43
C38 3PH W . 18.77 -19.25 22.87
C39 3PH W . 18.00 -18.87 24.12
C3A 3PH W . 18.38 -17.49 24.67
C3B 3PH W . 17.38 -16.97 25.69
C3C 3PH W . 17.51 -15.48 25.96
#